data_3O3Z
# 
_entry.id   3O3Z 
# 
_audit_conform.dict_name       mmcif_pdbx.dic 
_audit_conform.dict_version    5.381 
_audit_conform.dict_location   http://mmcif.pdb.org/dictionaries/ascii/mmcif_pdbx.dic 
# 
loop_
_database_2.database_id 
_database_2.database_code 
_database_2.pdbx_database_accession 
_database_2.pdbx_DOI 
PDB   3O3Z         pdb_00003o3z 10.2210/pdb3o3z/pdb 
RCSB  RCSB060635   ?            ?                   
WWPDB D_1000060635 ?            ?                   
# 
loop_
_pdbx_database_related.db_name 
_pdbx_database_related.db_id 
_pdbx_database_related.details 
_pdbx_database_related.content_type 
PDB 3O3X . unspecified 
PDB 3O3Y . unspecified 
PDB 3O40 . unspecified 
PDB 3O42 . unspecified 
PDB 3O43 . unspecified 
# 
_pdbx_database_status.status_code                     REL 
_pdbx_database_status.entry_id                        3O3Z 
_pdbx_database_status.recvd_initial_deposition_date   2010-07-26 
_pdbx_database_status.deposit_site                    RCSB 
_pdbx_database_status.process_site                    RCSB 
_pdbx_database_status.status_code_sf                  REL 
_pdbx_database_status.status_code_mr                  ? 
_pdbx_database_status.SG_entry                        ? 
_pdbx_database_status.status_code_cs                  ? 
_pdbx_database_status.pdb_format_compatible           Y 
_pdbx_database_status.status_code_nmr_data            ? 
_pdbx_database_status.methods_development_category    ? 
# 
loop_
_audit_author.name 
_audit_author.pdbx_ordinal 
'Horne, W.S.'   1 
'Johnson, L.M.' 2 
'Gellman, S.H.' 3 
# 
_citation.id                        primary 
_citation.title                     'Broad Distribution of Energetically Important Contacts across an Extended Protein Interface.' 
_citation.journal_abbrev            J.Am.Chem.Soc. 
_citation.journal_volume            133 
_citation.page_first                10038 
_citation.page_last                 10041 
_citation.year                      2011 
_citation.journal_id_ASTM           JACSAT 
_citation.country                   US 
_citation.journal_id_ISSN           0002-7863 
_citation.journal_id_CSD            0004 
_citation.book_publisher            ? 
_citation.pdbx_database_id_PubMed   21644542 
_citation.pdbx_database_id_DOI      10.1021/ja203358t 
# 
loop_
_citation_author.citation_id 
_citation_author.name 
_citation_author.ordinal 
_citation_author.identifier_ORCID 
primary 'Johnson, L.M.' 1 ? 
primary 'Horne, W.S.'   2 ? 
primary 'Gellman, S.H.' 3 ? 
# 
_cell.entry_id           3O3Z 
_cell.length_a           85.804 
_cell.length_b           85.804 
_cell.length_c           85.804 
_cell.angle_alpha        90.00 
_cell.angle_beta         90.00 
_cell.angle_gamma        90.00 
_cell.Z_PDB              24 
_cell.pdbx_unique_axis   ? 
_cell.length_a_esd       ? 
_cell.length_b_esd       ? 
_cell.length_c_esd       ? 
_cell.angle_alpha_esd    ? 
_cell.angle_beta_esd     ? 
_cell.angle_gamma_esd    ? 
# 
_symmetry.entry_id                         3O3Z 
_symmetry.space_group_name_H-M             'P 41 3 2' 
_symmetry.pdbx_full_space_group_name_H-M   ? 
_symmetry.cell_setting                     ? 
_symmetry.Int_Tables_number                213 
_symmetry.space_group_name_Hall            ? 
# 
loop_
_entity.id 
_entity.type 
_entity.src_method 
_entity.pdbx_description 
_entity.formula_weight 
_entity.pdbx_number_of_molecules 
_entity.pdbx_ec 
_entity.pdbx_mutation 
_entity.pdbx_fragment 
_entity.details 
1 polymer     syn 'Envelope glycoprotein gp160'                                   4150.851 1  ? ? 'UNP residues 554 to 589' ? 
2 polymer     syn 'chimeric alpha/beta peptide based on gp41 CHR domain sequence' 4503.033 1  ? ? ?                         ? 
3 non-polymer syn GLYCEROL                                                        92.094   2  ? ? ?                         ? 
4 water       nat water                                                           18.015   17 ? ? ?                         ? 
# 
loop_
_entity_poly.entity_id 
_entity_poly.type 
_entity_poly.nstd_linkage 
_entity_poly.nstd_monomer 
_entity_poly.pdbx_seq_one_letter_code 
_entity_poly.pdbx_seq_one_letter_code_can 
_entity_poly.pdbx_strand_id 
_entity_poly.pdbx_target_identifier 
1 'polypeptide(L)' no yes '(ACE)SGIVQQQNNLLRAIEAQQHLLQLTVWGIKQLQARIL(NH2)'                               
XSGIVQQQNNLLRAIEAQQHLLQLTVWGIKQLQARILX   A ? 
2 'polypeptide(L)' no yes '(ACE)(B3T)TWE(XCP)WD(XPC)AIA(B3E)YA(XCP)RIE(XCP)LI(XPC)AAQEQQEKNEAALREL(NH2)' 
XXTWEXWDXAIAEYAXRIEXLIXAAQEQQEKNEAALRELX B ? 
# 
loop_
_entity_poly_seq.entity_id 
_entity_poly_seq.num 
_entity_poly_seq.mon_id 
_entity_poly_seq.hetero 
1 1  ACE n 
1 2  SER n 
1 3  GLY n 
1 4  ILE n 
1 5  VAL n 
1 6  GLN n 
1 7  GLN n 
1 8  GLN n 
1 9  ASN n 
1 10 ASN n 
1 11 LEU n 
1 12 LEU n 
1 13 ARG n 
1 14 ALA n 
1 15 ILE n 
1 16 GLU n 
1 17 ALA n 
1 18 GLN n 
1 19 GLN n 
1 20 HIS n 
1 21 LEU n 
1 22 LEU n 
1 23 GLN n 
1 24 LEU n 
1 25 THR n 
1 26 VAL n 
1 27 TRP n 
1 28 GLY n 
1 29 ILE n 
1 30 LYS n 
1 31 GLN n 
1 32 LEU n 
1 33 GLN n 
1 34 ALA n 
1 35 ARG n 
1 36 ILE n 
1 37 LEU n 
1 38 NH2 n 
2 1  ACE n 
2 2  B3T n 
2 3  THR n 
2 4  TRP n 
2 5  GLU n 
2 6  XCP n 
2 7  TRP n 
2 8  ASP n 
2 9  XPC n 
2 10 ALA n 
2 11 ILE n 
2 12 ALA n 
2 13 B3E n 
2 14 TYR n 
2 15 ALA n 
2 16 XCP n 
2 17 ARG n 
2 18 ILE n 
2 19 GLU n 
2 20 XCP n 
2 21 LEU n 
2 22 ILE n 
2 23 XPC n 
2 24 ALA n 
2 25 ALA n 
2 26 GLN n 
2 27 GLU n 
2 28 GLN n 
2 29 GLN n 
2 30 GLU n 
2 31 LYS n 
2 32 ASN n 
2 33 GLU n 
2 34 ALA n 
2 35 ALA n 
2 36 LEU n 
2 37 ARG n 
2 38 GLU n 
2 39 LEU n 
2 40 NH2 n 
# 
loop_
_pdbx_entity_src_syn.entity_id 
_pdbx_entity_src_syn.pdbx_src_id 
_pdbx_entity_src_syn.pdbx_alt_source_flag 
_pdbx_entity_src_syn.pdbx_beg_seq_num 
_pdbx_entity_src_syn.pdbx_end_seq_num 
_pdbx_entity_src_syn.organism_scientific 
_pdbx_entity_src_syn.organism_common_name 
_pdbx_entity_src_syn.ncbi_taxonomy_id 
_pdbx_entity_src_syn.details 
1 1 sample ? ? ? ? 32630 'synthetic peptide' 
2 1 sample ? ? ? ? 32630 'synthetic peptide' 
# 
loop_
_struct_ref.id 
_struct_ref.db_name 
_struct_ref.db_code 
_struct_ref.pdbx_db_accession 
_struct_ref.entity_id 
_struct_ref.pdbx_align_begin 
_struct_ref.pdbx_seq_one_letter_code 
_struct_ref.pdbx_db_isoform 
1 UNP Q9YP39_9HIV1 Q9YP39 1 554 SGIVQQQNNLLRAIEAQQHLLQLTVWGIKQLQARIL     ? 
2 PDB 3O3Z         3O3Z   2 1   XXTWEXWDXAIAEYAXRIEXLIXAAQEQQEKNEAALRELX ? 
# 
loop_
_struct_ref_seq.align_id 
_struct_ref_seq.ref_id 
_struct_ref_seq.pdbx_PDB_id_code 
_struct_ref_seq.pdbx_strand_id 
_struct_ref_seq.seq_align_beg 
_struct_ref_seq.pdbx_seq_align_beg_ins_code 
_struct_ref_seq.seq_align_end 
_struct_ref_seq.pdbx_seq_align_end_ins_code 
_struct_ref_seq.pdbx_db_accession 
_struct_ref_seq.db_align_beg 
_struct_ref_seq.pdbx_db_align_beg_ins_code 
_struct_ref_seq.db_align_end 
_struct_ref_seq.pdbx_db_align_end_ins_code 
_struct_ref_seq.pdbx_auth_seq_align_beg 
_struct_ref_seq.pdbx_auth_seq_align_end 
1 1 3O3Z A 2 ? 37 ? Q9YP39 554 ? 589 ? 1 36 
2 2 3O3Z B 1 ? 40 ? 3O3Z   0   ? 39  ? 0 39 
# 
loop_
_struct_ref_seq_dif.align_id 
_struct_ref_seq_dif.pdbx_pdb_id_code 
_struct_ref_seq_dif.mon_id 
_struct_ref_seq_dif.pdbx_pdb_strand_id 
_struct_ref_seq_dif.seq_num 
_struct_ref_seq_dif.pdbx_pdb_ins_code 
_struct_ref_seq_dif.pdbx_seq_db_name 
_struct_ref_seq_dif.pdbx_seq_db_accession_code 
_struct_ref_seq_dif.db_mon_id 
_struct_ref_seq_dif.pdbx_seq_db_seq_num 
_struct_ref_seq_dif.details 
_struct_ref_seq_dif.pdbx_auth_seq_num 
_struct_ref_seq_dif.pdbx_ordinal 
1 3O3Z ACE A 1  ? UNP Q9YP39 ? ? acetylation 0  1 
1 3O3Z NH2 A 38 ? UNP Q9YP39 ? ? amidation   37 2 
# 
loop_
_chem_comp.id 
_chem_comp.type 
_chem_comp.mon_nstd_flag 
_chem_comp.name 
_chem_comp.pdbx_synonyms 
_chem_comp.formula 
_chem_comp.formula_weight 
ACE non-polymer         . 'ACETYL GROUP'                                 ?                                              'C2 H4 O' 
44.053  
ALA 'L-peptide linking' y ALANINE                                        ?                                              
'C3 H7 N O2'     89.093  
ARG 'L-peptide linking' y ARGININE                                       ?                                              
'C6 H15 N4 O2 1' 175.209 
ASN 'L-peptide linking' y ASPARAGINE                                     ?                                              
'C4 H8 N2 O3'    132.118 
ASP 'L-peptide linking' y 'ASPARTIC ACID'                                ?                                              
'C4 H7 N O4'     133.103 
B3E 'L-peptide linking' n '(3S)-3-AMINOHEXANEDIOIC ACID'                 ?                                              
'C6 H11 N O4'    161.156 
B3T 'L-peptide linking' . '3-amino-2,3,5-trideoxy-D-threo-pentonic acid' ?                                              
'C5 H11 N O3'    133.146 
GLN 'L-peptide linking' y GLUTAMINE                                      ?                                              
'C5 H10 N2 O3'   146.144 
GLU 'L-peptide linking' y 'GLUTAMIC ACID'                                ?                                              
'C5 H9 N O4'     147.129 
GLY 'peptide linking'   y GLYCINE                                        ?                                              
'C2 H5 N O2'     75.067  
GOL non-polymer         . GLYCEROL                                       'GLYCERIN; PROPANE-1,2,3-TRIOL'                'C3 H8 O3' 
92.094  
HIS 'L-peptide linking' y HISTIDINE                                      ?                                              
'C6 H10 N3 O2 1' 156.162 
HOH non-polymer         . WATER                                          ?                                              'H2 O' 
18.015  
ILE 'L-peptide linking' y ISOLEUCINE                                     ?                                              
'C6 H13 N O2'    131.173 
LEU 'L-peptide linking' y LEUCINE                                        ?                                              
'C6 H13 N O2'    131.173 
LYS 'L-peptide linking' y LYSINE                                         ?                                              
'C6 H15 N2 O2 1' 147.195 
NH2 non-polymer         . 'AMINO GROUP'                                  ?                                              'H2 N' 
16.023  
SER 'L-peptide linking' y SERINE                                         ?                                              
'C3 H7 N O3'     105.093 
THR 'L-peptide linking' y THREONINE                                      ?                                              
'C4 H9 N O3'     119.119 
TRP 'L-peptide linking' y TRYPTOPHAN                                     ?                                              
'C11 H12 N2 O2'  204.225 
TYR 'L-peptide linking' y TYROSINE                                       ?                                              
'C9 H11 N O3'    181.189 
VAL 'L-peptide linking' y VALINE                                         ?                                              
'C5 H11 N O2'    117.146 
XCP peptide-like        . '(1S,2S)-2-aminocyclopentanecarboxylic acid'   ?                                              
'C6 H11 N O2'    129.157 
XPC peptide-like        . '(3S,4R)-4-aminopyrrolidine-3-carboxylic acid' '(3R,4S)-3-Aminopyrrolidine-4-carboxylic acid' 
'C5 H10 N2 O2'   130.145 
# 
_exptl.entry_id          3O3Z 
_exptl.method            'X-RAY DIFFRACTION' 
_exptl.crystals_number   1 
# 
_exptl_crystal.id                    1 
_exptl_crystal.density_meas          ? 
_exptl_crystal.density_Matthews      3.04 
_exptl_crystal.density_percent_sol   59.56 
_exptl_crystal.description           ? 
_exptl_crystal.F_000                 ? 
_exptl_crystal.preparation           ? 
# 
_exptl_crystal_grow.crystal_id      1 
_exptl_crystal_grow.method          'VAPOR DIFFUSION, HANGING DROP' 
_exptl_crystal_grow.temp            298 
_exptl_crystal_grow.temp_details    ? 
_exptl_crystal_grow.pH              8.5 
_exptl_crystal_grow.pdbx_details    
'0.17 M NaOAc, 0.085 M Tris pH 8.5, 25% w/v PEG 4000, 15% v/v glycerol, VAPOR DIFFUSION, HANGING DROP, temperature 298K' 
_exptl_crystal_grow.pdbx_pH_range   ? 
# 
_diffrn.id                     1 
_diffrn.ambient_temp           100 
_diffrn.ambient_temp_details   ? 
_diffrn.crystal_id             1 
# 
_diffrn_detector.diffrn_id              1 
_diffrn_detector.detector               CCD 
_diffrn_detector.type                   'MARMOSAIC 225 mm CCD' 
_diffrn_detector.pdbx_collection_date   2008-02-05 
_diffrn_detector.details                ? 
# 
_diffrn_radiation.diffrn_id                        1 
_diffrn_radiation.wavelength_id                    1 
_diffrn_radiation.pdbx_monochromatic_or_laue_m_l   M 
_diffrn_radiation.monochromator                    'C(111)' 
_diffrn_radiation.pdbx_diffrn_protocol             'SINGLE WAVELENGTH' 
_diffrn_radiation.pdbx_scattering_type             x-ray 
# 
_diffrn_radiation_wavelength.id           1 
_diffrn_radiation_wavelength.wavelength   0.97872 
_diffrn_radiation_wavelength.wt           1.0 
# 
_diffrn_source.diffrn_id                   1 
_diffrn_source.source                      SYNCHROTRON 
_diffrn_source.type                        'APS BEAMLINE 21-ID-F' 
_diffrn_source.pdbx_synchrotron_site       APS 
_diffrn_source.pdbx_synchrotron_beamline   21-ID-F 
_diffrn_source.pdbx_wavelength             ? 
_diffrn_source.pdbx_wavelength_list        0.97872 
# 
_reflns.entry_id                     3O3Z 
_reflns.observed_criterion_sigma_I   ? 
_reflns.observed_criterion_sigma_F   ? 
_reflns.d_resolution_low             50 
_reflns.d_resolution_high            2.6 
_reflns.number_obs                   3662 
_reflns.number_all                   ? 
_reflns.percent_possible_obs         99.8 
_reflns.pdbx_Rsym_value              0.077 
_reflns.pdbx_netI_over_sigmaI        74.9 
_reflns.B_iso_Wilson_estimate        ? 
_reflns.pdbx_redundancy              39.0 
_reflns.R_free_details               ? 
_reflns.limit_h_max                  ? 
_reflns.limit_h_min                  ? 
_reflns.limit_k_max                  ? 
_reflns.limit_k_min                  ? 
_reflns.limit_l_max                  ? 
_reflns.limit_l_min                  ? 
_reflns.observed_criterion_F_max     ? 
_reflns.observed_criterion_F_min     ? 
_reflns.pdbx_chi_squared             ? 
_reflns.pdbx_scaling_rejects         ? 
_reflns.pdbx_Rmerge_I_obs            ? 
_reflns.pdbx_ordinal                 1 
_reflns.pdbx_diffrn_id               1 
# 
_refine.entry_id                                 3O3Z 
_refine.ls_number_reflns_obs                     3469 
_refine.ls_number_reflns_all                     ? 
_refine.pdbx_ls_sigma_I                          ? 
_refine.pdbx_ls_sigma_F                          . 
_refine.pdbx_data_cutoff_high_absF               ? 
_refine.pdbx_data_cutoff_low_absF                ? 
_refine.pdbx_data_cutoff_high_rms_absF           ? 
_refine.ls_d_res_low                             25.00 
_refine.ls_d_res_high                            2.60 
_refine.ls_percent_reflns_obs                    100.00 
_refine.ls_R_factor_obs                          0.24395 
_refine.ls_R_factor_R_work                       0.24120 
_refine.ls_R_factor_R_free                       0.30242 
_refine.ls_R_factor_R_free_error                 ? 
_refine.ls_R_factor_R_free_error_details         ? 
_refine.ls_percent_reflns_R_free                 4.3 
_refine.ls_number_reflns_R_free                  157 
_refine.ls_number_parameters                     ? 
_refine.ls_number_restraints                     ? 
_refine.occupancy_min                            ? 
_refine.occupancy_max                            ? 
_refine.correlation_coeff_Fo_to_Fc               0.934 
_refine.correlation_coeff_Fo_to_Fc_free          0.862 
_refine.B_iso_mean                               43.432 
_refine.aniso_B[1][1]                            ? 
_refine.aniso_B[2][2]                            ? 
_refine.aniso_B[3][3]                            ? 
_refine.aniso_B[1][2]                            ? 
_refine.aniso_B[1][3]                            ? 
_refine.aniso_B[2][3]                            ? 
_refine.solvent_model_details                    MASK 
_refine.solvent_model_param_ksol                 ? 
_refine.solvent_model_param_bsol                 ? 
_refine.pdbx_solvent_vdw_probe_radii             1.40 
_refine.pdbx_solvent_ion_probe_radii             0.80 
_refine.pdbx_solvent_shrinkage_radii             0.80 
_refine.pdbx_ls_cross_valid_method               THROUGHOUT 
_refine.details                                  'HYDROGENS HAVE BEEN ADDED IN THE RIDING POSITIONS' 
_refine.pdbx_starting_model                      'PDB entry 3F50' 
_refine.pdbx_method_to_determine_struct          'MOLECULAR REPLACEMENT' 
_refine.pdbx_isotropic_thermal_model             ? 
_refine.pdbx_stereochemistry_target_values       'MAXIMUM LIKELIHOOD' 
_refine.pdbx_stereochem_target_val_spec_case     ? 
_refine.pdbx_R_Free_selection_details            RANDOM 
_refine.pdbx_overall_ESU_R_Free                  0.320 
_refine.overall_SU_ML                            0.226 
_refine.overall_SU_B                             10.795 
_refine.overall_SU_R_Cruickshank_DPI             ? 
_refine.ls_redundancy_reflns_obs                 ? 
_refine.B_iso_min                                ? 
_refine.B_iso_max                                ? 
_refine.overall_SU_R_free                        ? 
_refine.ls_wR_factor_R_free                      ? 
_refine.ls_wR_factor_R_work                      ? 
_refine.overall_FOM_free_R_set                   ? 
_refine.overall_FOM_work_R_set                   ? 
_refine.pdbx_overall_phase_error                 ? 
_refine.pdbx_refine_id                           'X-RAY DIFFRACTION' 
_refine.ls_R_factor_all                          ? 
_refine.pdbx_diffrn_id                           1 
_refine.pdbx_overall_ESU_R                       ? 
_refine.pdbx_TLS_residual_ADP_flag               ? 
_refine.pdbx_overall_SU_R_free_Cruickshank_DPI   ? 
_refine.pdbx_overall_SU_R_Blow_DPI               ? 
_refine.pdbx_overall_SU_R_free_Blow_DPI          ? 
# 
_refine_hist.pdbx_refine_id                   'X-RAY DIFFRACTION' 
_refine_hist.cycle_id                         LAST 
_refine_hist.pdbx_number_atoms_protein        527 
_refine_hist.pdbx_number_atoms_nucleic_acid   0 
_refine_hist.pdbx_number_atoms_ligand         12 
_refine_hist.number_atoms_solvent             17 
_refine_hist.number_atoms_total               556 
_refine_hist.d_res_high                       2.60 
_refine_hist.d_res_low                        25.00 
# 
loop_
_refine_ls_restr.type 
_refine_ls_restr.dev_ideal 
_refine_ls_restr.dev_ideal_target 
_refine_ls_restr.weight 
_refine_ls_restr.number 
_refine_ls_restr.pdbx_refine_id 
_refine_ls_restr.pdbx_restraint_function 
r_bond_refined_d             0.015  0.021  ? 544 'X-RAY DIFFRACTION' ? 
r_bond_other_d               0.001  0.020  ? 365 'X-RAY DIFFRACTION' ? 
r_angle_refined_deg          1.552  2.041  ? 736 'X-RAY DIFFRACTION' ? 
r_angle_other_deg            1.007  3.000  ? 900 'X-RAY DIFFRACTION' ? 
r_dihedral_angle_1_deg       4.838  5.000  ? 54  'X-RAY DIFFRACTION' ? 
r_dihedral_angle_2_deg       36.276 26.538 ? 26  'X-RAY DIFFRACTION' ? 
r_dihedral_angle_3_deg       20.630 15.000 ? 82  'X-RAY DIFFRACTION' ? 
r_dihedral_angle_4_deg       23.351 15.000 ? 3   'X-RAY DIFFRACTION' ? 
r_chiral_restr               0.076  0.200  ? 88  'X-RAY DIFFRACTION' ? 
r_gen_planes_refined         0.004  0.018  ? 561 'X-RAY DIFFRACTION' ? 
r_gen_planes_other           0.001  0.018  ? 89  'X-RAY DIFFRACTION' ? 
r_nbd_refined                ?      ?      ? ?   'X-RAY DIFFRACTION' ? 
r_nbd_other                  ?      ?      ? ?   'X-RAY DIFFRACTION' ? 
r_nbtor_refined              ?      ?      ? ?   'X-RAY DIFFRACTION' ? 
r_nbtor_other                ?      ?      ? ?   'X-RAY DIFFRACTION' ? 
r_xyhbond_nbd_refined        ?      ?      ? ?   'X-RAY DIFFRACTION' ? 
r_xyhbond_nbd_other          ?      ?      ? ?   'X-RAY DIFFRACTION' ? 
r_metal_ion_refined          ?      ?      ? ?   'X-RAY DIFFRACTION' ? 
r_metal_ion_other            ?      ?      ? ?   'X-RAY DIFFRACTION' ? 
r_symmetry_vdw_refined       ?      ?      ? ?   'X-RAY DIFFRACTION' ? 
r_symmetry_vdw_other         ?      ?      ? ?   'X-RAY DIFFRACTION' ? 
r_symmetry_hbond_refined     ?      ?      ? ?   'X-RAY DIFFRACTION' ? 
r_symmetry_hbond_other       ?      ?      ? ?   'X-RAY DIFFRACTION' ? 
r_symmetry_metal_ion_refined ?      ?      ? ?   'X-RAY DIFFRACTION' ? 
r_symmetry_metal_ion_other   ?      ?      ? ?   'X-RAY DIFFRACTION' ? 
r_mcbond_it                  1.580  1.500  ? 344 'X-RAY DIFFRACTION' ? 
r_mcbond_other               0.339  1.500  ? 139 'X-RAY DIFFRACTION' ? 
r_mcangle_it                 2.945  2.000  ? 540 'X-RAY DIFFRACTION' ? 
r_scbond_it                  4.697  3.000  ? 200 'X-RAY DIFFRACTION' ? 
r_scangle_it                 8.390  4.500  ? 196 'X-RAY DIFFRACTION' ? 
r_rigid_bond_restr           ?      ?      ? ?   'X-RAY DIFFRACTION' ? 
r_sphericity_free            ?      ?      ? ?   'X-RAY DIFFRACTION' ? 
r_sphericity_bonded          ?      ?      ? ?   'X-RAY DIFFRACTION' ? 
# 
_refine_ls_shell.pdbx_total_number_of_bins_used   20 
_refine_ls_shell.d_res_high                       2.60 
_refine_ls_shell.d_res_low                        2.672 
_refine_ls_shell.number_reflns_R_work             244 
_refine_ls_shell.R_factor_R_work                  0.267 
_refine_ls_shell.percent_reflns_obs               100.00 
_refine_ls_shell.R_factor_R_free                  0.310 
_refine_ls_shell.R_factor_R_free_error            ? 
_refine_ls_shell.percent_reflns_R_free            ? 
_refine_ls_shell.number_reflns_R_free             11 
_refine_ls_shell.number_reflns_all                ? 
_refine_ls_shell.R_factor_all                     ? 
_refine_ls_shell.number_reflns_obs                ? 
_refine_ls_shell.redundancy_reflns_obs            ? 
_refine_ls_shell.pdbx_refine_id                   'X-RAY DIFFRACTION' 
# 
_struct.entry_id                  3O3Z 
_struct.title                     
'Complex of a chimeric alpha/beta-peptide based on the gp41 CHR domain bound to a gp41 NHR domain peptide' 
_struct.pdbx_model_details        ? 
_struct.pdbx_CASP_flag            ? 
_struct.pdbx_model_type_details   ? 
# 
_struct_keywords.entry_id        3O3Z 
_struct_keywords.pdbx_keywords   'VIRAL PROTEIN' 
_struct_keywords.text            'HIV fusion inhibitor, mixed alpha-peptide/beta-peptide backbone, VIRAL PROTEIN' 
# 
loop_
_struct_asym.id 
_struct_asym.pdbx_blank_PDB_chainid_flag 
_struct_asym.pdbx_modified 
_struct_asym.entity_id 
_struct_asym.details 
A N N 1 ? 
B N N 2 ? 
C N N 3 ? 
D N N 3 ? 
E N N 4 ? 
F N N 4 ? 
# 
_struct_biol.id        1 
_struct_biol.details   ? 
# 
loop_
_struct_conf.conf_type_id 
_struct_conf.id 
_struct_conf.pdbx_PDB_helix_id 
_struct_conf.beg_label_comp_id 
_struct_conf.beg_label_asym_id 
_struct_conf.beg_label_seq_id 
_struct_conf.pdbx_beg_PDB_ins_code 
_struct_conf.end_label_comp_id 
_struct_conf.end_label_asym_id 
_struct_conf.end_label_seq_id 
_struct_conf.pdbx_end_PDB_ins_code 
_struct_conf.beg_auth_comp_id 
_struct_conf.beg_auth_asym_id 
_struct_conf.beg_auth_seq_id 
_struct_conf.end_auth_comp_id 
_struct_conf.end_auth_asym_id 
_struct_conf.end_auth_seq_id 
_struct_conf.pdbx_PDB_helix_class 
_struct_conf.details 
_struct_conf.pdbx_PDB_helix_length 
HELX_P HELX_P1 1 SER A 2 ? LEU A 32 ? SER A 1 LEU A 31 1 ? 31 
HELX_P HELX_P2 2 XCP B 6 ? LEU B 39 ? XCP B 5 LEU B 38 1 ? 34 
# 
_struct_conf_type.id          HELX_P 
_struct_conf_type.criteria    ? 
_struct_conf_type.reference   ? 
# 
loop_
_struct_conn.id 
_struct_conn.conn_type_id 
_struct_conn.pdbx_leaving_atom_flag 
_struct_conn.pdbx_PDB_id 
_struct_conn.ptnr1_label_asym_id 
_struct_conn.ptnr1_label_comp_id 
_struct_conn.ptnr1_label_seq_id 
_struct_conn.ptnr1_label_atom_id 
_struct_conn.pdbx_ptnr1_label_alt_id 
_struct_conn.pdbx_ptnr1_PDB_ins_code 
_struct_conn.pdbx_ptnr1_standard_comp_id 
_struct_conn.ptnr1_symmetry 
_struct_conn.ptnr2_label_asym_id 
_struct_conn.ptnr2_label_comp_id 
_struct_conn.ptnr2_label_seq_id 
_struct_conn.ptnr2_label_atom_id 
_struct_conn.pdbx_ptnr2_label_alt_id 
_struct_conn.pdbx_ptnr2_PDB_ins_code 
_struct_conn.ptnr1_auth_asym_id 
_struct_conn.ptnr1_auth_comp_id 
_struct_conn.ptnr1_auth_seq_id 
_struct_conn.ptnr2_auth_asym_id 
_struct_conn.ptnr2_auth_comp_id 
_struct_conn.ptnr2_auth_seq_id 
_struct_conn.ptnr2_symmetry 
_struct_conn.pdbx_ptnr3_label_atom_id 
_struct_conn.pdbx_ptnr3_label_seq_id 
_struct_conn.pdbx_ptnr3_label_comp_id 
_struct_conn.pdbx_ptnr3_label_asym_id 
_struct_conn.pdbx_ptnr3_label_alt_id 
_struct_conn.pdbx_ptnr3_PDB_ins_code 
_struct_conn.details 
_struct_conn.pdbx_dist_value 
_struct_conn.pdbx_value_order 
_struct_conn.pdbx_role 
covale1  covale both ? A ACE 1  C ? ? ? 1_555 A SER 2  N ? ? A ACE 0  A SER 1  1_555 ? ? ? ? ? ? ? 1.330 ? ? 
covale2  covale both ? B GLU 5  C ? ? ? 1_555 B XCP 6  N ? ? B GLU 4  B XCP 5  1_555 ? ? ? ? ? ? ? 1.326 ? ? 
covale3  covale both ? B XCP 6  C ? ? ? 1_555 B TRP 7  N ? ? B XCP 5  B TRP 6  1_555 ? ? ? ? ? ? ? 1.330 ? ? 
covale4  covale both ? B ASP 8  C ? ? ? 1_555 B XPC 9  N ? ? B ASP 7  B XPC 8  1_555 ? ? ? ? ? ? ? 1.326 ? ? 
covale5  covale both ? B XPC 9  C ? ? ? 1_555 B ALA 10 N ? ? B XPC 8  B ALA 9  1_555 ? ? ? ? ? ? ? 1.323 ? ? 
covale6  covale both ? B ALA 12 C ? ? ? 1_555 B B3E 13 N ? ? B ALA 11 B B3E 12 1_555 ? ? ? ? ? ? ? 1.317 ? ? 
covale7  covale both ? B B3E 13 C ? ? ? 1_555 B TYR 14 N ? ? B B3E 12 B TYR 13 1_555 ? ? ? ? ? ? ? 1.337 ? ? 
covale8  covale both ? B ALA 15 C ? ? ? 1_555 B XCP 16 N ? ? B ALA 14 B XCP 15 1_555 ? ? ? ? ? ? ? 1.310 ? ? 
covale9  covale both ? B XCP 16 C ? ? ? 1_555 B ARG 17 N ? ? B XCP 15 B ARG 16 1_555 ? ? ? ? ? ? ? 1.312 ? ? 
covale10 covale both ? B GLU 19 C ? ? ? 1_555 B XCP 20 N ? ? B GLU 18 B XCP 19 1_555 ? ? ? ? ? ? ? 1.313 ? ? 
covale11 covale both ? B XCP 20 C ? ? ? 1_555 B LEU 21 N ? ? B XCP 19 B LEU 20 1_555 ? ? ? ? ? ? ? 1.323 ? ? 
covale12 covale both ? B ILE 22 C ? ? ? 1_555 B XPC 23 N ? ? B ILE 21 B XPC 22 1_555 ? ? ? ? ? ? ? 1.309 ? ? 
covale13 covale both ? B XPC 23 C ? ? ? 1_555 B ALA 24 N ? ? B XPC 22 B ALA 23 1_555 ? ? ? ? ? ? ? 1.321 ? ? 
# 
_struct_conn_type.id          covale 
_struct_conn_type.criteria    ? 
_struct_conn_type.reference   ? 
# 
loop_
_struct_site.id 
_struct_site.pdbx_evidence_code 
_struct_site.pdbx_auth_asym_id 
_struct_site.pdbx_auth_comp_id 
_struct_site.pdbx_auth_seq_id 
_struct_site.pdbx_auth_ins_code 
_struct_site.pdbx_num_residues 
_struct_site.details 
AC1 Software A GOL 38 ? 1 'BINDING SITE FOR RESIDUE GOL A 38' 
AC2 Software B GOL 40 ? 5 'BINDING SITE FOR RESIDUE GOL B 40' 
# 
loop_
_struct_site_gen.id 
_struct_site_gen.site_id 
_struct_site_gen.pdbx_num_res 
_struct_site_gen.label_comp_id 
_struct_site_gen.label_asym_id 
_struct_site_gen.label_seq_id 
_struct_site_gen.pdbx_auth_ins_code 
_struct_site_gen.auth_comp_id 
_struct_site_gen.auth_asym_id 
_struct_site_gen.auth_seq_id 
_struct_site_gen.label_atom_id 
_struct_site_gen.label_alt_id 
_struct_site_gen.symmetry 
_struct_site_gen.details 
1 AC1 1 ARG B 17 ? ARG B 16 . ? 9_555  ? 
2 AC2 5 SER A 2  ? SER A 1  . ? 24_555 ? 
3 AC2 5 GLN B 28 ? GLN B 27 . ? 19_555 ? 
4 AC2 5 ARG B 37 ? ARG B 36 . ? 1_555  ? 
5 AC2 5 GLU B 38 ? GLU B 37 . ? 1_555  ? 
6 AC2 5 LEU B 39 ? LEU B 38 . ? 1_555  ? 
# 
_atom_sites.entry_id                    3O3Z 
_atom_sites.fract_transf_matrix[1][1]   -0.00001323 
_atom_sites.fract_transf_matrix[1][2]   0.00275836 
_atom_sites.fract_transf_matrix[1][3]   0.01132285 
_atom_sites.fract_transf_matrix[2][1]   -0.00939395 
_atom_sites.fract_transf_matrix[2][2]   -0.00670360 
_atom_sites.fract_transf_matrix[2][3]   0.00162209 
_atom_sites.fract_transf_matrix[3][1]   0.00689704 
_atom_sites.fract_transf_matrix[3][2]   -0.00912518 
_atom_sites.fract_transf_matrix[3][3]   0.00223104 
_atom_sites.fract_transf_vector[1]      0.205276 
_atom_sites.fract_transf_vector[2]      0.275569 
_atom_sites.fract_transf_vector[3]      0.141256 
# 
loop_
_atom_type.symbol 
C 
H 
N 
O 
# 
loop_
_atom_site.group_PDB 
_atom_site.id 
_atom_site.type_symbol 
_atom_site.label_atom_id 
_atom_site.label_alt_id 
_atom_site.label_comp_id 
_atom_site.label_asym_id 
_atom_site.label_entity_id 
_atom_site.label_seq_id 
_atom_site.pdbx_PDB_ins_code 
_atom_site.Cartn_x 
_atom_site.Cartn_y 
_atom_site.Cartn_z 
_atom_site.occupancy 
_atom_site.B_iso_or_equiv 
_atom_site.pdbx_formal_charge 
_atom_site.auth_seq_id 
_atom_site.auth_comp_id 
_atom_site.auth_asym_id 
_atom_site.auth_atom_id 
_atom_site.pdbx_PDB_model_num 
HETATM 1    C C    . ACE A 1 1  ? 4.021   -9.738  20.036  1.00 58.10  ?  0  ACE A C    1 
HETATM 2    O O    . ACE A 1 1  ? 4.158   -9.263  18.912  1.00 58.63  ?  0  ACE A O    1 
HETATM 3    C CH3  . ACE A 1 1  ? 4.692   -11.031 20.409  1.00 56.74  ?  0  ACE A CH3  1 
HETATM 4    H H1   . ACE A 1 1  ? 5.641   -10.810 20.913  0.00 57.63  ?  0  ACE A H1   1 
HETATM 5    H H2   . ACE A 1 1  ? 4.878   -11.622 19.526  0.00 2.00   ?  0  ACE A H2   1 
HETATM 6    H H3   . ACE A 1 1  ? 4.043   -11.572 21.097  0.00 2.00   ?  0  ACE A H3   1 
ATOM   7    N N    . SER A 1 2  ? 3.742   -8.914  21.042  1.00 58.78  ?  1  SER A N    1 
ATOM   8    C CA   . SER A 1 2  ? 3.062   -7.638  20.769  1.00 58.90  ?  1  SER A CA   1 
ATOM   9    C C    . SER A 1 2  ? 3.953   -6.664  19.996  1.00 60.45  ?  1  SER A C    1 
ATOM   10   O O    . SER A 1 2  ? 3.464   -5.685  19.422  1.00 60.13  ?  1  SER A O    1 
ATOM   11   C CB   . SER A 1 2  ? 2.568   -6.978  22.066  1.00 58.61  ?  1  SER A CB   1 
ATOM   12   O OG   . SER A 1 2  ? 3.367   -5.871  22.451  1.00 56.01  ?  1  SER A OG   1 
ATOM   13   H H    . SER A 1 2  ? 4.155   -8.930  21.797  1.00 58.66  ?  1  SER A H    1 
ATOM   14   H HA   . SER A 1 2  ? 2.274   -7.819  20.215  1.00 59.17  ?  1  SER A HA   1 
ATOM   15   H HB2  . SER A 1 2  ? 1.659   -6.669  21.925  1.00 58.51  ?  1  SER A HB2  1 
ATOM   16   H HB3  . SER A 1 2  ? 2.579   -7.634  22.782  1.00 58.51  ?  1  SER A HB3  1 
ATOM   17   H HG   . SER A 1 2  ? 3.083   -5.584  23.169  0.00 57.06  ?  1  SER A HG   1 
ATOM   18   N N    . GLY A 1 3  ? 5.255   -6.935  19.993  1.00 61.37  ?  2  GLY A N    1 
ATOM   19   C CA   . GLY A 1 3  ? 6.216   -6.109  19.292  1.00 61.69  ?  2  GLY A CA   1 
ATOM   20   C C    . GLY A 1 3  ? 6.321   -6.491  17.828  1.00 61.20  ?  2  GLY A C    1 
ATOM   21   O O    . GLY A 1 3  ? 6.455   -5.603  16.992  1.00 59.81  ?  2  GLY A O    1 
ATOM   22   H H    . GLY A 1 3  ? 5.619   -7.597  20.398  1.00 61.24  ?  2  GLY A H    1 
ATOM   23   H HA2  . GLY A 1 3  ? 5.965   -5.174  19.354  1.00 61.51  ?  2  GLY A HA2  1 
ATOM   24   H HA3  . GLY A 1 3  ? 7.090   -6.217  19.698  1.00 61.51  ?  2  GLY A HA3  1 
ATOM   25   N N    . ILE A 1 4  ? 6.265   -7.797  17.521  1.00 60.39  ?  3  ILE A N    1 
ATOM   26   C CA   . ILE A 1 4  ? 6.403   -8.289  16.127  1.00 60.40  ?  3  ILE A CA   1 
ATOM   27   C C    . ILE A 1 4  ? 5.224   -7.804  15.266  1.00 59.44  ?  3  ILE A C    1 
ATOM   28   O O    . ILE A 1 4  ? 5.391   -7.398  14.120  1.00 60.46  ?  3  ILE A O    1 
ATOM   29   C CB   . ILE A 1 4  ? 6.517   -9.834  16.044  1.00 58.59  ?  3  ILE A CB   1 
ATOM   30   H H    . ILE A 1 4  ? 6.151   -8.426  18.097  1.00 60.64  ?  3  ILE A H    1 
ATOM   31   H HA   . ILE A 1 4  ? 7.223   -7.911  15.745  1.00 59.85  ?  3  ILE A HA   1 
ATOM   32   H HB   . ILE A 1 4  ? 5.706   -10.208 16.430  0.00 58.65  ?  3  ILE A HB   1 
ATOM   33   N N    . VAL A 1 5  ? 4.041   -7.823  15.854  1.00 57.57  ?  4  VAL A N    1 
ATOM   34   C CA   . VAL A 1 5  ? 2.840   -7.289  15.229  1.00 56.97  ?  4  VAL A CA   1 
ATOM   35   C C    . VAL A 1 5  ? 2.766   -5.755  15.186  1.00 56.88  ?  4  VAL A C    1 
ATOM   36   O O    . VAL A 1 5  ? 2.095   -5.205  14.317  1.00 58.02  ?  4  VAL A O    1 
ATOM   37   C CB   . VAL A 1 5  ? 1.569   -7.823  15.947  1.00 56.46  ?  4  VAL A CB   1 
ATOM   38   C CG1  . VAL A 1 5  ? 0.365   -6.922  15.676  1.00 53.31  ?  4  VAL A CG1  1 
ATOM   39   C CG2  . VAL A 1 5  ? 1.309   -9.267  15.527  1.00 53.15  ?  4  VAL A CG2  1 
ATOM   40   H H    . VAL A 1 5  ? 3.905   -8.154  16.637  1.00 57.94  ?  4  VAL A H    1 
ATOM   41   H HA   . VAL A 1 5  ? 2.802   -7.608  14.305  1.00 57.00  ?  4  VAL A HA   1 
ATOM   42   H HB   . VAL A 1 5  ? 1.723   -7.819  16.915  1.00 56.08  ?  4  VAL A HB   1 
ATOM   43   H HG11 . VAL A 1 5  ? -0.426  -7.292  16.093  0.00 54.53  ?  4  VAL A HG11 1 
ATOM   44   H HG12 . VAL A 1 5  ? 0.190   -6.934  14.691  0.00 54.53  ?  4  VAL A HG12 1 
ATOM   45   H HG13 . VAL A 1 5  ? 0.520   -6.046  15.946  0.00 54.53  ?  4  VAL A HG13 1 
ATOM   46   H HG21 . VAL A 1 5  ? 1.179   -9.313  14.591  0.00 54.34  ?  4  VAL A HG21 1 
ATOM   47   H HG22 . VAL A 1 5  ? 0.513   -9.586  15.988  0.00 54.34  ?  4  VAL A HG22 1 
ATOM   48   H HG23 . VAL A 1 5  ? 2.061   -9.798  15.801  0.00 54.34  ?  4  VAL A HG23 1 
ATOM   49   N N    . GLN A 1 6  ? 3.404   -5.069  16.130  1.00 55.52  ?  5  GLN A N    1 
ATOM   50   C CA   . GLN A 1 6  ? 3.441   -3.616  16.106  1.00 55.23  ?  5  GLN A CA   1 
ATOM   51   C C    . GLN A 1 6  ? 4.413   -3.212  15.036  1.00 53.92  ?  5  GLN A C    1 
ATOM   52   O O    . GLN A 1 6  ? 4.348   -2.088  14.523  1.00 55.46  ?  5  GLN A O    1 
ATOM   53   C CB   . GLN A 1 6  ? 3.851   -3.034  17.460  1.00 56.26  ?  5  GLN A CB   1 
ATOM   54   C CG   . GLN A 1 6  ? 4.229   -1.544  17.470  1.00 62.29  ?  5  GLN A CG   1 
ATOM   55   C CD   . GLN A 1 6  ? 3.064   -0.602  17.229  1.00 73.42  ?  5  GLN A CD   1 
ATOM   56   O OE1  . GLN A 1 6  ? 1.898   -1.012  17.210  1.00 81.85  ?  5  GLN A OE1  1 
ATOM   57   N NE2  . GLN A 1 6  ? 3.376   0.680   17.052  1.00 77.25  ?  5  GLN A NE2  1 
ATOM   58   H H    . GLN A 1 6  ? 3.817   -5.424  16.794  1.00 55.83  ?  5  GLN A H    1 
ATOM   59   H HA   . GLN A 1 6  ? 2.557   -3.262  15.876  1.00 55.26  ?  5  GLN A HA   1 
ATOM   60   H HB2  . GLN A 1 6  ? 3.117   -3.155  18.082  1.00 56.39  ?  5  GLN A HB2  1 
ATOM   61   H HB3  . GLN A 1 6  ? 4.625   -3.523  17.780  1.00 56.39  ?  5  GLN A HB3  1 
ATOM   62   H HG2  . GLN A 1 6  ? 4.600   -1.323  18.335  1.00 63.52  ?  5  GLN A HG2  1 
ATOM   63   H HG3  . GLN A 1 6  ? 4.900   -1.368  16.794  1.00 63.52  ?  5  GLN A HG3  1 
ATOM   64   H HE21 . GLN A 1 6  ? 4.183   0.933   16.997  0.00 75.34  ?  5  GLN A HE21 1 
ATOM   65   H HE22 . GLN A 1 6  ? 2.738   1.254   16.839  0.00 75.34  ?  5  GLN A HE22 1 
ATOM   66   N N    . GLN A 1 7  ? 5.313   -4.118  14.677  1.00 51.36  ?  6  GLN A N    1 
ATOM   67   C CA   . GLN A 1 7  ? 6.196   -3.803  13.585  1.00 51.04  ?  6  GLN A CA   1 
ATOM   68   C C    . GLN A 1 7  ? 5.706   -4.253  12.218  1.00 49.90  ?  6  GLN A C    1 
ATOM   69   O O    . GLN A 1 7  ? 6.168   -3.736  11.230  1.00 50.66  ?  6  GLN A O    1 
ATOM   70   C CB   . GLN A 1 7  ? 7.598   -4.314  13.804  1.00 50.42  ?  6  GLN A CB   1 
ATOM   71   C CG   . GLN A 1 7  ? 8.621   -3.283  13.296  1.00 47.69  ?  6  GLN A CG   1 
ATOM   72   C CD   . GLN A 1 7  ? 9.832   -3.965  12.873  1.00 45.85  ?  6  GLN A CD   1 
ATOM   73   O OE1  . GLN A 1 7  ? 9.827   -5.175  12.766  1.00 52.42  ?  6  GLN A OE1  1 
ATOM   74   N NE2  . GLN A 1 7  ? 10.891  -3.236  12.642  1.00 45.83  ?  6  GLN A NE2  1 
ATOM   75   H H    . GLN A 1 7  ? 5.441   -4.887  15.038  1.00 51.99  ?  6  GLN A H    1 
ATOM   76   H HA   . GLN A 1 7  ? 6.271   -2.829  13.537  1.00 50.77  ?  6  GLN A HA   1 
ATOM   77   H HB2  . GLN A 1 7  ? 7.750   -4.446  14.752  1.00 50.51  ?  6  GLN A HB2  1 
ATOM   78   H HB3  . GLN A 1 7  ? 7.704   -5.151  13.327  1.00 50.51  ?  6  GLN A HB3  1 
ATOM   79   H HG2  . GLN A 1 7  ? 8.265   -2.813  12.526  1.00 47.94  ?  6  GLN A HG2  1 
ATOM   80   H HG3  . GLN A 1 7  ? 8.839   -2.658  14.000  1.00 47.94  ?  6  GLN A HG3  1 
ATOM   81   H HE21 . GLN A 1 7  ? 10.876  -2.393  12.728  0.00 47.20  ?  6  GLN A HE21 1 
ATOM   82   H HE22 . GLN A 1 7  ? 11.650  -3.616  12.379  0.00 47.20  ?  6  GLN A HE22 1 
ATOM   83   N N    . GLN A 1 8  ? 4.792   -5.207  12.153  1.00 47.42  ?  7  GLN A N    1 
ATOM   84   C CA   . GLN A 1 8  ? 4.090   -5.452  10.925  1.00 45.21  ?  7  GLN A CA   1 
ATOM   85   C C    . GLN A 1 8  ? 3.388   -4.151  10.543  1.00 44.05  ?  7  GLN A C    1 
ATOM   86   O O    . GLN A 1 8  ? 3.424   -3.738  9.405   1.00 44.97  ?  7  GLN A O    1 
ATOM   87   C CB   . GLN A 1 8  ? 3.056   -6.549  11.098  1.00 47.21  ?  7  GLN A CB   1 
ATOM   88   C CG   . GLN A 1 8  ? 3.517   -7.888  11.672  1.00 46.51  ?  7  GLN A CG   1 
ATOM   89   C CD   . GLN A 1 8  ? 4.076   -8.785  10.651  1.00 50.03  ?  7  GLN A CD   1 
ATOM   90   O OE1  . GLN A 1 8  ? 3.538   -9.860  10.364  1.00 55.57  ?  7  GLN A OE1  1 
ATOM   91   N NE2  . GLN A 1 8  ? 5.180   -8.367  10.082  1.00 57.43  ?  7  GLN A NE2  1 
ATOM   92   H H    . GLN A 1 8  ? 4.567   -5.707  12.813  1.00 47.53  ?  7  GLN A H    1 
ATOM   93   H HA   . GLN A 1 8  ? 4.717   -5.705  10.216  1.00 45.88  ?  7  GLN A HA   1 
ATOM   94   H HB2  . GLN A 1 8  ? 2.369   -6.217  11.694  1.00 45.94  ?  7  GLN A HB2  1 
ATOM   95   H HB3  . GLN A 1 8  ? 2.665   -6.725  10.228  1.00 45.94  ?  7  GLN A HB3  1 
ATOM   96   H HG2  . GLN A 1 8  ? 4.202   -7.745  12.335  1.00 47.54  ?  7  GLN A HG2  1 
ATOM   97   H HG3  . GLN A 1 8  ? 2.755   -8.334  12.076  1.00 47.54  ?  7  GLN A HG3  1 
ATOM   98   H HE21 . GLN A 1 8  ? 5.471   -7.549  10.193  0.00 57.63  ?  7  GLN A HE21 1 
ATOM   99   H HE22 . GLN A 1 8  ? 5.514   -8.789  9.368   0.00 57.63  ?  7  GLN A HE22 1 
ATOM   100  N N    . ASN A 1 9  ? 2.774   -3.490  11.508  1.00 43.53  ?  8  ASN A N    1 
ATOM   101  C CA   . ASN A 1 9  ? 2.122   -2.209  11.282  1.00 43.84  ?  8  ASN A CA   1 
ATOM   102  C C    . ASN A 1 9  ? 3.074   -1.112  10.846  1.00 43.27  ?  8  ASN A C    1 
ATOM   103  O O    . ASN A 1 9  ? 2.736   -0.301  9.989   1.00 45.40  ?  8  ASN A O    1 
ATOM   104  C CB   . ASN A 1 9  ? 1.403   -1.741  12.548  1.00 44.70  ?  8  ASN A CB   1 
ATOM   105  C CG   . ASN A 1 9  ? 0.755   -0.381  12.383  1.00 48.18  ?  8  ASN A CG   1 
ATOM   106  O OD1  . ASN A 1 9  ? -0.178  -0.231  11.604  1.00 54.62  ?  8  ASN A OD1  1 
ATOM   107  N ND2  . ASN A 1 9  ? 1.269   0.627   13.092  1.00 54.53  ?  8  ASN A ND2  1 
ATOM   108  H H    . ASN A 1 9  ? 2.714   -3.768  12.320  1.00 43.78  ?  8  ASN A H    1 
ATOM   109  H HA   . ASN A 1 9  ? 1.448   -2.318  10.578  1.00 43.87  ?  8  ASN A HA   1 
ATOM   110  H HB2  . ASN A 1 9  ? 0.706   -2.372  12.772  1.00 44.63  ?  8  ASN A HB2  1 
ATOM   111  H HB3  . ASN A 1 9  ? 2.044   -1.685  13.274  1.00 44.63  ?  8  ASN A HB3  1 
ATOM   112  H HD21 . ASN A 1 9  ? 1.971   0.453   13.726  0.00 54.47  ?  8  ASN A HD21 1 
ATOM   113  H HD22 . ASN A 1 9  ? 0.835   1.509   13.036  0.00 54.47  ?  8  ASN A HD22 1 
ATOM   114  N N    . ASN A 1 10 ? 4.240   -1.051  11.475  1.00 43.14  ?  9  ASN A N    1 
ATOM   115  C CA   . ASN A 1 10 ? 5.252   -0.047  11.149  1.00 41.41  ?  9  ASN A CA   1 
ATOM   116  C C    . ASN A 1 10 ? 5.665   -0.140  9.685   1.00 39.97  ?  9  ASN A C    1 
ATOM   117  O O    . ASN A 1 10 ? 5.734   0.862   8.989   1.00 38.21  ?  9  ASN A O    1 
ATOM   118  C CB   . ASN A 1 10 ? 6.495   -0.265  12.025  1.00 43.88  ?  9  ASN A CB   1 
ATOM   119  C CG   . ASN A 1 10 ? 6.343   0.292   13.448  1.00 45.03  ?  9  ASN A CG   1 
ATOM   120  O OD1  . ASN A 1 10 ? 5.704   1.340   13.664  1.00 44.24  ?  9  ASN A OD1  1 
ATOM   121  N ND2  . ASN A 1 10 ? 6.983   -0.384  14.416  1.00 42.24  ?  9  ASN A ND2  1 
ATOM   122  H H    . ASN A 1 10 ? 4.469   -1.587  12.107  1.00 42.75  ?  9  ASN A H    1 
ATOM   123  H HA   . ASN A 1 10 ? 4.894   0.850   11.313  1.00 42.02  ?  9  ASN A HA   1 
ATOM   124  H HB2  . ASN A 1 10 ? 6.681   -1.212  12.084  1.00 42.55  ?  9  ASN A HB2  1 
ATOM   125  H HB3  . ASN A 1 10 ? 7.249   0.188   11.615  1.00 42.55  ?  9  ASN A HB3  1 
ATOM   126  H HD21 . ASN A 1 10 ? 7.596   -1.227  14.152  0.00 43.12  ?  9  ASN A HD21 1 
ATOM   127  H HD22 . ASN A 1 10 ? 6.998   -0.176  15.343  0.00 43.12  ?  9  ASN A HD22 1 
ATOM   128  N N    . LEU A 1 11 ? 5.956   -1.372  9.251   1.00 38.44  ?  10 LEU A N    1 
ATOM   129  C CA   . LEU A 1 11 ? 6.268   -1.706  7.867   1.00 36.09  ?  10 LEU A CA   1 
ATOM   130  C C    . LEU A 1 11 ? 5.065   -1.412  6.969   1.00 36.19  ?  10 LEU A C    1 
ATOM   131  O O    . LEU A 1 11 ? 5.208   -0.840  5.891   1.00 36.63  ?  10 LEU A O    1 
ATOM   132  C CB   . LEU A 1 11 ? 6.665   -3.180  7.736   1.00 35.07  ?  10 LEU A CB   1 
ATOM   133  C CG   . LEU A 1 11 ? 7.901   -3.683  8.509   1.00 35.35  ?  10 LEU A CG   1 
ATOM   134  C CD1  . LEU A 1 11 ? 8.235   -5.077  8.159   1.00 32.71  ?  10 LEU A CD1  1 
ATOM   135  C CD2  . LEU A 1 11 ? 9.107   -2.832  8.279   1.00 33.11  ?  10 LEU A CD2  1 
ATOM   136  H H    . LEU A 1 11 ? 5.977   -2.056  9.772   1.00 38.26  ?  10 LEU A H    1 
ATOM   137  H HA   . LEU A 1 11 ? 7.016   -1.152  7.562   1.00 36.43  ?  10 LEU A HA   1 
ATOM   138  H HB2  . LEU A 1 11 ? 5.913   -3.717  8.029   1.00 35.77  ?  10 LEU A HB2  1 
ATOM   139  H HB3  . LEU A 1 11 ? 6.832   -3.359  6.797   1.00 35.77  ?  10 LEU A HB3  1 
ATOM   140  H HG   . LEU A 1 11 ? 7.711   -3.658  9.457   1.00 34.41  ?  10 LEU A HG   1 
ATOM   141  H HD11 . LEU A 1 11 ? 9.003   -5.376  8.637   0.00 33.56  ?  10 LEU A HD11 1 
ATOM   142  H HD12 . LEU A 1 11 ? 8.421   -5.135  7.196   0.00 33.56  ?  10 LEU A HD12 1 
ATOM   143  H HD13 . LEU A 1 11 ? 7.488   -5.669  8.343   0.00 33.56  ?  10 LEU A HD13 1 
ATOM   144  H HD21 . LEU A 1 11 ? 9.313   -2.825  7.359   0.00 33.47  ?  10 LEU A HD21 1 
ATOM   145  H HD22 . LEU A 1 11 ? 9.834   -3.195  8.794   0.00 33.47  ?  10 LEU A HD22 1 
ATOM   146  H HD23 . LEU A 1 11 ? 8.900   -1.944  8.596   0.00 33.47  ?  10 LEU A HD23 1 
ATOM   147  N N    . LEU A 1 12 ? 3.870   -1.758  7.414   1.00 34.15  ?  11 LEU A N    1 
ATOM   148  C CA   . LEU A 1 12 ? 2.723   -1.492  6.584   1.00 33.96  ?  11 LEU A CA   1 
ATOM   149  C C    . LEU A 1 12 ? 2.596   -0.001  6.360   1.00 34.95  ?  11 LEU A C    1 
ATOM   150  O O    . LEU A 1 12 ? 2.314   0.440   5.257   1.00 35.54  ?  11 LEU A O    1 
ATOM   151  C CB   . LEU A 1 12 ? 1.464   -2.046  7.215   1.00 33.76  ?  11 LEU A CB   1 
ATOM   152  C CG   . LEU A 1 12 ? 0.119   -1.805  6.532   1.00 32.95  ?  11 LEU A CG   1 
ATOM   153  C CD1  . LEU A 1 12 ? 0.188   -2.140  5.059   1.00 31.45  ?  11 LEU A CD1  1 
ATOM   154  C CD2  . LEU A 1 12 ? -0.924  -2.665  7.246   1.00 30.11  ?  11 LEU A CD2  1 
ATOM   155  H H    . LEU A 1 12 ? 3.705   -2.140  8.166   1.00 34.68  ?  11 LEU A H    1 
ATOM   156  H HA   . LEU A 1 12 ? 2.846   -1.926  5.713   1.00 34.20  ?  11 LEU A HA   1 
ATOM   157  H HB2  . LEU A 1 12 ? 1.574   -3.007  7.287   1.00 33.83  ?  11 LEU A HB2  1 
ATOM   158  H HB3  . LEU A 1 12 ? 1.391   -1.671  8.106   1.00 33.83  ?  11 LEU A HB3  1 
ATOM   159  H HG   . LEU A 1 12 ? -0.136  -0.873  6.627   1.00 32.32  ?  11 LEU A HG   1 
ATOM   160  H HD11 . LEU A 1 12 ? -0.652  -2.004  4.644   0.00 32.37  ?  11 LEU A HD11 1 
ATOM   161  H HD12 . LEU A 1 12 ? 0.463   -3.072  4.944   0.00 32.37  ?  11 LEU A HD12 1 
ATOM   162  H HD13 . LEU A 1 12 ? 0.859   -1.579  4.645   0.00 32.37  ?  11 LEU A HD13 1 
ATOM   163  H HD21 . LEU A 1 12 ? -0.668  -3.623  7.153   0.00 30.28  ?  11 LEU A HD21 1 
ATOM   164  H HD22 . LEU A 1 12 ? -1.780  -2.573  6.792   0.00 30.28  ?  11 LEU A HD22 1 
ATOM   165  H HD23 . LEU A 1 12 ? -0.989  -2.445  8.145   0.00 30.28  ?  11 LEU A HD23 1 
ATOM   166  N N    . ARG A 1 13 ? 2.821   0.779   7.405   1.00 34.84  ?  12 ARG A N    1 
ATOM   167  C CA   . ARG A 1 13 ? 2.751   2.246   7.290   1.00 35.28  ?  12 ARG A CA   1 
ATOM   168  C C    . ARG A 1 13 ? 3.790   2.870   6.339   1.00 32.32  ?  12 ARG A C    1 
ATOM   169  O O    . ARG A 1 13 ? 3.484   3.820   5.654   1.00 30.83  ?  12 ARG A O    1 
ATOM   170  C CB   . ARG A 1 13 ? 2.856   2.886   8.675   1.00 35.90  ?  12 ARG A CB   1 
ATOM   171  C CG   . ARG A 1 13 ? 1.518   3.076   9.336   1.00 42.51  ?  12 ARG A CG   1 
ATOM   172  C CD   . ARG A 1 13 ? 1.579   2.991   10.870  1.00 55.11  ?  12 ARG A CD   1 
ATOM   173  N NE   . ARG A 1 13 ? 2.084   4.190   11.562  1.00 62.14  ?  12 ARG A NE   1 
ATOM   174  C CZ   . ARG A 1 13 ? 1.478   5.379   11.600  1.00 64.78  ?  12 ARG A CZ   1 
ATOM   175  N NH1  . ARG A 1 13 ? 2.029   6.372   12.292  1.00 67.09  ?  12 ARG A NH1  1 
ATOM   176  N NH2  . ARG A 1 13 ? 0.333   5.596   10.952  1.00 66.18  ?  12 ARG A NH2  1 
ATOM   177  H H    . ARG A 1 13 ? 3.010   0.492   8.194   1.00 35.02  ?  12 ARG A H    1 
ATOM   178  H HA   . ARG A 1 13 ? 1.870   2.477   6.929   1.00 34.73  ?  12 ARG A HA   1 
ATOM   179  H HB2  . ARG A 1 13 ? 3.408   2.331   9.247   1.00 36.36  ?  12 ARG A HB2  1 
ATOM   180  H HB3  . ARG A 1 13 ? 3.262   3.764   8.588   1.00 36.36  ?  12 ARG A HB3  1 
ATOM   181  H HG2  . ARG A 1 13 ? 1.176   3.946   9.083   1.00 43.97  ?  12 ARG A HG2  1 
ATOM   182  H HG3  . ARG A 1 13 ? 0.912   2.383   9.029   1.00 43.97  ?  12 ARG A HG3  1 
ATOM   183  H HD2  . ARG A 1 13 ? 0.682   2.823   11.200  1.00 53.84  ?  12 ARG A HD2  1 
ATOM   184  H HD3  . ARG A 1 13 ? 2.155   2.250   11.117  1.00 53.84  ?  12 ARG A HD3  1 
ATOM   185  H HE   . ARG A 1 13 ? 2.952   4.115   11.991  1.00 61.14  ?  12 ARG A HE   1 
ATOM   186  H HH11 . ARG A 1 13 ? 1.646   7.141   12.313  1.00 66.42  ?  12 ARG A HH11 1 
ATOM   187  H HH12 . ARG A 1 13 ? 2.771   6.251   12.711  1.00 66.42  ?  12 ARG A HH12 1 
ATOM   188  H HH21 . ARG A 1 13 ? -0.050  4.969   10.509  1.00 65.77  ?  12 ARG A HH21 1 
ATOM   189  H HH22 . ARG A 1 13 ? -0.039  6.370   10.989  1.00 65.77  ?  12 ARG A HH22 1 
ATOM   190  N N    . ALA A 1 14 ? 5.008   2.344   6.325   1.00 30.44  ?  13 ALA A N    1 
ATOM   191  C CA   . ALA A 1 14 ? 6.045   2.798   5.409   1.00 28.44  ?  13 ALA A CA   1 
ATOM   192  C C    . ALA A 1 14 ? 5.705   2.457   3.987   1.00 28.45  ?  13 ALA A C    1 
ATOM   193  O O    . ALA A 1 14 ? 5.884   3.264   3.115   1.00 29.88  ?  13 ALA A O    1 
ATOM   194  C CB   . ALA A 1 14 ? 7.345   2.181   5.773   1.00 26.12  ?  13 ALA A CB   1 
ATOM   195  H H    . ALA A 1 14 ? 5.261   1.710   6.850   1.00 30.44  ?  13 ALA A H    1 
ATOM   196  H HA   . ALA A 1 14 ? 6.137   3.772   5.481   1.00 28.41  ?  13 ALA A HA   1 
ATOM   197  H HB1  . ALA A 1 14 ? 7.584   2.425   6.664   0.00 27.04  ?  13 ALA A HB1  1 
ATOM   198  H HB2  . ALA A 1 14 ? 8.028   2.489   5.158   0.00 27.04  ?  13 ALA A HB2  1 
ATOM   199  H HB3  . ALA A 1 14 ? 7.271   1.221   5.702   0.00 27.04  ?  13 ALA A HB3  1 
ATOM   200  N N    . ILE A 1 15 ? 5.210   1.252   3.755   1.00 30.81  ?  14 ILE A N    1 
ATOM   201  C CA   . ILE A 1 15 ? 4.870   0.780   2.410   1.00 32.13  ?  14 ILE A CA   1 
ATOM   202  C C    . ILE A 1 15 ? 3.786   1.652   1.806   1.00 33.31  ?  14 ILE A C    1 
ATOM   203  O O    . ILE A 1 15 ? 3.842   2.063   0.658   1.00 38.09  ?  14 ILE A O    1 
ATOM   204  C CB   . ILE A 1 15 ? 4.426   -0.704  2.474   1.00 32.28  ?  14 ILE A CB   1 
ATOM   205  C CG1  . ILE A 1 15 ? 5.631   -1.595  2.700   1.00 32.89  ?  14 ILE A CG1  1 
ATOM   206  C CG2  . ILE A 1 15 ? 3.762   -1.162  1.221   1.00 30.52  ?  14 ILE A CG2  1 
ATOM   207  C CD1  . ILE A 1 15 ? 5.236   -2.962  3.082   1.00 36.29  ?  14 ILE A CD1  1 
ATOM   208  H H    . ILE A 1 15 ? 5.061   0.672   4.373   1.00 30.57  ?  14 ILE A H    1 
ATOM   209  H HA   . ILE A 1 15 ? 5.665   0.838   1.838   1.00 32.17  ?  14 ILE A HA   1 
ATOM   210  H HB   . ILE A 1 15 ? 3.805   -0.818  3.211   1.00 32.11  ?  14 ILE A HB   1 
ATOM   211  H HG12 . ILE A 1 15 ? 6.150   -1.648  1.882   1.00 33.60  ?  14 ILE A HG12 1 
ATOM   212  H HG13 . ILE A 1 15 ? 6.173   -1.227  3.415   1.00 33.60  ?  14 ILE A HG13 1 
ATOM   213  H HG21 . ILE A 1 15 ? 3.000   -0.604  1.045   0.00 31.19  ?  14 ILE A HG21 1 
ATOM   214  H HG22 . ILE A 1 15 ? 3.520   -2.065  1.289   0.00 31.19  ?  14 ILE A HG22 1 
ATOM   215  H HG23 . ILE A 1 15 ? 4.397   -1.046  0.475   0.00 31.19  ?  14 ILE A HG23 1 
ATOM   216  H HD11 . ILE A 1 15 ? 6.027   -3.499  3.228   0.00 36.68  ?  14 ILE A HD11 1 
ATOM   217  H HD12 . ILE A 1 15 ? 4.710   -3.354  2.379   0.00 36.68  ?  14 ILE A HD12 1 
ATOM   218  H HD13 . ILE A 1 15 ? 4.720   -2.936  3.895   0.00 36.68  ?  14 ILE A HD13 1 
ATOM   219  N N    . GLU A 1 16 ? 2.814   1.954   2.624   1.00 33.99  ?  15 GLU A N    1 
ATOM   220  C CA   . GLU A 1 16 ? 1.680   2.776   2.277   1.00 35.90  ?  15 GLU A CA   1 
ATOM   221  C C    . GLU A 1 16 ? 2.107   4.209   1.995   1.00 36.09  ?  15 GLU A C    1 
ATOM   222  O O    . GLU A 1 16 ? 1.617   4.820   1.070   1.00 39.13  ?  15 GLU A O    1 
ATOM   223  C CB   . GLU A 1 16 ? 0.750   2.707   3.462   1.00 37.27  ?  15 GLU A CB   1 
ATOM   224  C CG   . GLU A 1 16 ? -0.635  3.128   3.276   1.00 49.16  ?  15 GLU A CG   1 
ATOM   225  C CD   . GLU A 1 16 ? -1.304  3.297   4.632   1.00 59.62  ?  15 GLU A CD   1 
ATOM   226  O OE1  . GLU A 1 16 ? -1.748  4.428   4.926   1.00 69.32  ?  15 GLU A OE1  1 
ATOM   227  O OE2  . GLU A 1 16 ? -1.335  2.312   5.420   1.00 66.28  -1 15 GLU A OE2  1 
ATOM   228  H H    . GLU A 1 16 ? 2.792   1.677   3.439   1.00 34.35  ?  15 GLU A H    1 
ATOM   229  H HA   . GLU A 1 16 ? 1.226   2.413   1.488   1.00 35.86  ?  15 GLU A HA   1 
ATOM   230  H HB2  . GLU A 1 16 ? 0.704   1.785   3.757   1.00 37.90  ?  15 GLU A HB2  1 
ATOM   231  H HB3  . GLU A 1 16 ? 1.128   3.250   4.174   1.00 37.90  ?  15 GLU A HB3  1 
ATOM   232  H HG2  . GLU A 1 16 ? -0.660  3.978   2.808   1.00 48.87  ?  15 GLU A HG2  1 
ATOM   233  H HG3  . GLU A 1 16 ? -1.116  2.449   2.777   1.00 48.87  ?  15 GLU A HG3  1 
ATOM   234  N N    . ALA A 1 17 ? 3.043   4.756   2.765   1.00 35.73  ?  16 ALA A N    1 
ATOM   235  C CA   . ALA A 1 17 ? 3.586   6.088   2.462   1.00 34.14  ?  16 ALA A CA   1 
ATOM   236  C C    . ALA A 1 17 ? 4.393   6.069   1.166   1.00 33.38  ?  16 ALA A C    1 
ATOM   237  O O    . ALA A 1 17 ? 4.301   6.973   0.369   1.00 33.06  ?  16 ALA A O    1 
ATOM   238  C CB   . ALA A 1 17 ? 4.457   6.606   3.610   1.00 32.88  ?  16 ALA A CB   1 
ATOM   239  H H    . ALA A 1 17 ? 3.378   4.386   3.465   1.00 35.44  ?  16 ALA A H    1 
ATOM   240  H HA   . ALA A 1 17 ? 2.844   6.717   2.345   1.00 34.08  ?  16 ALA A HA   1 
ATOM   241  H HB1  . ALA A 1 17 ? 3.905   6.658   4.393   0.00 33.30  ?  16 ALA A HB1  1 
ATOM   242  H HB2  . ALA A 1 17 ? 4.771   7.480   3.373   0.00 33.30  ?  16 ALA A HB2  1 
ATOM   243  H HB3  . ALA A 1 17 ? 5.175   6.005   3.738   0.00 33.30  ?  16 ALA A HB3  1 
ATOM   244  N N    . GLN A 1 18 ? 5.186   5.030   0.958   1.00 33.74  ?  17 GLN A N    1 
ATOM   245  C CA   . GLN A 1 18 ? 5.956   4.907   -0.274  1.00 33.91  ?  17 GLN A CA   1 
ATOM   246  C C    . GLN A 1 18 ? 5.060   4.814   -1.489  1.00 32.27  ?  17 GLN A C    1 
ATOM   247  O O    . GLN A 1 18 ? 5.362   5.363   -2.514  1.00 31.26  ?  17 GLN A O    1 
ATOM   248  C CB   . GLN A 1 18 ? 6.858   3.696   -0.205  1.00 35.22  ?  17 GLN A CB   1 
ATOM   249  C CG   . GLN A 1 18 ? 7.990   3.904   0.772   1.00 40.84  ?  17 GLN A CG   1 
ATOM   250  C CD   . GLN A 1 18 ? 9.006   2.795   0.729   1.00 45.58  ?  17 GLN A CD   1 
ATOM   251  O OE1  . GLN A 1 18 ? 8.728   1.701   0.224   1.00 51.32  ?  17 GLN A OE1  1 
ATOM   252  N NE2  . GLN A 1 18 ? 10.203  3.070   1.247   1.00 41.83  ?  17 GLN A NE2  1 
ATOM   253  H H    . GLN A 1 18 ? 5.295   4.384   1.516   1.00 33.73  ?  17 GLN A H    1 
ATOM   254  H HA   . GLN A 1 18 ? 6.522   5.701   -0.377  1.00 33.85  ?  17 GLN A HA   1 
ATOM   255  H HB2  . GLN A 1 18 ? 6.344   2.925   0.080   1.00 35.14  ?  17 GLN A HB2  1 
ATOM   256  H HB3  . GLN A 1 18 ? 7.243   3.536   -1.082  1.00 35.14  ?  17 GLN A HB3  1 
ATOM   257  H HG2  . GLN A 1 18 ? 8.447   4.731   0.548   1.00 40.68  ?  17 GLN A HG2  1 
ATOM   258  H HG3  . GLN A 1 18 ? 7.638   3.958   1.670   1.00 40.68  ?  17 GLN A HG3  1 
ATOM   259  H HE21 . GLN A 1 18 ? 10.383  3.867   1.533   0.00 41.74  ?  17 GLN A HE21 1 
ATOM   260  H HE22 . GLN A 1 18 ? 10.829  2.479   1.230   0.00 41.74  ?  17 GLN A HE22 1 
ATOM   261  N N    . GLN A 1 19 ? 3.933   4.139   -1.354  1.00 33.43  ?  18 GLN A N    1 
ATOM   262  C CA   . GLN A 1 19 ? 2.969   4.075   -2.428  1.00 33.35  ?  18 GLN A CA   1 
ATOM   263  C C    . GLN A 1 19 ? 2.479   5.461   -2.797  1.00 33.43  ?  18 GLN A C    1 
ATOM   264  O O    . GLN A 1 19 ? 2.465   5.802   -3.949  1.00 32.78  ?  18 GLN A O    1 
ATOM   265  C CB   . GLN A 1 19 ? 1.803   3.193   -2.008  1.00 34.60  ?  18 GLN A CB   1 
ATOM   266  C CG   . GLN A 1 19 ? 0.848   2.814   -3.118  1.00 37.63  ?  18 GLN A CG   1 
ATOM   267  C CD   . GLN A 1 19 ? 1.522   2.123   -4.288  1.00 41.65  ?  18 GLN A CD   1 
ATOM   268  O OE1  . GLN A 1 19 ? 2.599   1.515   -4.145  1.00 41.21  ?  18 GLN A OE1  1 
ATOM   269  N NE2  . GLN A 1 19 ? 0.895   2.222   -5.465  1.00 40.44  ?  18 GLN A NE2  1 
ATOM   270  H H    . GLN A 1 19 ? 3.706   3.707   -0.645  1.00 33.14  ?  18 GLN A H    1 
ATOM   271  H HA   . GLN A 1 19 ? 3.403   3.686   -3.215  1.00 33.69  ?  18 GLN A HA   1 
ATOM   272  H HB2  . GLN A 1 19 ? 2.155   2.369   -1.638  1.00 34.25  ?  18 GLN A HB2  1 
ATOM   273  H HB3  . GLN A 1 19 ? 1.291   3.660   -1.330  1.00 34.25  ?  18 GLN A HB3  1 
ATOM   274  H HG2  . GLN A 1 19 ? 0.181   2.206   -2.761  1.00 37.91  ?  18 GLN A HG2  1 
ATOM   275  H HG3  . GLN A 1 19 ? 0.415   3.615   -3.452  1.00 37.91  ?  18 GLN A HG3  1 
ATOM   276  H HE21 . GLN A 1 19 ? 0.123   2.669   -5.528  0.00 40.91  ?  18 GLN A HE21 1 
ATOM   277  H HE22 . GLN A 1 19 ? 1.192   1.858   -6.176  0.00 40.91  ?  18 GLN A HE22 1 
ATOM   278  N N    . HIS A 1 20 ? 2.108   6.270   -1.813  1.00 33.67  ?  19 HIS A N    1 
ATOM   279  C CA   . HIS A 1 20 ? 1.623   7.604   -2.085  1.00 35.32  ?  19 HIS A CA   1 
ATOM   280  C C    . HIS A 1 20 ? 2.716   8.440   -2.698  1.00 34.67  ?  19 HIS A C    1 
ATOM   281  O O    . HIS A 1 20 ? 2.469   9.208   -3.608  1.00 34.60  ?  19 HIS A O    1 
ATOM   282  C CB   . HIS A 1 20 ? 1.085   8.303   -0.811  1.00 38.17  ?  19 HIS A CB   1 
ATOM   283  C CG   . HIS A 1 20 ? -0.166  7.682   -0.229  1.00 46.22  ?  19 HIS A CG   1 
ATOM   284  N ND1  . HIS A 1 20 ? -0.421  7.651   1.128   1.00 56.02  ?  19 HIS A ND1  1 
ATOM   285  C CD2  . HIS A 1 20 ? -1.217  7.052   -0.816  1.00 55.42  ?  19 HIS A CD2  1 
ATOM   286  C CE1  . HIS A 1 20 ? -1.568  7.032   1.351   1.00 58.05  ?  19 HIS A CE1  1 
ATOM   287  N NE2  . HIS A 1 20 ? -2.071  6.658   0.189   1.00 59.02  ?  19 HIS A NE2  1 
ATOM   288  H H    . HIS A 1 20 ? 2.130   6.063   -0.979  1.00 34.08  ?  19 HIS A H    1 
ATOM   289  H HA   . HIS A 1 20 ? 0.886   7.551   -2.730  1.00 35.47  ?  19 HIS A HA   1 
ATOM   290  H HB2  . HIS A 1 20 ? 1.773   8.263   -0.128  1.00 37.44  ?  19 HIS A HB2  1 
ATOM   291  H HB3  . HIS A 1 20 ? 0.891   9.230   -1.019  1.00 37.44  ?  19 HIS A HB3  1 
ATOM   292  H HD1  . HIS A 1 20 ? 0.105   7.947   1.739   0.00 55.52  ?  19 HIS A HD1  1 
ATOM   293  H HD2  . HIS A 1 20 ? -1.334  6.909   -1.727  1.00 54.15  ?  19 HIS A HD2  1 
ATOM   294  H HE1  . HIS A 1 20 ? -1.957  6.891   2.184   1.00 57.84  ?  19 HIS A HE1  1 
ATOM   295  H HE2  . HIS A 1 20 ? -2.824  6.258   0.070   0.00 58.73  ?  19 HIS A HE2  1 
ATOM   296  N N    . LEU A 1 21 ? 3.927   8.309   -2.186  1.00 34.72  ?  20 LEU A N    1 
ATOM   297  C CA   . LEU A 1 21 ? 5.077   9.029   -2.726  1.00 34.61  ?  20 LEU A CA   1 
ATOM   298  C C    . LEU A 1 21 ? 5.392   8.640   -4.200  1.00 35.37  ?  20 LEU A C    1 
ATOM   299  O O    . LEU A 1 21 ? 5.781   9.473   -4.997  1.00 32.77  ?  20 LEU A O    1 
ATOM   300  C CB   . LEU A 1 21 ? 6.295   8.734   -1.839  1.00 35.50  ?  20 LEU A CB   1 
ATOM   301  C CG   . LEU A 1 21 ? 7.193   9.882   -1.414  1.00 39.00  ?  20 LEU A CG   1 
ATOM   302  C CD1  . LEU A 1 21 ? 8.567   9.366   -1.108  1.00 40.41  ?  20 LEU A CD1  1 
ATOM   303  C CD2  . LEU A 1 21 ? 7.244   10.926  -2.515  1.00 43.02  ?  20 LEU A CD2  1 
ATOM   304  H H    . LEU A 1 21 ? 4.108   7.802   -1.516  1.00 34.71  ?  20 LEU A H    1 
ATOM   305  H HA   . LEU A 1 21 ? 4.884   9.989   -2.695  1.00 35.01  ?  20 LEU A HA   1 
ATOM   306  H HB2  . LEU A 1 21 ? 5.990   8.326   -1.016  1.00 35.41  ?  20 LEU A HB2  1 
ATOM   307  H HB3  . LEU A 1 21 ? 6.856   8.097   -2.308  1.00 35.41  ?  20 LEU A HB3  1 
ATOM   308  H HG   . LEU A 1 21 ? 6.834   10.295  -0.613  1.00 39.41  ?  20 LEU A HG   1 
ATOM   309  H HD11 . LEU A 1 21 ? 9.126   10.103  -0.846  0.00 40.72  ?  20 LEU A HD11 1 
ATOM   310  H HD12 . LEU A 1 21 ? 8.931   8.955   -1.902  0.00 40.72  ?  20 LEU A HD12 1 
ATOM   311  H HD13 . LEU A 1 21 ? 8.515   8.726   -0.402  0.00 40.72  ?  20 LEU A HD13 1 
ATOM   312  H HD21 . LEU A 1 21 ? 7.590   10.552  -3.312  0.00 42.46  ?  20 LEU A HD21 1 
ATOM   313  H HD22 . LEU A 1 21 ? 7.807   11.663  -2.222  0.00 42.46  ?  20 LEU A HD22 1 
ATOM   314  H HD23 . LEU A 1 21 ? 6.349   11.272  -2.666  0.00 42.46  ?  20 LEU A HD23 1 
ATOM   315  N N    . LEU A 1 22 ? 5.279   7.352   -4.523  1.00 36.72  ?  21 LEU A N    1 
ATOM   316  C CA   . LEU A 1 22 ? 5.357   6.869   -5.894  1.00 39.69  ?  21 LEU A CA   1 
ATOM   317  C C    . LEU A 1 22 ? 4.319   7.548   -6.766  1.00 43.23  ?  21 LEU A C    1 
ATOM   318  O O    . LEU A 1 22 ? 4.655   8.112   -7.782  1.00 46.31  ?  21 LEU A O    1 
ATOM   319  C CB   . LEU A 1 22 ? 5.103   5.368   -5.958  1.00 40.01  ?  21 LEU A CB   1 
ATOM   320  C CG   . LEU A 1 22 ? 6.242   4.433   -6.294  1.00 41.01  ?  21 LEU A CG   1 
ATOM   321  C CD1  . LEU A 1 22 ? 5.851   2.984   -5.988  1.00 41.01  ?  21 LEU A CD1  1 
ATOM   322  C CD2  . LEU A 1 22 ? 6.570   4.611   -7.744  1.00 40.35  ?  21 LEU A CD2  1 
ATOM   323  H H    . LEU A 1 22 ? 5.161   6.733   -3.940  1.00 37.18  ?  21 LEU A H    1 
ATOM   324  H HA   . LEU A 1 22 ? 6.247   7.054   -6.260  1.00 39.91  ?  21 LEU A HA   1 
ATOM   325  H HB2  . LEU A 1 22 ? 4.757   5.077   -5.100  1.00 39.98  ?  21 LEU A HB2  1 
ATOM   326  H HB3  . LEU A 1 22 ? 4.419   5.206   -6.629  1.00 39.98  ?  21 LEU A HB3  1 
ATOM   327  H HG   . LEU A 1 22 ? 7.022   4.664   -5.767  1.00 40.73  ?  21 LEU A HG   1 
ATOM   328  H HD11 . LEU A 1 22 ? 6.604   2.410   -6.200  0.00 40.80  ?  21 LEU A HD11 1 
ATOM   329  H HD12 . LEU A 1 22 ? 5.097   2.740   -6.502  0.00 40.80  ?  21 LEU A HD12 1 
ATOM   330  H HD13 . LEU A 1 22 ? 5.665   2.908   -5.047  0.00 40.80  ?  21 LEU A HD13 1 
ATOM   331  H HD21 . LEU A 1 22 ? 5.810   4.378   -8.275  0.00 39.91  ?  21 LEU A HD21 1 
ATOM   332  H HD22 . LEU A 1 22 ? 7.306   4.008   -7.972  0.00 39.91  ?  21 LEU A HD22 1 
ATOM   333  H HD23 . LEU A 1 22 ? 6.839   5.508   -7.906  0.00 39.91  ?  21 LEU A HD23 1 
ATOM   334  N N    . GLN A 1 23 ? 3.050   7.473   -6.381  1.00 45.98  ?  22 GLN A N    1 
ATOM   335  C CA   . GLN A 1 23 ? 1.995   8.169   -7.102  1.00 48.66  ?  22 GLN A CA   1 
ATOM   336  C C    . GLN A 1 23 ? 2.333   9.660   -7.393  1.00 49.22  ?  22 GLN A C    1 
ATOM   337  O O    . GLN A 1 23 ? 2.103   10.129  -8.488  1.00 48.86  ?  22 GLN A O    1 
ATOM   338  C CB   . GLN A 1 23 ? 0.636   7.983   -6.391  1.00 49.30  ?  22 GLN A CB   1 
ATOM   339  C CG   . GLN A 1 23 ? -0.228  6.829   -6.998  1.00 57.24  ?  22 GLN A CG   1 
ATOM   340  C CD   . GLN A 1 23 ? -0.941  5.946   -5.944  1.00 67.12  ?  22 GLN A CD   1 
ATOM   341  O OE1  . GLN A 1 23 ? -1.357  6.431   -4.889  1.00 75.32  ?  22 GLN A OE1  1 
ATOM   342  N NE2  . GLN A 1 23 ? -1.088  4.648   -6.243  1.00 68.41  ?  22 GLN A NE2  1 
ATOM   343  H H    . GLN A 1 23 ? 2.782   7.019   -5.701  1.00 46.00  ?  22 GLN A H    1 
ATOM   344  H HA   . GLN A 1 23 ? 1.916   7.741   -7.980  1.00 48.39  ?  22 GLN A HA   1 
ATOM   345  H HB2  . GLN A 1 23 ? 0.787   7.791   -5.453  1.00 49.90  ?  22 GLN A HB2  1 
ATOM   346  H HB3  . GLN A 1 23 ? 0.123   8.802   -6.475  1.00 49.90  ?  22 GLN A HB3  1 
ATOM   347  H HG2  . GLN A 1 23 ? -0.910  7.218   -7.568  1.00 57.74  ?  22 GLN A HG2  1 
ATOM   348  H HG3  . GLN A 1 23 ? 0.343   6.246   -7.522  1.00 57.74  ?  22 GLN A HG3  1 
ATOM   349  H HE21 . GLN A 1 23 ? -0.749  4.312   -6.899  0.00 66.91  ?  22 GLN A HE21 1 
ATOM   350  H HE22 . GLN A 1 23 ? -1.480  4.146   -5.613  0.00 66.91  ?  22 GLN A HE22 1 
ATOM   351  N N    . LEU A 1 24 ? 2.915   10.390  -6.450  1.00 51.23  ?  23 LEU A N    1 
ATOM   352  C CA   . LEU A 1 24 ? 3.324   11.780  -6.724  1.00 52.27  ?  23 LEU A CA   1 
ATOM   353  C C    . LEU A 1 24 ? 4.476   11.839  -7.720  1.00 54.73  ?  23 LEU A C    1 
ATOM   354  O O    . LEU A 1 24 ? 4.622   12.791  -8.468  1.00 57.57  ?  23 LEU A O    1 
ATOM   355  C CB   . LEU A 1 24 ? 3.719   12.494  -5.444  1.00 51.13  ?  23 LEU A CB   1 
ATOM   356  C CG   . LEU A 1 24 ? 2.570   12.606  -4.439  1.00 50.40  ?  23 LEU A CG   1 
ATOM   357  C CD1  . LEU A 1 24 ? 3.082   12.968  -3.049  1.00 44.60  ?  23 LEU A CD1  1 
ATOM   358  C CD2  . LEU A 1 24 ? 1.539   13.610  -4.911  1.00 52.07  ?  23 LEU A CD2  1 
ATOM   359  H H    . LEU A 1 24 ? 3.092   10.109  -5.657  1.00 51.01  ?  23 LEU A H    1 
ATOM   360  H HA   . LEU A 1 24 ? 2.566   12.265  -7.114  1.00 52.37  ?  23 LEU A HA   1 
ATOM   361  H HB2  . LEU A 1 24 ? 4.441   12.002  -5.021  1.00 51.78  ?  23 LEU A HB2  1 
ATOM   362  H HB3  . LEU A 1 24 ? 4.014   13.391  -5.661  1.00 51.78  ?  23 LEU A HB3  1 
ATOM   363  H HG   . LEU A 1 24 ? 2.125   11.749  -4.368  1.00 49.79  ?  23 LEU A HG   1 
ATOM   364  H HD11 . LEU A 1 24 ? 2.346   13.036  -2.445  0.00 46.83  ?  23 LEU A HD11 1 
ATOM   365  H HD12 . LEU A 1 24 ? 3.536   13.825  -3.105  0.00 46.83  ?  23 LEU A HD12 1 
ATOM   366  H HD13 . LEU A 1 24 ? 3.704   12.304  -2.746  0.00 46.83  ?  23 LEU A HD13 1 
ATOM   367  H HD21 . LEU A 1 24 ? 1.940   14.444  -5.009  0.00 53.26  ?  23 LEU A HD21 1 
ATOM   368  H HD22 . LEU A 1 24 ? 0.830   13.630  -4.254  0.00 53.26  ?  23 LEU A HD22 1 
ATOM   369  H HD23 . LEU A 1 24 ? 1.180   13.283  -5.748  0.00 53.26  ?  23 LEU A HD23 1 
ATOM   370  N N    . THR A 1 25 ? 5.297   10.811  -7.730  1.00 56.38  ?  24 THR A N    1 
ATOM   371  C CA   . THR A 1 25 ? 6.377   10.706  -8.692  1.00 57.26  ?  24 THR A CA   1 
ATOM   372  C C    . THR A 1 25 ? 5.880   10.348  -10.106 1.00 60.81  ?  24 THR A C    1 
ATOM   373  O O    . THR A 1 25 ? 6.289   10.962  -11.071 1.00 62.11  ?  24 THR A O    1 
ATOM   374  C CB   . THR A 1 25 ? 7.400   9.685   -8.191  1.00 56.59  ?  24 THR A CB   1 
ATOM   375  O OG1  . THR A 1 25 ? 8.345   10.354  -7.356  1.00 51.01  ?  24 THR A OG1  1 
ATOM   376  C CG2  . THR A 1 25 ? 8.092   8.988   -9.327  1.00 54.85  ?  24 THR A CG2  1 
ATOM   377  H H    . THR A 1 25 ? 5.254   10.156  -7.175  1.00 56.21  ?  24 THR A H    1 
ATOM   378  H HA   . THR A 1 25 ? 6.834   11.571  -8.753  1.00 57.71  ?  24 THR A HA   1 
ATOM   379  H HB   . THR A 1 25 ? 6.957   9.004   -7.664  1.00 56.20  ?  24 THR A HB   1 
ATOM   380  H HG1  . THR A 1 25 ? 8.919   9.795   -7.097  0.00 52.54  ?  24 THR A HG1  1 
ATOM   381  H HG21 . THR A 1 25 ? 7.474   8.545   -9.905  0.00 56.01  ?  24 THR A HG21 1 
ATOM   382  H HG22 . THR A 1 25 ? 8.749   8.363   -9.021  0.00 56.01  ?  24 THR A HG22 1 
ATOM   383  H HG23 . THR A 1 25 ? 8.578   9.653   -9.887  0.00 56.01  ?  24 THR A HG23 1 
ATOM   384  N N    . VAL A 1 26 ? 5.012   9.355   -10.237 1.00 64.07  ?  25 VAL A N    1 
ATOM   385  C CA   . VAL A 1 26 ? 4.366   9.097   -11.508 1.00 66.69  ?  25 VAL A CA   1 
ATOM   386  C C    . VAL A 1 26 ? 3.641   10.377  -11.960 1.00 71.01  ?  25 VAL A C    1 
ATOM   387  O O    . VAL A 1 26 ? 3.616   10.669  -13.140 1.00 72.21  ?  25 VAL A O    1 
ATOM   388  C CB   . VAL A 1 26 ? 3.382   7.883   -11.434 1.00 67.37  ?  25 VAL A CB   1 
ATOM   389  C CG1  . VAL A 1 26 ? 2.377   7.901   -12.561 1.00 66.37  ?  25 VAL A CG1  1 
ATOM   390  C CG2  . VAL A 1 26 ? 4.128   6.558   -11.460 1.00 65.94  ?  25 VAL A CG2  1 
ATOM   391  H H    . VAL A 1 26 ? 4.785   8.819   -9.602  1.00 63.93  ?  25 VAL A H    1 
ATOM   392  H HA   . VAL A 1 26 ? 5.051   8.886   -12.177 1.00 67.22  ?  25 VAL A HA   1 
ATOM   393  H HB   . VAL A 1 26 ? 2.883   7.929   -10.591 1.00 66.77  ?  25 VAL A HB   1 
ATOM   394  H HG11 . VAL A 1 26 ? 1.788   7.165   -12.471 0.00 66.40  ?  25 VAL A HG11 1 
ATOM   395  H HG12 . VAL A 1 26 ? 2.838   7.880   -13.400 0.00 66.40  ?  25 VAL A HG12 1 
ATOM   396  H HG13 . VAL A 1 26 ? 1.860   8.734   -12.513 0.00 66.40  ?  25 VAL A HG13 1 
ATOM   397  H HG21 . VAL A 1 26 ? 4.629   6.518   -12.266 0.00 66.08  ?  25 VAL A HG21 1 
ATOM   398  H HG22 . VAL A 1 26 ? 3.493   5.864   -11.400 0.00 66.08  ?  25 VAL A HG22 1 
ATOM   399  H HG23 . VAL A 1 26 ? 4.720   6.551   -10.696 0.00 66.08  ?  25 VAL A HG23 1 
ATOM   400  N N    . TRP A 1 27 ? 3.089   11.156  -11.031 1.00 75.74  ?  26 TRP A N    1 
ATOM   401  C CA   . TRP A 1 27 ? 2.399   12.412  -11.375 1.00 79.71  ?  26 TRP A CA   1 
ATOM   402  C C    . TRP A 1 27 ? 3.342   13.422  -12.017 1.00 81.19  ?  26 TRP A C    1 
ATOM   403  O O    . TRP A 1 27 ? 2.981   14.055  -13.001 1.00 83.04  ?  26 TRP A O    1 
ATOM   404  C CB   . TRP A 1 27 ? 1.707   13.012  -10.133 1.00 81.50  ?  26 TRP A CB   1 
ATOM   405  C CG   . TRP A 1 27 ? 1.267   14.493  -10.194 1.00 90.30  ?  26 TRP A CG   1 
ATOM   406  C CD1  . TRP A 1 27 ? 0.082   14.979  -10.687 1.00 96.78  ?  26 TRP A CD1  1 
ATOM   407  C CD2  . TRP A 1 27 ? 1.982   15.642  -9.679  1.00 101.38 ?  26 TRP A CD2  1 
ATOM   408  N NE1  . TRP A 1 27 ? 0.026   16.348  -10.538 1.00 101.32 ?  26 TRP A NE1  1 
ATOM   409  C CE2  . TRP A 1 27 ? 1.174   16.782  -9.923  1.00 105.18 ?  26 TRP A CE2  1 
ATOM   410  C CE3  . TRP A 1 27 ? 3.230   15.819  -9.046  1.00 105.06 ?  26 TRP A CE3  1 
ATOM   411  C CZ2  . TRP A 1 27 ? 1.577   18.089  -9.556  1.00 108.21 ?  26 TRP A CZ2  1 
ATOM   412  C CZ3  . TRP A 1 27 ? 3.629   17.118  -8.679  1.00 106.74 ?  26 TRP A CZ3  1 
ATOM   413  C CH2  . TRP A 1 27 ? 2.803   18.232  -8.940  1.00 108.59 ?  26 TRP A CH2  1 
ATOM   414  H H    . TRP A 1 27 ? 3.088   10.978  -10.189 1.00 75.57  ?  26 TRP A H    1 
ATOM   415  H HA   . TRP A 1 27 ? 1.698   12.211  -12.029 1.00 79.59  ?  26 TRP A HA   1 
ATOM   416  H HB2  . TRP A 1 27 ? 0.910   12.488  -9.957  1.00 81.49  ?  26 TRP A HB2  1 
ATOM   417  H HB3  . TRP A 1 27 ? 2.309   12.933  -9.379  1.00 81.49  ?  26 TRP A HB3  1 
ATOM   418  H HD1  . TRP A 1 27 ? -0.582  14.460  -11.081 1.00 96.35  ?  26 TRP A HD1  1 
ATOM   419  H HE1  . TRP A 1 27 ? -0.623  16.851  -10.793 1.00 101.18 ?  26 TRP A HE1  1 
ATOM   420  H HE3  . TRP A 1 27 ? 3.778   15.092  -8.869  1.00 104.61 ?  26 TRP A HE3  1 
ATOM   421  H HZ2  . TRP A 1 27 ? 1.029   18.822  -9.714  1.00 107.61 ?  26 TRP A HZ2  1 
ATOM   422  H HZ3  . TRP A 1 27 ? 4.452   17.245  -8.262  1.00 106.80 ?  26 TRP A HZ3  1 
ATOM   423  H HH2  . TRP A 1 27 ? 3.090   19.080  -8.692  1.00 108.08 ?  26 TRP A HH2  1 
ATOM   424  N N    . GLY A 1 28 ? 4.545   13.569  -11.466 1.00 83.32  ?  27 GLY A N    1 
ATOM   425  C CA   . GLY A 1 28 ? 5.550   14.482  -12.029 1.00 83.63  ?  27 GLY A CA   1 
ATOM   426  C C    . GLY A 1 28 ? 5.919   14.112  -13.454 1.00 84.22  ?  27 GLY A C    1 
ATOM   427  O O    . GLY A 1 28 ? 5.997   14.975  -14.315 1.00 82.86  ?  27 GLY A O    1 
ATOM   428  H H    . GLY A 1 28 ? 4.811   13.155  -10.761 1.00 82.86  ?  27 GLY A H    1 
ATOM   429  H HA2  . GLY A 1 28 ? 5.204   15.388  -12.025 1.00 83.73  ?  27 GLY A HA2  1 
ATOM   430  H HA3  . GLY A 1 28 ? 6.353   14.455  -11.487 1.00 83.73  ?  27 GLY A HA3  1 
ATOM   431  N N    . ILE A 1 29 ? 6.126   12.817  -13.693 1.00 86.63  ?  28 ILE A N    1 
ATOM   432  C CA   . ILE A 1 29 ? 6.469   12.288  -15.020 1.00 88.95  ?  28 ILE A CA   1 
ATOM   433  C C    . ILE A 1 29 ? 5.368   12.550  -16.041 1.00 91.21  ?  28 ILE A C    1 
ATOM   434  O O    . ILE A 1 29 ? 5.647   13.081  -17.111 1.00 93.26  ?  28 ILE A O    1 
ATOM   435  C CB   . ILE A 1 29 ? 6.752   10.759  -15.004 1.00 89.00  ?  28 ILE A CB   1 
ATOM   436  C CG1  . ILE A 1 29 ? 8.001   10.450  -14.187 1.00 89.69  ?  28 ILE A CG1  1 
ATOM   437  C CG2  . ILE A 1 29 ? 6.942   10.217  -16.424 1.00 88.71  ?  28 ILE A CG2  1 
ATOM   438  C CD1  . ILE A 1 29 ? 8.500   9.032   -14.369 1.00 91.16  ?  28 ILE A CD1  1 
ATOM   439  H H    . ILE A 1 29 ? 6.071   12.208  -13.089 1.00 86.63  ?  28 ILE A H    1 
ATOM   440  H HA   . ILE A 1 29 ? 7.281   12.740  -15.335 1.00 88.97  ?  28 ILE A HA   1 
ATOM   441  H HB   . ILE A 1 29 ? 5.995   10.308  -14.598 1.00 89.04  ?  28 ILE A HB   1 
ATOM   442  H HG12 . ILE A 1 29 ? 8.712   11.051  -14.457 1.00 89.91  ?  28 ILE A HG12 1 
ATOM   443  H HG13 . ILE A 1 29 ? 7.802   10.576  -13.246 1.00 89.91  ?  28 ILE A HG13 1 
ATOM   444  H HG21 . ILE A 1 29 ? 6.160   10.393  -16.950 0.00 87.40  ?  28 ILE A HG21 1 
ATOM   445  H HG22 . ILE A 1 29 ? 7.122   9.282   -16.392 0.00 87.40  ?  28 ILE A HG22 1 
ATOM   446  H HG23 . ILE A 1 29 ? 7.704   10.675  -16.832 0.00 87.40  ?  28 ILE A HG23 1 
ATOM   447  H HD11 . ILE A 1 29 ? 9.231   8.872   -13.790 0.00 89.30  ?  28 ILE A HD11 1 
ATOM   448  H HD12 . ILE A 1 29 ? 8.662   8.837   -15.255 0.00 89.30  ?  28 ILE A HD12 1 
ATOM   449  H HD13 . ILE A 1 29 ? 7.749   8.420   -14.044 0.00 89.30  ?  28 ILE A HD13 1 
ATOM   450  N N    . LYS A 1 30 ? 4.130   12.171  -15.729 1.00 92.94  ?  29 LYS A N    1 
ATOM   451  C CA   . LYS A 1 30 ? 3.002   12.471  -16.617 1.00 93.74  ?  29 LYS A CA   1 
ATOM   452  C C    . LYS A 1 30 ? 2.818   14.002  -16.767 1.00 95.84  ?  29 LYS A C    1 
ATOM   453  O O    . LYS A 1 30 ? 2.416   14.464  -17.834 1.00 97.17  ?  29 LYS A O    1 
ATOM   454  C CB   . LYS A 1 30 ? 1.705   11.780  -16.150 1.00 93.51  ?  29 LYS A CB   1 
ATOM   455  C CG   . LYS A 1 30 ? 1.609   10.292  -16.493 1.00 90.50  ?  29 LYS A CG   1 
ATOM   456  H H    . LYS A 1 30 ? 3.920   11.740  -15.015 1.00 92.71  ?  29 LYS A H    1 
ATOM   457  H HA   . LYS A 1 30 ? 3.208   12.117  -17.507 1.00 93.98  ?  29 LYS A HA   1 
ATOM   458  H HB2  . LYS A 1 30 ? 1.634   11.865  -15.186 1.00 93.31  ?  29 LYS A HB2  1 
ATOM   459  H HB3  . LYS A 1 30 ? 0.950   12.222  -16.570 1.00 93.31  ?  29 LYS A HB3  1 
ATOM   460  H HG2  . LYS A 1 30 ? 1.673   10.188  -17.477 0.00 88.86  ?  29 LYS A HG2  1 
ATOM   461  H HG3  . LYS A 1 30 ? 2.367   9.834   -16.074 0.00 88.86  ?  29 LYS A HG3  1 
ATOM   462  N N    . GLN A 1 31 ? 3.145   14.777  -15.727 1.00 97.27  ?  30 GLN A N    1 
ATOM   463  C CA   . GLN A 1 31 ? 3.113   16.255  -15.795 1.00 98.51  ?  30 GLN A CA   1 
ATOM   464  C C    . GLN A 1 31 ? 4.200   16.852  -16.721 1.00 98.95  ?  30 GLN A C    1 
ATOM   465  O O    . GLN A 1 31 ? 4.119   18.020  -17.117 1.00 99.78  ?  30 GLN A O    1 
ATOM   466  C CB   . GLN A 1 31 ? 3.216   16.851  -14.380 1.00 98.98  ?  30 GLN A CB   1 
ATOM   467  C CG   . GLN A 1 31 ? 3.183   18.384  -14.296 1.00 99.92  ?  30 GLN A CG   1 
ATOM   468  C CD   . GLN A 1 31 ? 2.544   18.891  -13.000 1.00 102.64 ?  30 GLN A CD   1 
ATOM   469  O OE1  . GLN A 1 31 ? 1.426   18.498  -12.654 1.00 103.25 ?  30 GLN A OE1  1 
ATOM   470  N NE2  . GLN A 1 31 ? 3.246   19.777  -12.289 1.00 102.02 ?  30 GLN A NE2  1 
ATOM   471  H H    . GLN A 1 31 ? 3.389   14.473  -14.959 1.00 97.24  ?  30 GLN A H    1 
ATOM   472  H HA   . GLN A 1 31 ? 2.243   16.525  -16.158 1.00 98.46  ?  30 GLN A HA   1 
ATOM   473  H HB2  . GLN A 1 31 ? 2.476   16.507  -13.857 1.00 98.83  ?  30 GLN A HB2  1 
ATOM   474  H HB3  . GLN A 1 31 ? 4.051   16.561  -13.984 1.00 98.83  ?  30 GLN A HB3  1 
ATOM   475  H HG2  . GLN A 1 31 ? 4.090   18.723  -14.340 1.00 100.36 ?  30 GLN A HG2  1 
ATOM   476  H HG3  . GLN A 1 31 ? 2.662   18.730  -15.036 1.00 100.36 ?  30 GLN A HG3  1 
ATOM   477  H HE21 . GLN A 1 31 ? 4.067   20.016  -12.574 0.00 100.06 ?  30 GLN A HE21 1 
ATOM   478  H HE22 . GLN A 1 31 ? 2.976   20.067  -11.562 0.00 100.06 ?  30 GLN A HE22 1 
ATOM   479  N N    . LEU A 1 32 ? 5.211   16.053  -17.060 1.00 98.93  ?  31 LEU A N    1 
ATOM   480  C CA   . LEU A 1 32 ? 6.236   16.440  -18.036 1.00 98.58  ?  31 LEU A CA   1 
ATOM   481  C C    . LEU A 1 32 ? 6.130   15.580  -19.308 1.00 98.70  ?  31 LEU A C    1 
ATOM   482  O O    . LEU A 1 32 ? 7.105   14.970  -19.747 1.00 98.00  ?  31 LEU A O    1 
ATOM   483  C CB   . LEU A 1 32 ? 7.636   16.340  -17.402 1.00 98.26  ?  31 LEU A CB   1 
ATOM   484  C CG   . LEU A 1 32 ? 8.186   17.567  -16.653 1.00 97.25  ?  31 LEU A CG   1 
ATOM   485  C CD1  . LEU A 1 32 ? 7.134   18.280  -15.779 1.00 96.35  ?  31 LEU A CD1  1 
ATOM   486  C CD2  . LEU A 1 32 ? 9.398   17.149  -15.834 1.00 92.78  ?  31 LEU A CD2  1 
ATOM   487  H H    . LEU A 1 32 ? 5.340   15.272  -16.730 1.00 98.86  ?  31 LEU A H    1 
ATOM   488  H HA   . LEU A 1 32 ? 6.105   17.373  -18.304 1.00 98.63  ?  31 LEU A HA   1 
ATOM   489  H HB2  . LEU A 1 32 ? 7.628   15.603  -16.771 1.00 98.36  ?  31 LEU A HB2  1 
ATOM   490  H HB3  . LEU A 1 32 ? 8.281   16.148  -18.100 1.00 98.36  ?  31 LEU A HB3  1 
ATOM   491  H HG   . LEU A 1 32 ? 8.493   18.209  -17.311 1.00 96.44  ?  31 LEU A HG   1 
ATOM   492  H HD11 . LEU A 1 32 ? 7.523   19.025  -15.338 0.00 95.05  ?  31 LEU A HD11 1 
ATOM   493  H HD12 . LEU A 1 32 ? 6.817   17.638  -15.113 0.00 95.05  ?  31 LEU A HD12 1 
ATOM   494  H HD13 . LEU A 1 32 ? 6.390   18.554  -16.319 0.00 95.05  ?  31 LEU A HD13 1 
ATOM   495  H HD21 . LEU A 1 32 ? 9.170   16.518  -15.223 0.00 91.98  ?  31 LEU A HD21 1 
ATOM   496  H HD22 . LEU A 1 32 ? 9.739   17.973  -15.392 0.00 91.98  ?  31 LEU A HD22 1 
ATOM   497  H HD23 . LEU A 1 32 ? 10.084  16.865  -16.455 0.00 91.98  ?  31 LEU A HD23 1 
ATOM   498  N N    . GLN A 1 33 ? 4.932   15.538  -19.887 1.00 99.24  ?  32 GLN A N    1 
ATOM   499  C CA   . GLN A 1 33 ? 4.691   14.844  -21.158 1.00 99.54  ?  32 GLN A CA   1 
ATOM   500  C C    . GLN A 1 33 ? 3.585   15.559  -21.944 1.00 99.97  ?  32 GLN A C    1 
ATOM   501  O O    . GLN A 1 33 ? 3.854   16.408  -22.802 1.00 100.20 ?  32 GLN A O    1 
ATOM   502  C CB   . GLN A 1 33 ? 4.306   13.371  -20.925 1.00 99.59  ?  32 GLN A CB   1 
ATOM   503  C CG   . GLN A 1 33 ? 5.488   12.388  -20.767 1.00 99.28  ?  32 GLN A CG   1 
ATOM   504  C CD   . GLN A 1 33 ? 5.061   10.907  -20.823 1.00 98.63  ?  32 GLN A CD   1 
ATOM   505  O OE1  . GLN A 1 33 ? 4.160   10.540  -21.575 1.00 99.02  ?  32 GLN A OE1  1 
ATOM   506  N NE2  . GLN A 1 33 ? 5.720   10.059  -20.030 1.00 95.17  ?  32 GLN A NE2  1 
ATOM   507  H H    . GLN A 1 33 ? 4.228   15.906  -19.558 1.00 99.20  ?  32 GLN A H    1 
ATOM   508  H HA   . GLN A 1 33 ? 5.505   14.864  -21.705 1.00 99.60  ?  32 GLN A HA   1 
ATOM   509  H HB2  . GLN A 1 33 ? 3.775   13.318  -20.115 1.00 99.54  ?  32 GLN A HB2  1 
ATOM   510  H HB3  . GLN A 1 33 ? 3.775   13.071  -21.679 1.00 99.54  ?  32 GLN A HB3  1 
ATOM   511  H HG2  . GLN A 1 33 ? 6.123   12.542  -21.484 1.00 99.23  ?  32 GLN A HG2  1 
ATOM   512  H HG3  . GLN A 1 33 ? 5.914   12.543  -19.910 1.00 99.23  ?  32 GLN A HG3  1 
ATOM   513  H HE21 . GLN A 1 33 ? 6.338   10.377  -19.520 0.00 94.61  ?  32 GLN A HE21 1 
ATOM   514  H HE22 . GLN A 1 33 ? 5.512   9.254   -20.046 0.00 94.61  ?  32 GLN A HE22 1 
ATOM   515  N N    . TRP B 2 4  ? -0.312  5.269   -24.849 1.00 77.42  ?  3  TRP B N    1 
ATOM   516  C CA   . TRP B 2 4  ? -0.395  6.523   -24.104 1.00 77.28  ?  3  TRP B CA   1 
ATOM   517  C C    . TRP B 2 4  ? -1.439  6.396   -22.987 1.00 76.67  ?  3  TRP B C    1 
ATOM   518  O O    . TRP B 2 4  ? -1.203  5.644   -22.046 1.00 77.42  ?  3  TRP B O    1 
ATOM   519  C CB   . TRP B 2 4  ? -0.678  7.710   -25.036 1.00 77.66  ?  3  TRP B CB   1 
ATOM   520  H H    . TRP B 2 4  ? -1.072  4.974   -25.126 1.00 77.39  ?  3  TRP B H    1 
ATOM   521  H HA   . TRP B 2 4  ? 0.472   6.687   -23.678 1.00 77.28  ?  3  TRP B HA   1 
ATOM   522  H HB2  . TRP B 2 4  ? 0.036   7.816   -25.673 0.00 76.76  ?  3  TRP B HB2  1 
ATOM   523  H HB3  . TRP B 2 4  ? -1.523  7.683   -25.441 0.00 76.76  ?  3  TRP B HB3  1 
ATOM   524  N N    . GLU B 2 5  ? -2.590  7.077   -23.088 1.00 75.51  ?  4  GLU B N    1 
ATOM   525  C CA   . GLU B 2 5  ? -3.549  7.173   -21.952 1.00 74.54  ?  4  GLU B CA   1 
ATOM   526  C C    . GLU B 2 5  ? -4.335  5.881   -21.650 1.00 73.32  ?  4  GLU B C    1 
ATOM   527  O O    . GLU B 2 5  ? -5.335  5.889   -20.917 1.00 73.40  ?  4  GLU B O    1 
ATOM   528  C CB   . GLU B 2 5  ? -4.525  8.334   -22.164 1.00 74.53  ?  4  GLU B CB   1 
ATOM   529  H H    . GLU B 2 5  ? -2.855  7.486   -23.796 1.00 75.58  ?  4  GLU B H    1 
ATOM   530  H HA   . GLU B 2 5  ? -3.035  7.386   -21.146 1.00 74.51  ?  4  GLU B HA   1 
ATOM   531  H HB2  . GLU B 2 5  ? -4.042  9.153   -22.229 0.00 73.73  ?  4  GLU B HB2  1 
ATOM   532  H HB3  . GLU B 2 5  ? -5.031  8.179   -22.975 0.00 73.73  ?  4  GLU B HB3  1 
HETATM 533  N N    . XCP B 2 6  ? -3.864  4.783   -22.226 1.00 71.48  ?  5  XCP B N    1 
HETATM 534  C CB   . XCP B 2 6  ? -4.478  3.472   -22.055 1.00 69.67  ?  5  XCP B CB   1 
HETATM 535  C CG   . XCP B 2 6  ? -5.768  3.223   -22.849 1.00 68.62  ?  5  XCP B CG   1 
HETATM 536  C CD   . XCP B 2 6  ? -5.839  1.688   -22.876 1.00 67.25  ?  5  XCP B CD   1 
HETATM 537  C CE   . XCP B 2 6  ? -4.383  1.193   -22.914 1.00 66.90  ?  5  XCP B CE   1 
HETATM 538  C CA   . XCP B 2 6  ? -3.489  2.413   -22.594 1.00 68.09  ?  5  XCP B CA   1 
HETATM 539  C C    . XCP B 2 6  ? -2.399  2.163   -21.555 1.00 66.96  ?  5  XCP B C    1 
HETATM 540  O O    . XCP B 2 6  ? -2.716  1.670   -20.500 1.00 68.64  ?  5  XCP B O    1 
HETATM 541  H H2   . XCP B 2 6  ? -3.172  4.804   -22.729 1.00 71.51  ?  5  XCP B H2   1 
HETATM 542  H HB   . XCP B 2 6  ? -4.651  3.313   -21.102 1.00 69.70  ?  5  XCP B HB   1 
HETATM 543  H HG   . XCP B 2 6  ? -5.693  3.585   -23.756 1.00 68.58  ?  5  XCP B HG   1 
HETATM 544  H HGA  . XCP B 2 6  ? -6.543  3.600   -22.383 1.00 68.58  ?  5  XCP B HGA  1 
HETATM 545  H HD   . XCP B 2 6  ? -6.320  1.385   -23.674 1.00 67.52  ?  5  XCP B HD   1 
HETATM 546  H HDA  . XCP B 2 6  ? -6.283  1.362   -22.068 1.00 67.52  ?  5  XCP B HDA  1 
HETATM 547  H HE   . XCP B 2 6  ? -4.170  0.850   -23.806 1.00 67.70  ?  5  XCP B HE   1 
HETATM 548  H HEA  . XCP B 2 6  ? -4.252  0.489   -22.246 1.00 67.70  ?  5  XCP B HEA  1 
HETATM 549  H HA   . XCP B 2 6  ? -3.082  2.732   -23.426 1.00 67.96  ?  5  XCP B HA   1 
ATOM   550  N N    . TRP B 2 7  ? -1.142  2.491   -21.842 1.00 64.81  ?  6  TRP B N    1 
ATOM   551  C CA   . TRP B 2 7  ? -0.080  2.263   -20.866 1.00 63.88  ?  6  TRP B CA   1 
ATOM   552  C C    . TRP B 2 7  ? -0.370  2.982   -19.555 1.00 63.16  ?  6  TRP B C    1 
ATOM   553  O O    . TRP B 2 7  ? -0.388  2.372   -18.502 1.00 61.23  ?  6  TRP B O    1 
ATOM   554  C CB   . TRP B 2 7  ? 1.281   2.702   -21.407 1.00 63.94  ?  6  TRP B CB   1 
ATOM   555  H H    . TRP B 2 7  ? -0.883  2.843   -22.582 1.00 65.16  ?  6  TRP B H    1 
ATOM   556  H HA   . TRP B 2 7  ? -0.030  1.303   -20.675 1.00 63.96  ?  6  TRP B HA   1 
ATOM   557  H HB2  . TRP B 2 7  ? 1.455   2.184   -22.214 0.00 63.76  ?  6  TRP B HB2  1 
ATOM   558  H HB3  . TRP B 2 7  ? 1.229   3.638   -21.634 0.00 63.76  ?  6  TRP B HB3  1 
ATOM   559  N N    . ASP B 2 8  ? -0.617  4.282   -19.629 1.00 63.46  ?  7  ASP B N    1 
ATOM   560  C CA   . ASP B 2 8  ? -0.722  5.109   -18.430 1.00 63.83  ?  7  ASP B CA   1 
ATOM   561  C C    . ASP B 2 8  ? -1.786  4.529   -17.521 1.00 61.30  ?  7  ASP B C    1 
ATOM   562  O O    . ASP B 2 8  ? -1.516  4.179   -16.377 1.00 64.19  ?  7  ASP B O    1 
ATOM   563  C CB   . ASP B 2 8  ? -1.079  6.575   -18.770 1.00 65.51  ?  7  ASP B CB   1 
ATOM   564  C CG   . ASP B 2 8  ? 0.096   7.376   -19.360 1.00 68.55  ?  7  ASP B CG   1 
ATOM   565  O OD1  . ASP B 2 8  ? 1.286   6.981   -19.209 1.00 73.94  ?  7  ASP B OD1  1 
ATOM   566  O OD2  . ASP B 2 8  ? -0.197  8.430   -19.975 1.00 73.55  -1 7  ASP B OD2  1 
ATOM   567  H H    . ASP B 2 8  ? -0.726  4.713   -20.366 1.00 63.51  ?  7  ASP B H    1 
ATOM   568  H HA   . ASP B 2 8  ? 0.131   5.095   -17.947 1.00 63.60  ?  7  ASP B HA   1 
ATOM   569  H HB2  . ASP B 2 8  ? -1.798  6.580   -19.418 1.00 64.88  ?  7  ASP B HB2  1 
ATOM   570  H HB3  . ASP B 2 8  ? -1.364  7.026   -17.960 1.00 64.88  ?  7  ASP B HB3  1 
HETATM 571  N N    . XPC B 2 9  ? -2.998  4.436   -18.052 1.00 58.18  ?  8  XPC B N    1 
HETATM 572  C CB   . XPC B 2 9  ? -4.142  3.897   -17.306 1.00 53.66  ?  8  XPC B CB   1 
HETATM 573  C CG   . XPC B 2 9  ? -5.409  4.729   -17.529 1.00 52.82  ?  8  XPC B CG   1 
HETATM 574  N ND   . XPC B 2 9  ? -6.589  3.749   -17.503 1.00 51.16  ?  8  XPC B ND   1 
HETATM 575  C CE   . XPC B 2 9  ? -5.988  2.342   -17.643 1.00 50.26  ?  8  XPC B CE   1 
HETATM 576  C CA   . XPC B 2 9  ? -4.469  2.486   -17.833 1.00 49.88  ?  8  XPC B CA   1 
HETATM 577  C C    . XPC B 2 9  ? -3.683  1.395   -17.106 1.00 46.37  ?  8  XPC B C    1 
HETATM 578  O O    . XPC B 2 9  ? -3.815  1.257   -15.905 1.00 46.16  ?  8  XPC B O    1 
HETATM 579  H H2   . XPC B 2 9  ? -3.153  4.692   -18.858 1.00 57.84  ?  8  XPC B H2   1 
HETATM 580  H HB   . XPC B 2 9  ? -3.945  3.860   -16.347 1.00 53.91  ?  8  XPC B HB   1 
HETATM 581  H HG   . XPC B 2 9  ? -5.370  5.183   -18.395 1.00 52.66  ?  8  XPC B HG   1 
HETATM 582  H HGA  . XPC B 2 9  ? -5.507  5.388   -16.809 1.00 52.66  ?  8  XPC B HGA  1 
HETATM 583  H HND  . XPC B 2 9  ? -7.073  3.826   -16.655 1.00 51.38  ?  8  XPC B HND  1 
HETATM 584  H HE   . XPC B 2 9  ? -6.377  1.894   -18.423 1.00 50.18  ?  8  XPC B HE   1 
HETATM 585  H HEA  . XPC B 2 9  ? -6.183  1.822   -16.835 1.00 50.18  ?  8  XPC B HEA  1 
HETATM 586  H HA   . XPC B 2 9  ? -4.271  2.451   -18.790 1.00 50.05  ?  8  XPC B HA   1 
ATOM   587  N N    . ALA B 2 10 ? -2.878  0.634   -17.829 1.00 42.04  ?  9  ALA B N    1 
ATOM   588  C CA   . ALA B 2 10 ? -2.083  -0.436  -17.228 1.00 42.46  ?  9  ALA B CA   1 
ATOM   589  C C    . ALA B 2 10 ? -1.334  -0.062  -15.956 1.00 43.10  ?  9  ALA B C    1 
ATOM   590  O O    . ALA B 2 10 ? -1.309  -0.831  -15.026 1.00 44.08  ?  9  ALA B O    1 
ATOM   591  C CB   . ALA B 2 10 ? -1.132  -1.010  -18.227 1.00 40.84  ?  9  ALA B CB   1 
ATOM   592  H H    . ALA B 2 10 ? -2.771  0.716   -18.679 1.00 43.33  ?  9  ALA B H    1 
ATOM   593  H HA   . ALA B 2 10 ? -2.699  -1.157  -16.984 1.00 42.20  ?  9  ALA B HA   1 
ATOM   594  H HB1  . ALA B 2 10 ? -1.623  -1.348  -18.979 0.00 42.17  ?  9  ALA B HB1  1 
ATOM   595  H HB2  . ALA B 2 10 ? -0.614  -1.697  -17.827 0.00 42.17  ?  9  ALA B HB2  1 
ATOM   596  H HB3  . ALA B 2 10 ? -0.541  -0.296  -18.539 0.00 42.17  ?  9  ALA B HB3  1 
ATOM   597  N N    . ILE B 2 11 ? -0.705  1.103   -15.916 1.00 44.82  ?  10 ILE B N    1 
ATOM   598  C CA   . ILE B 2 11 ? 0.214   1.405   -14.827 1.00 45.23  ?  10 ILE B CA   1 
ATOM   599  C C    . ILE B 2 11 ? -0.598  1.894   -13.646 1.00 43.27  ?  10 ILE B C    1 
ATOM   600  O O    . ILE B 2 11 ? -0.407  1.438   -12.541 1.00 46.75  ?  10 ILE B O    1 
ATOM   601  C CB   . ILE B 2 11 ? 1.292   2.468   -15.204 1.00 46.64  ?  10 ILE B CB   1 
ATOM   602  C CG1  . ILE B 2 11 ? 2.100   2.069   -16.442 1.00 46.88  ?  10 ILE B CG1  1 
ATOM   603  C CG2  . ILE B 2 11 ? 2.268   2.615   -14.102 1.00 47.83  ?  10 ILE B CG2  1 
ATOM   604  C CD1  . ILE B 2 11 ? 3.211   1.162   -16.165 1.00 51.24  ?  10 ILE B CD1  1 
ATOM   605  H H    . ILE B 2 11 ? -0.791  1.730   -16.498 1.00 44.51  ?  10 ILE B H    1 
ATOM   606  H HA   . ILE B 2 11 ? 0.687   0.589   -14.558 1.00 45.06  ?  10 ILE B HA   1 
ATOM   607  H HB   . ILE B 2 11 ? 0.858   3.320   -15.365 1.00 46.06  ?  10 ILE B HB   1 
ATOM   608  H HG12 . ILE B 2 11 ? 1.518   1.622   -17.073 1.00 47.89  ?  10 ILE B HG12 1 
ATOM   609  H HG13 . ILE B 2 11 ? 2.466   2.871   -16.847 1.00 47.89  ?  10 ILE B HG13 1 
ATOM   610  H HG21 . ILE B 2 11 ? 1.799   2.902   -13.305 0.00 47.31  ?  10 ILE B HG21 1 
ATOM   611  H HG22 . ILE B 2 11 ? 2.923   3.273   -14.337 0.00 47.31  ?  10 ILE B HG22 1 
ATOM   612  H HG23 . ILE B 2 11 ? 2.694   1.771   -13.932 0.00 47.31  ?  10 ILE B HG23 1 
ATOM   613  H HD11 . ILE B 2 11 ? 3.701   1.000   -16.996 0.00 50.34  ?  10 ILE B HD11 1 
ATOM   614  H HD12 . ILE B 2 11 ? 2.945   0.389   -15.760 0.00 50.34  ?  10 ILE B HD12 1 
ATOM   615  H HD13 . ILE B 2 11 ? 3.854   1.658   -15.578 0.00 50.34  ?  10 ILE B HD13 1 
ATOM   616  N N    . ALA B 2 12 ? -1.510  2.813   -13.873 1.00 38.75  ?  11 ALA B N    1 
ATOM   617  C CA   . ALA B 2 12 ? -2.255  3.379   -12.785 1.00 38.67  ?  11 ALA B CA   1 
ATOM   618  C C    . ALA B 2 12 ? -3.217  2.392   -12.142 1.00 39.52  ?  11 ALA B C    1 
ATOM   619  O O    . ALA B 2 12 ? -3.356  2.364   -10.931 1.00 41.58  ?  11 ALA B O    1 
ATOM   620  C CB   . ALA B 2 12 ? -3.037  4.566   -13.273 1.00 38.23  ?  11 ALA B CB   1 
ATOM   621  H H    . ALA B 2 12 ? -1.713  3.125   -14.648 1.00 39.96  ?  11 ALA B H    1 
ATOM   622  H HA   . ALA B 2 12 ? -1.634  3.694   -12.095 1.00 38.81  ?  11 ALA B HA   1 
ATOM   623  H HB1  . ALA B 2 12 ? -2.430  5.235   -13.636 0.00 39.29  ?  11 ALA B HB1  1 
ATOM   624  H HB2  . ALA B 2 12 ? -3.536  4.954   -12.555 0.00 39.29  ?  11 ALA B HB2  1 
ATOM   625  H HB3  . ALA B 2 12 ? -3.642  4.294   -13.980 0.00 39.29  ?  11 ALA B HB3  1 
HETATM 626  N N    . B3E B 2 13 ? -3.867  1.593   -12.963 1.00 39.00  ?  12 B3E B N    1 
HETATM 627  C CA   . B3E B 2 13 ? -4.807  0.612   -12.504 1.00 37.80  ?  12 B3E B CA   1 
HETATM 628  C CG   . B3E B 2 13 ? -6.143  0.965   -13.196 1.00 40.79  ?  12 B3E B CG   1 
HETATM 629  C CD   . B3E B 2 13 ? -7.137  1.866   -12.434 1.00 47.74  ?  12 B3E B CD   1 
HETATM 630  C CE   . B3E B 2 13 ? -8.574  1.315   -12.622 1.00 61.06  ?  12 B3E B CE   1 
HETATM 631  O OF2  . B3E B 2 13 ? -9.195  0.747   -11.685 1.00 57.72  ?  12 B3E B OF2  1 
HETATM 632  O OF1  . B3E B 2 13 ? -9.124  1.397   -13.752 1.00 72.43  ?  12 B3E B OF1  1 
HETATM 633  C CB   . B3E B 2 13 ? -4.303  -0.762  -12.913 1.00 36.41  ?  12 B3E B CB   1 
HETATM 634  C C    . B3E B 2 13 ? -3.371  -1.376  -11.896 1.00 35.56  ?  12 B3E B C    1 
HETATM 635  O O    . B3E B 2 13 ? -3.837  -1.807  -10.875 1.00 35.89  ?  12 B3E B O    1 
HETATM 636  H H    . B3E B 2 13 ? -3.745  1.638   -13.814 1.00 38.86  ?  12 B3E B H    1 
HETATM 637  H HA   . B3E B 2 13 ? -4.939  0.642   -11.413 1.00 37.99  ?  12 B3E B HA   1 
HETATM 638  H HG2  . B3E B 2 13 ? -5.926  1.446   -14.151 1.00 41.77  ?  12 B3E B HG2  1 
HETATM 639  H HG3  . B3E B 2 13 ? -6.658  0.033   -13.437 1.00 41.77  ?  12 B3E B HG3  1 
HETATM 640  H HD2  . B3E B 2 13 ? -6.888  1.888   -11.371 1.00 49.28  ?  12 B3E B HD2  1 
HETATM 641  H HD3  . B3E B 2 13 ? -7.081  2.887   -12.819 1.00 49.28  ?  12 B3E B HD3  1 
HETATM 642  H HB1  . B3E B 2 13 ? -3.798  -0.696  -13.879 1.00 36.25  ?  12 B3E B HB1  1 
HETATM 643  H HB2  . B3E B 2 13 ? -5.155  -1.432  -13.031 1.00 36.25  ?  12 B3E B HB2  1 
ATOM   644  N N    . TYR B 2 14 ? -2.065  -1.416  -12.176 1.00 36.05  ?  13 TYR B N    1 
ATOM   645  C CA   . TYR B 2 14 ? -1.069  -1.988  -11.266 1.00 34.82  ?  13 TYR B CA   1 
ATOM   646  C C    . TYR B 2 14 ? -0.966  -1.215  -9.962  1.00 33.77  ?  13 TYR B C    1 
ATOM   647  O O    . TYR B 2 14 ? -0.941  -1.813  -8.893  1.00 34.58  ?  13 TYR B O    1 
ATOM   648  C CB   . TYR B 2 14 ? 0.307   -2.029  -11.939 1.00 37.07  ?  13 TYR B CB   1 
ATOM   649  C CG   . TYR B 2 14 ? 1.345   -3.020  -11.388 1.00 36.42  ?  13 TYR B CG   1 
ATOM   650  C CD1  . TYR B 2 14 ? 1.035   -3.945  -10.408 1.00 44.10  ?  13 TYR B CD1  1 
ATOM   651  C CD2  . TYR B 2 14 ? 2.617   -3.046  -11.901 1.00 40.20  ?  13 TYR B CD2  1 
ATOM   652  C CE1  . TYR B 2 14 ? 1.981   -4.856  -9.938  1.00 42.31  ?  13 TYR B CE1  1 
ATOM   653  C CE2  . TYR B 2 14 ? 3.575   -3.959  -11.443 1.00 43.75  ?  13 TYR B CE2  1 
ATOM   654  C CZ   . TYR B 2 14 ? 3.249   -4.862  -10.466 1.00 44.69  ?  13 TYR B CZ   1 
ATOM   655  O OH   . TYR B 2 14 ? 4.187   -5.784  -10.014 1.00 48.34  ?  13 TYR B OH   1 
ATOM   656  H H    . TYR B 2 14 ? -1.730  -1.108  -12.907 1.00 35.63  ?  13 TYR B H    1 
ATOM   657  H HA   . TYR B 2 14 ? -1.346  -2.902  -11.058 1.00 35.37  ?  13 TYR B HA   1 
ATOM   658  H HB2  . TYR B 2 14 ? 0.178   -2.259  -12.873 1.00 35.66  ?  13 TYR B HB2  1 
ATOM   659  H HB3  . TYR B 2 14 ? 0.701   -1.144  -11.883 1.00 35.66  ?  13 TYR B HB3  1 
ATOM   660  H HD1  . TYR B 2 14 ? 0.184   -3.965  -10.039 1.00 41.92  ?  13 TYR B HD1  1 
ATOM   661  H HD2  . TYR B 2 14 ? 2.847   -2.444  -12.572 1.00 40.19  ?  13 TYR B HD2  1 
ATOM   662  H HE1  . TYR B 2 14 ? 1.749   -5.469  -9.277  1.00 43.34  ?  13 TYR B HE1  1 
ATOM   663  H HE2  . TYR B 2 14 ? 4.430   -3.956  -11.807 1.00 43.18  ?  13 TYR B HE2  1 
ATOM   664  H HH   . TYR B 2 14 ? 3.922   -6.541  -10.144 0.00 48.72  ?  13 TYR B HH   1 
ATOM   665  N N    . ALA B 2 15 ? -0.921  0.109   -10.027 1.00 31.13  ?  14 ALA B N    1 
ATOM   666  C CA   . ALA B 2 15 ? -0.771  0.890   -8.796  1.00 31.40  ?  14 ALA B CA   1 
ATOM   667  C C    . ALA B 2 15 ? -1.974  0.731   -7.872  1.00 30.75  ?  14 ALA B C    1 
ATOM   668  O O    . ALA B 2 15 ? -1.846  0.487   -6.688  1.00 32.13  ?  14 ALA B O    1 
ATOM   669  C CB   . ALA B 2 15 ? -0.542  2.338   -9.110  1.00 29.31  ?  14 ALA B CB   1 
ATOM   670  H H    . ALA B 2 15 ? -0.973  0.572   -10.750 1.00 31.94  ?  14 ALA B H    1 
ATOM   671  H HA   . ALA B 2 15 ? 0.019   0.568   -8.312  1.00 30.81  ?  14 ALA B HA   1 
ATOM   672  H HB1  . ALA B 2 15 ? 0.240   2.423   -9.665  0.00 30.31  ?  14 ALA B HB1  1 
ATOM   673  H HB2  . ALA B 2 15 ? -0.460  2.833   -8.320  0.00 30.31  ?  14 ALA B HB2  1 
ATOM   674  H HB3  . ALA B 2 15 ? -1.314  2.665   -9.629  0.00 30.31  ?  14 ALA B HB3  1 
HETATM 675  N N    . XCP B 2 16 ? -3.144  0.877   -8.445  1.00 31.71  ?  15 XCP B N    1 
HETATM 676  C CB   . XCP B 2 16 ? -4.394  0.757   -7.705  1.00 30.41  ?  15 XCP B CB   1 
HETATM 677  C CG   . XCP B 2 16 ? -5.324  1.901   -8.138  1.00 31.98  ?  15 XCP B CG   1 
HETATM 678  C CD   . XCP B 2 16 ? -6.738  1.423   -7.788  1.00 33.22  ?  15 XCP B CD   1 
HETATM 679  C CE   . XCP B 2 16 ? -6.648  -0.098  -7.595  1.00 29.71  ?  15 XCP B CE   1 
HETATM 680  C CA   . XCP B 2 16 ? -5.231  -0.466  -8.066  1.00 29.45  ?  15 XCP B CA   1 
HETATM 681  C C    . XCP B 2 16 ? -4.766  -1.727  -7.399  1.00 28.76  ?  15 XCP B C    1 
HETATM 682  O O    . XCP B 2 16 ? -5.044  -1.928  -6.257  1.00 32.39  ?  15 XCP B O    1 
HETATM 683  H H2   . XCP B 2 16 ? -3.210  1.049   -9.285  1.00 31.15  ?  15 XCP B H2   1 
HETATM 684  H HB   . XCP B 2 16 ? -4.246  0.796   -6.738  1.00 30.70  ?  15 XCP B HB   1 
HETATM 685  H HG   . XCP B 2 16 ? -5.253  2.058   -9.102  1.00 31.95  ?  15 XCP B HG   1 
HETATM 686  H HGA  . XCP B 2 16 ? -5.110  2.719   -7.643  1.00 31.95  ?  15 XCP B HGA  1 
HETATM 687  H HD   . XCP B 2 16 ? -7.354  1.632   -8.521  1.00 32.15  ?  15 XCP B HD   1 
HETATM 688  H HDA  . XCP B 2 16 ? -7.043  1.850   -6.960  1.00 32.15  ?  15 XCP B HDA  1 
HETATM 689  H HE   . XCP B 2 16 ? -7.318  -0.549  -8.148  1.00 30.02  ?  15 XCP B HE   1 
HETATM 690  H HEA  . XCP B 2 16 ? -6.781  -0.320  -6.650  1.00 30.02  ?  15 XCP B HEA  1 
HETATM 691  H HA   . XCP B 2 16 ? -5.235  -0.584  -9.038  1.00 29.60  ?  15 XCP B HA   1 
ATOM   692  N N    . ARG B 2 17 ? -4.059  -2.569  -8.115  1.00 28.64  ?  16 ARG B N    1 
ATOM   693  C CA   . ARG B 2 17 ? -3.566  -3.814  -7.557  1.00 28.60  ?  16 ARG B CA   1 
ATOM   694  C C    . ARG B 2 17 ? -2.747  -3.654  -6.294  1.00 29.16  ?  16 ARG B C    1 
ATOM   695  O O    . ARG B 2 17 ? -3.004  -4.327  -5.325  1.00 30.79  ?  16 ARG B O    1 
ATOM   696  C CB   . ARG B 2 17 ? -2.868  -4.618  -8.650  1.00 29.88  ?  16 ARG B CB   1 
ATOM   697  C CG   . ARG B 2 17 ? -1.950  -5.707  -8.216  1.00 34.77  ?  16 ARG B CG   1 
ATOM   698  C CD   . ARG B 2 17 ? -2.627  -6.605  -7.301  1.00 41.48  ?  16 ARG B CD   1 
ATOM   699  N NE   . ARG B 2 17 ? -1.933  -7.856  -7.092  1.00 41.95  ?  16 ARG B NE   1 
ATOM   700  C CZ   . ARG B 2 17 ? -2.432  -8.790  -6.298  1.00 47.01  ?  16 ARG B CZ   1 
ATOM   701  N NH1  . ARG B 2 17 ? -1.799  -9.937  -6.135  1.00 56.70  ?  16 ARG B NH1  1 
ATOM   702  N NH2  . ARG B 2 17 ? -3.569  -8.566  -5.660  1.00 46.29  ?  16 ARG B NH2  1 
ATOM   703  H H    . ARG B 2 17 ? -3.848  -2.440  -8.940  1.00 28.70  ?  16 ARG B H    1 
ATOM   704  H HA   . ARG B 2 17 ? -4.354  -4.337  -7.302  1.00 29.03  ?  16 ARG B HA   1 
ATOM   705  H HB2  . ARG B 2 17 ? -3.551  -5.025  -9.204  1.00 29.73  ?  16 ARG B HB2  1 
ATOM   706  H HB3  . ARG B 2 17 ? -2.339  -4.012  -9.190  1.00 29.73  ?  16 ARG B HB3  1 
ATOM   707  H HG2  . ARG B 2 17 ? -1.673  -6.218  -8.992  1.00 35.25  ?  16 ARG B HG2  1 
ATOM   708  H HG3  . ARG B 2 17 ? -1.175  -5.331  -7.770  1.00 35.25  ?  16 ARG B HG3  1 
ATOM   709  H HD2  . ARG B 2 17 ? -2.701  -6.187  -6.437  1.00 40.07  ?  16 ARG B HD2  1 
ATOM   710  H HD3  . ARG B 2 17 ? -3.508  -6.802  -7.656  1.00 40.07  ?  16 ARG B HD3  1 
ATOM   711  H HE   . ARG B 2 17 ? -0.970  -7.842  -7.199  1.00 43.08  ?  16 ARG B HE   1 
ATOM   712  H HH11 . ARG B 2 17 ? -2.132  -10.524 -5.610  1.00 53.77  ?  16 ARG B HH11 1 
ATOM   713  H HH12 . ARG B 2 17 ? -1.058  -10.090 -6.542  1.00 53.77  ?  16 ARG B HH12 1 
ATOM   714  H HH21 . ARG B 2 17 ? -3.998  -7.829  -5.753  1.00 46.56  ?  16 ARG B HH21 1 
ATOM   715  H HH22 . ARG B 2 17 ? -3.887  -9.161  -5.141  1.00 46.56  ?  16 ARG B HH22 1 
ATOM   716  N N    . ILE B 2 18 ? -1.801  -2.735  -6.275  1.00 31.38  ?  17 ILE B N    1 
ATOM   717  C CA   . ILE B 2 18 ? -0.992  -2.550  -5.091  1.00 30.68  ?  17 ILE B CA   1 
ATOM   718  C C    . ILE B 2 18 ? -1.809  -1.911  -3.973  1.00 31.72  ?  17 ILE B C    1 
ATOM   719  O O    . ILE B 2 18 ? -1.730  -2.337  -2.844  1.00 30.79  ?  17 ILE B O    1 
ATOM   720  C CB   . ILE B 2 18 ? 0.268   -1.748  -5.380  1.00 30.90  ?  17 ILE B CB   1 
ATOM   721  C CG1  . ILE B 2 18 ? 1.100   -2.444  -6.470  1.00 28.86  ?  17 ILE B CG1  1 
ATOM   722  C CG2  . ILE B 2 18 ? 1.085   -1.612  -4.118  1.00 28.14  ?  17 ILE B CG2  1 
ATOM   723  C CD1  . ILE B 2 18 ? 2.333   -1.677  -6.961  1.00 28.65  ?  17 ILE B CD1  1 
ATOM   724  H H    . ILE B 2 18 ? -1.624  -2.201  -6.926  1.00 30.65  ?  17 ILE B H    1 
ATOM   725  H HA   . ILE B 2 18 ? -0.698  -3.430  -4.773  1.00 31.13  ?  17 ILE B HA   1 
ATOM   726  H HB   . ILE B 2 18 ? 0.021   -0.865  -5.689  1.00 30.30  ?  17 ILE B HB   1 
ATOM   727  H HG12 . ILE B 2 18 ? 1.407   -3.289  -6.109  1.00 29.33  ?  17 ILE B HG12 1 
ATOM   728  H HG13 . ILE B 2 18 ? 0.546   -2.616  -7.242  1.00 29.33  ?  17 ILE B HG13 1 
ATOM   729  H HG21 . ILE B 2 18 ? 0.567   -1.171  -3.442  0.00 28.95  ?  17 ILE B HG21 1 
ATOM   730  H HG22 . ILE B 2 18 ? 1.883   -1.120  -4.298  0.00 28.95  ?  17 ILE B HG22 1 
ATOM   731  H HG23 . ILE B 2 18 ? 1.325   -2.503  -3.795  0.00 28.95  ?  17 ILE B HG23 1 
ATOM   732  H HD11 . ILE B 2 18 ? 2.789   -2.211  -7.615  0.00 29.38  ?  17 ILE B HD11 1 
ATOM   733  H HD12 . ILE B 2 18 ? 2.935   -1.548  -6.197  0.00 29.38  ?  17 ILE B HD12 1 
ATOM   734  H HD13 . ILE B 2 18 ? 2.069   -0.849  -7.309  0.00 29.38  ?  17 ILE B HD13 1 
ATOM   735  N N    . GLU B 2 19 ? -2.627  -0.917  -4.268  1.00 34.09  ?  18 GLU B N    1 
ATOM   736  C CA   . GLU B 2 19 ? -3.438  -0.302  -3.189  1.00 34.97  ?  18 GLU B CA   1 
ATOM   737  C C    . GLU B 2 19 ? -4.386  -1.256  -2.542  1.00 32.40  ?  18 GLU B C    1 
ATOM   738  O O    . GLU B 2 19 ? -4.621  -1.193  -1.349  1.00 31.99  ?  18 GLU B O    1 
ATOM   739  C CB   . GLU B 2 19 ? -4.289  0.828   -3.706  1.00 35.45  ?  18 GLU B CB   1 
ATOM   740  C CG   . GLU B 2 19 ? -3.504  2.021   -4.151  1.00 47.12  ?  18 GLU B CG   1 
ATOM   741  C CD   . GLU B 2 19 ? -4.397  3.149   -4.604  1.00 57.25  ?  18 GLU B CD   1 
ATOM   742  O OE1  . GLU B 2 19 ? -5.593  3.147   -4.202  1.00 61.08  ?  18 GLU B OE1  1 
ATOM   743  O OE2  . GLU B 2 19 ? -3.893  4.027   -5.358  1.00 66.03  -1 18 GLU B OE2  1 
ATOM   744  H H    . GLU B 2 19 ? -2.740  -0.580  -5.052  1.00 33.73  ?  18 GLU B H    1 
ATOM   745  H HA   . GLU B 2 19 ? -2.841  0.056   -2.499  1.00 34.39  ?  18 GLU B HA   1 
ATOM   746  H HB2  . GLU B 2 19 ? -4.808  0.511   -4.461  1.00 36.60  ?  18 GLU B HB2  1 
ATOM   747  H HB3  . GLU B 2 19 ? -4.884  1.114   -2.994  1.00 36.60  ?  18 GLU B HB3  1 
ATOM   748  H HG2  . GLU B 2 19 ? -2.967  2.342   -3.410  1.00 46.81  ?  18 GLU B HG2  1 
ATOM   749  H HG3  . GLU B 2 19 ? -2.933  1.773   -4.892  1.00 46.81  ?  18 GLU B HG3  1 
HETATM 750  N N    . XCP B 2 20 ? -4.933  -2.142  -3.342  1.00 32.18  ?  19 XCP B N    1 
HETATM 751  C CB   . XCP B 2 20 ? -5.866  -3.112  -2.816  1.00 30.78  ?  19 XCP B CB   1 
HETATM 752  C CG   . XCP B 2 20 ? -7.225  -2.863  -3.450  1.00 31.34  ?  19 XCP B CG   1 
HETATM 753  C CD   . XCP B 2 20 ? -8.010  -4.084  -2.985  1.00 30.62  ?  19 XCP B CD   1 
HETATM 754  C CE   . XCP B 2 20 ? -6.974  -5.205  -3.191  1.00 31.92  ?  19 XCP B CE   1 
HETATM 755  C CA   . XCP B 2 20 ? -5.565  -4.571  -3.174  1.00 31.46  ?  19 XCP B CA   1 
HETATM 756  C C    . XCP B 2 20 ? -4.591  -5.213  -2.188  1.00 32.05  ?  19 XCP B C    1 
HETATM 757  O O    . XCP B 2 20 ? -4.988  -5.711  -1.169  1.00 32.18  ?  19 XCP B O    1 
HETATM 758  H H2   . XCP B 2 20 ? -4.761  -2.179  -4.184  1.00 31.91  ?  19 XCP B H2   1 
HETATM 759  H HB   . XCP B 2 20 ? -5.947  -3.031  -1.843  1.00 31.65  ?  19 XCP B HB   1 
HETATM 760  H HG   . XCP B 2 20 ? -7.157  -2.841  -4.427  1.00 31.09  ?  19 XCP B HG   1 
HETATM 761  H HGA  . XCP B 2 20 ? -7.626  -2.038  -3.105  1.00 31.09  ?  19 XCP B HGA  1 
HETATM 762  H HD   . XCP B 2 20 ? -8.799  -4.228  -3.547  1.00 31.14  ?  19 XCP B HD   1 
HETATM 763  H HDA  . XCP B 2 20 ? -8.257  -4.004  -2.040  1.00 31.14  ?  19 XCP B HDA  1 
HETATM 764  H HE   . XCP B 2 20 ? -7.126  -5.635  -4.058  1.00 31.52  ?  19 XCP B HE   1 
HETATM 765  H HEA  . XCP B 2 20 ? -7.064  -5.869  -2.477  1.00 31.52  ?  19 XCP B HEA  1 
HETATM 766  H HA   . XCP B 2 20 ? -5.189  -4.612  -4.076  1.00 31.57  ?  19 XCP B HA   1 
ATOM   767  N N    . LEU B 2 21 ? -3.308  -5.196  -2.506  1.00 33.62  ?  20 LEU B N    1 
ATOM   768  C CA   . LEU B 2 21 ? -2.317  -5.777  -1.637  1.00 32.55  ?  20 LEU B CA   1 
ATOM   769  C C    . LEU B 2 21 ? -2.230  -5.028  -0.303  1.00 33.39  ?  20 LEU B C    1 
ATOM   770  O O    . LEU B 2 21 ? -2.173  -5.671  0.743   1.00 35.10  ?  20 LEU B O    1 
ATOM   771  C CB   . LEU B 2 21 ? -0.972  -5.769  -2.307  1.00 32.06  ?  20 LEU B CB   1 
ATOM   772  C CG   . LEU B 2 21 ? -0.829  -6.742  -3.465  1.00 32.59  ?  20 LEU B CG   1 
ATOM   773  C CD1  . LEU B 2 21 ? 0.568   -6.625  -4.044  1.00 32.39  ?  20 LEU B CD1  1 
ATOM   774  C CD2  . LEU B 2 21 ? -1.081  -8.169  -3.073  1.00 27.87  ?  20 LEU B CD2  1 
ATOM   775  H H    . LEU B 2 21 ? -2.993  -4.848  -3.227  1.00 32.96  ?  20 LEU B H    1 
ATOM   776  H HA   . LEU B 2 21 ? -2.563  -6.705  -1.443  1.00 32.88  ?  20 LEU B HA   1 
ATOM   777  H HB2  . LEU B 2 21 ? -0.795  -4.878  -2.647  1.00 32.46  ?  20 LEU B HB2  1 
ATOM   778  H HB3  . LEU B 2 21 ? -0.299  -6.005  -1.650  1.00 32.46  ?  20 LEU B HB3  1 
ATOM   779  H HG   . LEU B 2 21 ? -1.464  -6.504  -4.159  1.00 31.59  ?  20 LEU B HG   1 
ATOM   780  H HD11 . LEU B 2 21 ? 0.635   -7.258  -4.787  0.00 32.70  ?  20 LEU B HD11 1 
ATOM   781  H HD12 . LEU B 2 21 ? 1.202   -6.860  -3.376  0.00 32.70  ?  20 LEU B HD12 1 
ATOM   782  H HD13 . LEU B 2 21 ? 0.694   -5.747  -4.363  0.00 32.70  ?  20 LEU B HD13 1 
ATOM   783  H HD21 . LEU B 2 21 ? -0.468  -8.446  -2.396  0.00 29.46  ?  20 LEU B HD21 1 
ATOM   784  H HD22 . LEU B 2 21 ? -1.003  -8.746  -3.841  0.00 29.46  ?  20 LEU B HD22 1 
ATOM   785  H HD23 . LEU B 2 21 ? -1.994  -8.256  -2.725  0.00 29.46  ?  20 LEU B HD23 1 
ATOM   786  N N    . ILE B 2 22 ? -2.220  -3.692  -0.331  1.00 33.92  ?  21 ILE B N    1 
ATOM   787  C CA   . ILE B 2 22 ? -2.052  -2.885  0.896   1.00 34.83  ?  21 ILE B CA   1 
ATOM   788  C C    . ILE B 2 22 ? -3.338  -2.897  1.721   1.00 36.42  ?  21 ILE B C    1 
ATOM   789  O O    . ILE B 2 22 ? -3.327  -3.180  2.924   1.00 36.28  ?  21 ILE B O    1 
ATOM   790  C CB   . ILE B 2 22 ? -1.601  -1.452  0.613   1.00 34.37  ?  21 ILE B CB   1 
ATOM   791  C CG1  . ILE B 2 22 ? -0.147  -1.447  0.114   1.00 33.26  ?  21 ILE B CG1  1 
ATOM   792  C CG2  . ILE B 2 22 ? -1.703  -0.601  1.878   1.00 34.35  ?  21 ILE B CG2  1 
ATOM   793  C CD1  . ILE B 2 22 ? 0.305   -0.115  -0.511  1.00 29.02  ?  21 ILE B CD1  1 
ATOM   794  H H    . ILE B 2 22 ? -2.308  -3.223  -1.048  1.00 34.05  ?  21 ILE B H    1 
ATOM   795  H HA   . ILE B 2 22 ? -1.353  -3.298  1.444   1.00 34.91  ?  21 ILE B HA   1 
ATOM   796  H HB   . ILE B 2 22 ? -2.171  -1.069  -0.072  1.00 34.53  ?  21 ILE B HB   1 
ATOM   797  H HG12 . ILE B 2 22 ? 0.439   -1.633  0.864   1.00 32.56  ?  21 ILE B HG12 1 
ATOM   798  H HG13 . ILE B 2 22 ? -0.044  -2.137  -0.559  1.00 32.56  ?  21 ILE B HG13 1 
ATOM   799  H HG21 . ILE B 2 22 ? -2.607  -0.574  2.167   0.00 34.41  ?  21 ILE B HG21 1 
ATOM   800  H HG22 . ILE B 2 22 ? -1.405  0.305   1.663   0.00 34.41  ?  21 ILE B HG22 1 
ATOM   801  H HG23 . ILE B 2 22 ? -1.133  -0.962  2.554   0.00 34.41  ?  21 ILE B HG23 1 
ATOM   802  H HD11 . ILE B 2 22 ? 1.225   -0.216  -0.798  0.00 28.98  ?  21 ILE B HD11 1 
ATOM   803  H HD12 . ILE B 2 22 ? 0.241   0.567   0.145   0.00 28.98  ?  21 ILE B HD12 1 
ATOM   804  H HD13 . ILE B 2 22 ? -0.247  0.068   -1.265  0.00 28.98  ?  21 ILE B HD13 1 
HETATM 805  N N    . XPC B 2 23 ? -4.434  -2.592  1.073   1.00 36.34  ?  22 XPC B N    1 
HETATM 806  C CB   . XPC B 2 23 ? -5.703  -2.580  1.777   1.00 36.99  ?  22 XPC B CB   1 
HETATM 807  C CG   . XPC B 2 23 ? -6.649  -1.497  1.258   1.00 35.43  ?  22 XPC B CG   1 
HETATM 808  N ND   . XPC B 2 23 ? -8.054  -2.133  1.286   1.00 36.66  ?  22 XPC B ND   1 
HETATM 809  C CE   . XPC B 2 23 ? -7.930  -3.599  1.725   1.00 36.18  ?  22 XPC B CE   1 
HETATM 810  C CA   . XPC B 2 23 ? -6.449  -3.926  1.530   1.00 36.71  ?  22 XPC B CA   1 
HETATM 811  C C    . XPC B 2 23 ? -6.064  -5.102  2.414   1.00 37.60  ?  22 XPC B C    1 
HETATM 812  O O    . XPC B 2 23 ? -6.166  -5.047  3.624   1.00 40.04  ?  22 XPC B O    1 
HETATM 813  H H2   . XPC B 2 23 ? -4.435  -2.397  0.235   1.00 36.57  ?  22 XPC B H2   1 
HETATM 814  H HB   . XPC B 2 23 ? -5.568  -2.450  2.740   1.00 36.56  ?  22 XPC B HB   1 
HETATM 815  H HG   . XPC B 2 23 ? -6.418  -1.241  0.343   1.00 36.13  ?  22 XPC B HG   1 
HETATM 816  H HGA  . XPC B 2 23 ? -6.620  -0.714  1.847   1.00 36.13  ?  22 XPC B HGA  1 
HETATM 817  H HND  . XPC B 2 23 ? -8.621  -1.648  1.922   1.00 36.30  ?  22 XPC B HND  1 
HETATM 818  H HE   . XPC B 2 23 ? -8.484  -4.174  1.155   1.00 36.60  ?  22 XPC B HE   1 
HETATM 819  H HEA  . XPC B 2 23 ? -8.191  -3.695  2.665   1.00 36.60  ?  22 XPC B HEA  1 
HETATM 820  H HA   . XPC B 2 23 ? -6.316  -4.176  0.593   1.00 36.88  ?  22 XPC B HA   1 
ATOM   821  N N    . ALA B 2 24 ? -5.620  -6.162  1.763   1.00 37.59  ?  23 ALA B N    1 
ATOM   822  C CA   . ALA B 2 24 ? -5.200  -7.389  2.395   1.00 37.30  ?  23 ALA B CA   1 
ATOM   823  C C    . ALA B 2 24 ? -4.392  -7.215  3.661   1.00 38.39  ?  23 ALA B C    1 
ATOM   824  O O    . ALA B 2 24 ? -4.677  -7.848  4.674   1.00 41.75  ?  23 ALA B O    1 
ATOM   825  C CB   . ALA B 2 24 ? -4.423  -8.200  1.409   1.00 36.24  ?  23 ALA B CB   1 
ATOM   826  H H    . ALA B 2 24 ? -5.552  -6.192  0.906   1.00 37.55  ?  23 ALA B H    1 
ATOM   827  H HA   . ALA B 2 24 ? -6.001  -7.902  2.629   1.00 37.41  ?  23 ALA B HA   1 
ATOM   828  H HB1  . ALA B 2 24 ? -4.991  -8.427  0.665   0.00 37.10  ?  23 ALA B HB1  1 
ATOM   829  H HB2  . ALA B 2 24 ? -4.143  -9.038  1.839   0.00 37.10  ?  23 ALA B HB2  1 
ATOM   830  H HB3  . ALA B 2 24 ? -3.657  -7.728  1.116   0.00 37.10  ?  23 ALA B HB3  1 
ATOM   831  N N    . ALA B 2 25 ? -3.370  -6.376  3.587   1.00 38.35  ?  24 ALA B N    1 
ATOM   832  C CA   . ALA B 2 25 ? -2.412  -6.243  4.672   1.00 38.22  ?  24 ALA B CA   1 
ATOM   833  C C    . ALA B 2 25 ? -3.041  -5.468  5.843   1.00 38.73  ?  24 ALA B C    1 
ATOM   834  O O    . ALA B 2 25 ? -2.809  -5.767  7.001   1.00 37.90  ?  24 ALA B O    1 
ATOM   835  C CB   . ALA B 2 25 ? -1.101  -5.595  4.157   1.00 32.96  ?  24 ALA B CB   1 
ATOM   836  H H    . ALA B 2 25 ? -3.208  -5.866  2.912   1.00 38.36  ?  24 ALA B H    1 
ATOM   837  H HA   . ALA B 2 25 ? -2.181  -7.137  5.002   1.00 37.29  ?  24 ALA B HA   1 
ATOM   838  H HB1  . ALA B 2 25 ? -0.717  -6.116  3.489   0.00 35.19  ?  24 ALA B HB1  1 
ATOM   839  H HB2  . ALA B 2 25 ? -0.495  -5.476  4.906   0.00 35.19  ?  24 ALA B HB2  1 
ATOM   840  H HB3  . ALA B 2 25 ? -1.320  -4.700  3.814   0.00 35.19  ?  24 ALA B HB3  1 
ATOM   841  N N    . GLN B 2 26 ? -3.866  -4.481  5.528   1.00 43.17  ?  25 GLN B N    1 
ATOM   842  C CA   . GLN B 2 26 ? -4.617  -3.746  6.548   1.00 44.85  ?  25 GLN B CA   1 
ATOM   843  C C    . GLN B 2 26 ? -5.620  -4.639  7.254   1.00 45.37  ?  25 GLN B C    1 
ATOM   844  O O    . GLN B 2 26 ? -5.824  -4.506  8.451   1.00 44.52  ?  25 GLN B O    1 
ATOM   845  C CB   . GLN B 2 26 ? -5.341  -2.563  5.916   1.00 44.57  ?  25 GLN B CB   1 
ATOM   846  C CG   . GLN B 2 26 ? -4.383  -1.472  5.534   1.00 48.99  ?  25 GLN B CG   1 
ATOM   847  C CD   . GLN B 2 26 ? -5.041  -0.295  4.858   1.00 51.31  ?  25 GLN B CD   1 
ATOM   848  O OE1  . GLN B 2 26 ? -6.260  -0.254  4.690   1.00 54.80  ?  25 GLN B OE1  1 
ATOM   849  N NE2  . GLN B 2 26 ? -4.230  0.693   4.479   1.00 54.06  ?  25 GLN B NE2  1 
ATOM   850  H H    . GLN B 2 26 ? -4.007  -4.210  4.725   1.00 42.47  ?  25 GLN B H    1 
ATOM   851  H HA   . GLN B 2 26 ? -3.994  -3.397  7.219   1.00 44.58  ?  25 GLN B HA   1 
ATOM   852  H HB2  . GLN B 2 26 ? -5.808  -2.857  5.118   1.00 45.31  ?  25 GLN B HB2  1 
ATOM   853  H HB3  . GLN B 2 26 ? -5.973  -2.196  6.555   1.00 45.31  ?  25 GLN B HB3  1 
ATOM   854  H HG2  . GLN B 2 26 ? -3.952  -1.145  6.338   1.00 48.54  ?  25 GLN B HG2  1 
ATOM   855  H HG3  . GLN B 2 26 ? -3.715  -1.830  4.931   1.00 48.54  ?  25 GLN B HG3  1 
ATOM   856  H HE21 . GLN B 2 26 ? -3.402  0.674   4.617   0.00 53.72  ?  25 GLN B HE21 1 
ATOM   857  H HE22 . GLN B 2 26 ? -4.578  1.416   4.085   0.00 53.72  ?  25 GLN B HE22 1 
ATOM   858  N N    . GLU B 2 27 ? -6.243  -5.536  6.497   1.00 45.97  ?  26 GLU B N    1 
ATOM   859  C CA   . GLU B 2 27 ? -7.206  -6.457  7.058   1.00 47.61  ?  26 GLU B CA   1 
ATOM   860  C C    . GLU B 2 27 ? -6.521  -7.502  7.919   1.00 47.91  ?  26 GLU B C    1 
ATOM   861  O O    . GLU B 2 27 ? -7.009  -7.825  8.985   1.00 49.23  ?  26 GLU B O    1 
ATOM   862  C CB   . GLU B 2 27 ? -8.057  -7.107  5.962   1.00 47.42  ?  26 GLU B CB   1 
ATOM   863  C CG   . GLU B 2 27 ? -9.127  -6.157  5.411   1.00 51.55  ?  26 GLU B CG   1 
ATOM   864  C CD   . GLU B 2 27 ? -9.650  -6.540  4.018   1.00 59.15  ?  26 GLU B CD   1 
ATOM   865  O OE1  . GLU B 2 27 ? -9.256  -7.610  3.483   1.00 59.42  ?  26 GLU B OE1  1 
ATOM   866  O OE2  . GLU B 2 27 ? -10.457 -5.753  3.456   1.00 64.23  -1 26 GLU B OE2  1 
ATOM   867  H H    . GLU B 2 27 ? -6.123  -5.625  5.650   1.00 46.28  ?  26 GLU B H    1 
ATOM   868  H HA   . GLU B 2 27 ? -7.819  -5.956  7.637   1.00 47.32  ?  26 GLU B HA   1 
ATOM   869  H HB2  . GLU B 2 27 ? -7.476  -7.377  5.233   1.00 48.07  ?  26 GLU B HB2  1 
ATOM   870  H HB3  . GLU B 2 27 ? -8.509  -7.883  6.329   1.00 48.07  ?  26 GLU B HB3  1 
ATOM   871  H HG2  . GLU B 2 27 ? -9.883  -6.153  6.020   1.00 52.41  ?  26 GLU B HG2  1 
ATOM   872  H HG3  . GLU B 2 27 ? -8.751  -5.265  5.350   1.00 52.41  ?  26 GLU B HG3  1 
ATOM   873  N N    . GLN B 2 28 ? -5.400  -8.035  7.461   1.00 48.51  ?  27 GLN B N    1 
ATOM   874  C CA   . GLN B 2 28 ? -4.652  -8.967  8.273   1.00 48.88  ?  27 GLN B CA   1 
ATOM   875  C C    . GLN B 2 28 ? -4.080  -8.291  9.493   1.00 48.57  ?  27 GLN B C    1 
ATOM   876  O O    . GLN B 2 28 ? -3.961  -8.906  10.522  1.00 48.94  ?  27 GLN B O    1 
ATOM   877  C CB   . GLN B 2 28 ? -3.523  -9.614  7.495   1.00 50.56  ?  27 GLN B CB   1 
ATOM   878  C CG   . GLN B 2 28 ? -3.829  -11.019 7.024   1.00 57.56  ?  27 GLN B CG   1 
ATOM   879  C CD   . GLN B 2 28 ? -3.847  -12.041 8.157   1.00 61.45  ?  27 GLN B CD   1 
ATOM   880  O OE1  . GLN B 2 28 ? -3.352  -11.792 9.255   1.00 67.27  ?  27 GLN B OE1  1 
ATOM   881  N NE2  . GLN B 2 28 ? -4.415  -13.207 7.882   1.00 66.66  ?  27 GLN B NE2  1 
ATOM   882  H H    . GLN B 2 28 ? -5.063  -7.871  6.688   1.00 48.49  ?  27 GLN B H    1 
ATOM   883  H HA   . GLN B 2 28 ? -5.255  -9.675  8.580   1.00 49.13  ?  27 GLN B HA   1 
ATOM   884  H HB2  . GLN B 2 28 ? -3.322  -9.081  6.710   1.00 50.42  ?  27 GLN B HB2  1 
ATOM   885  H HB3  . GLN B 2 28 ? -2.735  -9.660  8.060   1.00 50.42  ?  27 GLN B HB3  1 
ATOM   886  H HG2  . GLN B 2 28 ? -4.702  -11.026 6.602   1.00 56.88  ?  27 GLN B HG2  1 
ATOM   887  H HG3  . GLN B 2 28 ? -3.150  -11.291 6.387   1.00 56.88  ?  27 GLN B HG3  1 
ATOM   888  H HE21 . GLN B 2 28 ? -4.809  -13.324 7.128   0.00 64.66  ?  27 GLN B HE21 1 
ATOM   889  H HE22 . GLN B 2 28 ? -4.512  -13.793 8.509   0.00 64.66  ?  27 GLN B HE22 1 
ATOM   890  N N    . GLN B 2 29 ? -3.707  -7.030  9.401   1.00 48.71  ?  28 GLN B N    1 
ATOM   891  C CA   . GLN B 2 29 ? -3.139  -6.389  10.561  1.00 48.56  ?  28 GLN B CA   1 
ATOM   892  C C    . GLN B 2 29 ? -4.202  -6.319  11.627  1.00 50.82  ?  28 GLN B C    1 
ATOM   893  O O    . GLN B 2 29 ? -3.929  -6.632  12.765  1.00 53.58  ?  28 GLN B O    1 
ATOM   894  C CB   . GLN B 2 29 ? -2.632  -5.000  10.235  1.00 47.71  ?  28 GLN B CB   1 
ATOM   895  C CG   . GLN B 2 29 ? -1.930  -4.307  11.376  1.00 43.34  ?  28 GLN B CG   1 
ATOM   896  C CD   . GLN B 2 29 ? -0.624  -4.959  11.752  1.00 42.32  ?  28 GLN B CD   1 
ATOM   897  O OE1  . GLN B 2 29 ? -0.095  -5.790  11.021  1.00 45.33  ?  28 GLN B OE1  1 
ATOM   898  N NE2  . GLN B 2 29 ? -0.097  -4.588  12.907  1.00 41.65  ?  28 GLN B NE2  1 
ATOM   899  H H    . GLN B 2 29 ? -3.768  -6.537  8.699   1.00 48.67  ?  28 GLN B H    1 
ATOM   900  H HA   . GLN B 2 29 ? -2.392  -6.926  10.898  1.00 48.92  ?  28 GLN B HA   1 
ATOM   901  H HB2  . GLN B 2 29 ? -2.012  -5.058  9.491   1.00 47.74  ?  28 GLN B HB2  1 
ATOM   902  H HB3  . GLN B 2 29 ? -3.388  -4.449  9.982   1.00 47.74  ?  28 GLN B HB3  1 
ATOM   903  H HG2  . GLN B 2 29 ? -1.738  -3.394  11.112  1.00 44.17  ?  28 GLN B HG2  1 
ATOM   904  H HG3  . GLN B 2 29 ? -2.501  -4.307  12.160  1.00 44.17  ?  28 GLN B HG3  1 
ATOM   905  H HE21 . GLN B 2 29 ? -0.492  -4.033  13.402  0.00 41.81  ?  28 GLN B HE21 1 
ATOM   906  H HE22 . GLN B 2 29 ? 0.652   -4.956  13.163  0.00 41.81  ?  28 GLN B HE22 1 
ATOM   907  N N    . GLU B 2 30 ? -5.418  -5.931  11.259  1.00 52.69  ?  29 GLU B N    1 
ATOM   908  C CA   . GLU B 2 30 ? -6.529  -5.893  12.207  1.00 54.22  ?  29 GLU B CA   1 
ATOM   909  C C    . GLU B 2 30 ? -6.897  -7.274  12.795  1.00 53.47  ?  29 GLU B C    1 
ATOM   910  O O    . GLU B 2 30 ? -6.980  -7.417  13.999  1.00 55.49  ?  29 GLU B O    1 
ATOM   911  C CB   . GLU B 2 30 ? -7.740  -5.251  11.561  1.00 54.94  ?  29 GLU B CB   1 
ATOM   912  C CG   . GLU B 2 30 ? -7.573  -3.750  11.358  1.00 63.18  ?  29 GLU B CG   1 
ATOM   913  C CD   . GLU B 2 30 ? -8.834  -3.076  10.804  1.00 74.10  ?  29 GLU B CD   1 
ATOM   914  O OE1  . GLU B 2 30 ? -9.901  -3.215  11.445  1.00 77.95  ?  29 GLU B OE1  1 
ATOM   915  O OE2  . GLU B 2 30 ? -8.756  -2.403  9.738   1.00 81.52  -1 29 GLU B OE2  1 
ATOM   916  H H    . GLU B 2 30 ? -5.623  -5.678  10.464  1.00 52.64  ?  29 GLU B H    1 
ATOM   917  H HA   . GLU B 2 30 ? -6.268  -5.320  12.958  1.00 53.93  ?  29 GLU B HA   1 
ATOM   918  H HB2  . GLU B 2 30 ? -7.896  -5.658  10.695  1.00 55.53  ?  29 GLU B HB2  1 
ATOM   919  H HB3  . GLU B 2 30 ? -8.512  -5.388  12.133  1.00 55.53  ?  29 GLU B HB3  1 
ATOM   920  H HG2  . GLU B 2 30 ? -7.365  -3.338  12.210  1.00 63.85  ?  29 GLU B HG2  1 
ATOM   921  H HG3  . GLU B 2 30 ? -6.850  -3.595  10.731  1.00 63.85  ?  29 GLU B HG3  1 
ATOM   922  N N    . LYS B 2 31 ? -7.089  -8.286  11.964  1.00 51.87  ?  30 LYS B N    1 
ATOM   923  C CA   . LYS B 2 31 ? -7.347  -9.629  12.461  1.00 51.81  ?  30 LYS B CA   1 
ATOM   924  C C    . LYS B 2 31 ? -6.265  -10.064 13.470  1.00 52.98  ?  30 LYS B C    1 
ATOM   925  O O    . LYS B 2 31 ? -6.577  -10.639 14.505  1.00 56.07  ?  30 LYS B O    1 
ATOM   926  C CB   . LYS B 2 31 ? -7.454  -10.639 11.305  1.00 48.34  ?  30 LYS B CB   1 
ATOM   927  H H    . LYS B 2 31 ? -7.076  -8.219  11.106  1.00 52.31  ?  30 LYS B H    1 
ATOM   928  H HA   . LYS B 2 31 ? -8.206  -9.627  12.933  1.00 51.37  ?  30 LYS B HA   1 
ATOM   929  H HB2  . LYS B 2 31 ? -8.182  -10.342 10.732  0.00 49.77  ?  30 LYS B HB2  1 
ATOM   930  H HB3  . LYS B 2 31 ? -6.635  -10.624 10.812  0.00 49.77  ?  30 LYS B HB3  1 
ATOM   931  N N    . ASN B 2 32 ? -5.005  -9.765  13.176  1.00 53.24  ?  31 ASN B N    1 
ATOM   932  C CA   . ASN B 2 32 ? -3.881  -10.229 13.974  1.00 52.08  ?  31 ASN B CA   1 
ATOM   933  C C    . ASN B 2 32 ? -3.812  -9.564  15.309  1.00 52.86  ?  31 ASN B C    1 
ATOM   934  O O    . ASN B 2 32 ? -3.397  -10.175 16.271  1.00 53.34  ?  31 ASN B O    1 
ATOM   935  C CB   . ASN B 2 32 ? -2.557  -9.930  13.278  1.00 51.92  ?  31 ASN B CB   1 
ATOM   936  C CG   . ASN B 2 32 ? -2.263  -10.867 12.143  1.00 51.68  ?  31 ASN B CG   1 
ATOM   937  O OD1  . ASN B 2 32 ? -2.879  -11.920 11.997  1.00 51.68  ?  31 ASN B OD1  1 
ATOM   938  N ND2  . ASN B 2 32 ? -1.287  -10.491 11.329  1.00 57.60  ?  31 ASN B ND2  1 
ATOM   939  H H    . ASN B 2 32 ? -4.775  -9.285  12.500  1.00 52.89  ?  31 ASN B H    1 
ATOM   940  H HA   . ASN B 2 32 ? -3.957  -11.195 14.118  1.00 52.48  ?  31 ASN B HA   1 
ATOM   941  H HB2  . ASN B 2 32 ? -2.576  -9.027  12.925  1.00 52.02  ?  31 ASN B HB2  1 
ATOM   942  H HB3  . ASN B 2 32 ? -1.834  -10.016 13.919  1.00 52.02  ?  31 ASN B HB3  1 
ATOM   943  H HD21 . ASN B 2 32 ? -0.786  -9.643  11.490  0.00 57.50  ?  31 ASN B HD21 1 
ATOM   944  H HD22 . ASN B 2 32 ? -1.013  -11.055 10.576  0.00 57.50  ?  31 ASN B HD22 1 
ATOM   945  N N    . GLU B 2 33 ? -4.141  -8.290  15.358  1.00 54.42  ?  32 GLU B N    1 
ATOM   946  C CA   . GLU B 2 33 ? -4.147  -7.580  16.616  1.00 57.16  ?  32 GLU B CA   1 
ATOM   947  C C    . GLU B 2 33 ? -5.161  -8.231  17.544  1.00 59.84  ?  32 GLU B C    1 
ATOM   948  O O    . GLU B 2 33 ? -4.815  -8.701  18.642  1.00 60.50  ?  32 GLU B O    1 
ATOM   949  C CB   . GLU B 2 33 ? -4.480  -6.109  16.398  1.00 56.94  ?  32 GLU B CB   1 
ATOM   950  C CG   . GLU B 2 33 ? -3.276  -5.340  15.889  1.00 57.97  ?  32 GLU B CG   1 
ATOM   951  C CD   . GLU B 2 33 ? -3.602  -3.947  15.401  1.00 62.14  ?  32 GLU B CD   1 
ATOM   952  O OE1  . GLU B 2 33 ? -4.812  -3.590  15.393  1.00 66.87  ?  32 GLU B OE1  1 
ATOM   953  O OE2  . GLU B 2 33 ? -2.638  -3.216  15.031  1.00 59.43  -1 32 GLU B OE2  1 
ATOM   954  H H    . GLU B 2 33 ? -4.357  -7.813  14.675  1.00 54.76  ?  32 GLU B H    1 
ATOM   955  H HA   . GLU B 2 33 ? -3.262  -7.639  17.033  1.00 57.13  ?  32 GLU B HA   1 
ATOM   956  H HB2  . GLU B 2 33 ? -5.194  -6.037  15.745  1.00 57.23  ?  32 GLU B HB2  1 
ATOM   957  H HB3  . GLU B 2 33 ? -4.754  -5.712  17.239  1.00 57.23  ?  32 GLU B HB3  1 
ATOM   958  H HG2  . GLU B 2 33 ? -2.630  -5.260  16.608  1.00 58.75  ?  32 GLU B HG2  1 
ATOM   959  H HG3  . GLU B 2 33 ? -2.885  -5.828  15.147  1.00 58.75  ?  32 GLU B HG3  1 
ATOM   960  N N    . ALA B 2 34 ? -6.403  -8.283  17.070  1.00 61.40  ?  33 ALA B N    1 
ATOM   961  C CA   . ALA B 2 34 ? -7.508  -8.844  17.826  1.00 62.03  ?  33 ALA B CA   1 
ATOM   962  C C    . ALA B 2 34 ? -7.153  -10.242 18.260  1.00 62.82  ?  33 ALA B C    1 
ATOM   963  O O    . ALA B 2 34 ? -7.220  -10.571 19.425  1.00 64.02  ?  33 ALA B O    1 
ATOM   964  C CB   . ALA B 2 34 ? -8.753  -8.865  16.982  1.00 62.04  ?  33 ALA B CB   1 
ATOM   965  H H    . ALA B 2 34 ? -6.632  -7.989  16.294  1.00 61.19  ?  33 ALA B H    1 
ATOM   966  H HA   . ALA B 2 34 ? -7.675  -8.298  18.622  1.00 62.10  ?  33 ALA B HA   1 
ATOM   967  H HB1  . ALA B 2 34 ? -8.980  -7.984  16.728  0.00 61.73  ?  33 ALA B HB1  1 
ATOM   968  H HB2  . ALA B 2 34 ? -9.475  -9.264  17.492  0.00 61.73  ?  33 ALA B HB2  1 
ATOM   969  H HB3  . ALA B 2 34 ? -8.592  -9.413  16.199  0.00 61.73  ?  33 ALA B HB3  1 
ATOM   970  N N    . ALA B 2 35 ? -6.745  -11.063 17.312  1.00 64.92  ?  34 ALA B N    1 
ATOM   971  C CA   . ALA B 2 35 ? -6.430  -12.454 17.603  1.00 66.32  ?  34 ALA B CA   1 
ATOM   972  C C    . ALA B 2 35 ? -5.312  -12.608 18.653  1.00 67.67  ?  34 ALA B C    1 
ATOM   973  O O    . ALA B 2 35 ? -5.326  -13.565 19.435  1.00 67.56  ?  34 ALA B O    1 
ATOM   974  C CB   . ALA B 2 35 ? -6.079  -13.207 16.309  1.00 65.40  ?  34 ALA B CB   1 
ATOM   975  H H    . ALA B 2 35 ? -6.642  -10.843 16.486  1.00 64.77  ?  34 ALA B H    1 
ATOM   976  H HA   . ALA B 2 35 ? -7.233  -12.877 17.975  1.00 66.15  ?  34 ALA B HA   1 
ATOM   977  H HB1  . ALA B 2 35 ? -6.809  -13.188 15.719  0.00 65.11  ?  34 ALA B HB1  1 
ATOM   978  H HB2  . ALA B 2 35 ? -5.858  -14.135 16.537  0.00 65.11  ?  34 ALA B HB2  1 
ATOM   979  H HB3  . ALA B 2 35 ? -5.297  -12.801 15.919  0.00 65.11  ?  34 ALA B HB3  1 
ATOM   980  N N    . LEU B 2 36 ? -4.360  -11.671 18.674  1.00 69.38  ?  35 LEU B N    1 
ATOM   981  C CA   . LEU B 2 36 ? -3.211  -11.745 19.595  1.00 70.46  ?  35 LEU B CA   1 
ATOM   982  C C    . LEU B 2 36 ? -3.633  -11.307 20.987  1.00 71.47  ?  35 LEU B C    1 
ATOM   983  O O    . LEU B 2 36 ? -3.122  -11.830 21.981  1.00 71.22  ?  35 LEU B O    1 
ATOM   984  C CB   . LEU B 2 36 ? -2.024  -10.892 19.097  1.00 70.77  ?  35 LEU B CB   1 
ATOM   985  C CG   . LEU B 2 36 ? -0.661  -10.999 19.811  1.00 70.09  ?  35 LEU B CG   1 
ATOM   986  C CD1  . LEU B 2 36 ? -0.076  -12.390 19.682  1.00 67.75  ?  35 LEU B CD1  1 
ATOM   987  C CD2  . LEU B 2 36 ? 0.334   -9.972  19.264  1.00 71.21  ?  35 LEU B CD2  1 
ATOM   988  H H    . LEU B 2 36 ? -4.347  -10.980 18.163  1.00 69.24  ?  35 LEU B H    1 
ATOM   989  H HA   . LEU B 2 36 ? -2.905  -12.675 19.652  1.00 70.54  ?  35 LEU B HA   1 
ATOM   990  H HB2  . LEU B 2 36 ? -1.865  -11.127 18.170  1.00 70.53  ?  35 LEU B HB2  1 
ATOM   991  H HB3  . LEU B 2 36 ? -2.291  -9.961  19.144  1.00 70.53  ?  35 LEU B HB3  1 
ATOM   992  H HG   . LEU B 2 36 ? -0.785  -10.818 20.756  1.00 70.01  ?  35 LEU B HG   1 
ATOM   993  H HD11 . LEU B 2 36 ? 0.764   -12.449 20.147  0.00 67.85  ?  35 LEU B HD11 1 
ATOM   994  H HD12 . LEU B 2 36 ? 0.039   -12.641 18.764  0.00 67.85  ?  35 LEU B HD12 1 
ATOM   995  H HD13 . LEU B 2 36 ? -0.690  -13.042 20.099  0.00 67.85  ?  35 LEU B HD13 1 
ATOM   996  H HD21 . LEU B 2 36 ? 0.467   -10.192 18.295  0.00 70.40  ?  35 LEU B HD21 1 
ATOM   997  H HD22 . LEU B 2 36 ? 1.180   -10.113 19.692  0.00 70.40  ?  35 LEU B HD22 1 
ATOM   998  H HD23 . LEU B 2 36 ? -0.002  -9.130  19.356  0.00 70.40  ?  35 LEU B HD23 1 
ATOM   999  N N    . ARG B 2 37 ? -4.557  -10.345 21.052  1.00 73.21  ?  36 ARG B N    1 
ATOM   1000 C CA   . ARG B 2 37 ? -5.134  -9.894  22.331  1.00 75.00  ?  36 ARG B CA   1 
ATOM   1001 C C    . ARG B 2 37 ? -5.893  -11.019 23.045  1.00 73.98  ?  36 ARG B C    1 
ATOM   1002 O O    . ARG B 2 37 ? -5.936  -11.061 24.280  1.00 73.79  ?  36 ARG B O    1 
ATOM   1003 C CB   . ARG B 2 37 ? -6.086  -8.705  22.130  1.00 75.75  ?  36 ARG B CB   1 
ATOM   1004 C CG   . ARG B 2 37 ? -5.494  -7.308  22.401  1.00 81.24  ?  36 ARG B CG   1 
ATOM   1005 C CD   . ARG B 2 37 ? -6.419  -6.216  21.819  1.00 88.02  ?  36 ARG B CD   1 
ATOM   1006 N NE   . ARG B 2 37 ? -7.805  -6.703  21.699  1.00 94.23  ?  36 ARG B NE   1 
ATOM   1007 C CZ   . ARG B 2 37 ? -8.678  -6.345  20.750  1.00 97.87  ?  36 ARG B CZ   1 
ATOM   1008 N NH1  . ARG B 2 37 ? -8.355  -5.447  19.816  1.00 99.94  ?  36 ARG B NH1  1 
ATOM   1009 N NH2  . ARG B 2 37 ? -9.897  -6.888  20.742  1.00 95.65  ?  36 ARG B NH2  1 
ATOM   1010 H H    . ARG B 2 37 ? -4.862  -9.928  20.366  1.00 73.25  ?  36 ARG B H    1 
ATOM   1011 H HA   . ARG B 2 37 ? -4.407  -9.602  22.921  1.00 74.60  ?  36 ARG B HA   1 
ATOM   1012 H HB2  . ARG B 2 37 ? -6.405  -8.718  21.215  1.00 75.98  ?  36 ARG B HB2  1 
ATOM   1013 H HB3  . ARG B 2 37 ? -6.836  -8.820  22.734  1.00 75.98  ?  36 ARG B HB3  1 
ATOM   1014 H HG2  . ARG B 2 37 ? -5.417  -7.169  23.358  1.00 81.57  ?  36 ARG B HG2  1 
ATOM   1015 H HG3  . ARG B 2 37 ? -4.625  -7.236  21.976  1.00 81.57  ?  36 ARG B HG3  1 
ATOM   1016 H HD2  . ARG B 2 37 ? -6.416  -5.444  22.407  1.00 87.91  ?  36 ARG B HD2  1 
ATOM   1017 H HD3  . ARG B 2 37 ? -6.087  -5.973  20.942  1.00 87.91  ?  36 ARG B HD3  1 
ATOM   1018 H HE   . ARG B 2 37 ? -8.202  -7.030  22.521  1.00 93.65  ?  36 ARG B HE   1 
ATOM   1019 H HH11 . ARG B 2 37 ? -8.933  -5.226  19.219  1.00 99.33  ?  36 ARG B HH11 1 
ATOM   1020 H HH12 . ARG B 2 37 ? -7.577  -5.087  19.796  1.00 99.33  ?  36 ARG B HH12 1 
ATOM   1021 H HH21 . ARG B 2 37 ? -10.119 -7.462  21.344  1.00 96.36  ?  36 ARG B HH21 1 
ATOM   1022 H HH22 . ARG B 2 37 ? -10.471 -6.654  20.146  1.00 96.36  ?  36 ARG B HH22 1 
ATOM   1023 N N    . GLU B 2 38 ? -6.493  -11.910 22.261  1.00 72.88  ?  37 GLU B N    1 
ATOM   1024 C CA   . GLU B 2 38 ? -7.242  -13.022 22.810  1.00 72.68  ?  37 GLU B CA   1 
ATOM   1025 C C    . GLU B 2 38 ? -6.356  -14.158 23.349  1.00 72.23  ?  37 GLU B C    1 
ATOM   1026 O O    . GLU B 2 38 ? -6.704  -14.748 24.364  1.00 75.31  ?  37 GLU B O    1 
ATOM   1027 C CB   . GLU B 2 38 ? -8.268  -13.539 21.793  1.00 72.57  ?  37 GLU B CB   1 
ATOM   1028 C CG   . GLU B 2 38 ? -9.534  -12.690 21.727  1.00 72.80  ?  37 GLU B CG   1 
ATOM   1029 H H    . GLU B 2 38 ? -6.481  -11.886 21.402  1.00 73.15  ?  37 GLU B H    1 
ATOM   1030 H HA   . GLU B 2 38 ? -7.761  -12.691 23.573  1.00 72.64  ?  37 GLU B HA   1 
ATOM   1031 H HB2  . GLU B 2 38 ? -7.869  -13.552 20.910  1.00 72.70  ?  37 GLU B HB2  1 
ATOM   1032 H HB3  . GLU B 2 38 ? -8.534  -14.438 22.044  1.00 72.70  ?  37 GLU B HB3  1 
ATOM   1033 H HG2  . GLU B 2 38 ? -9.970  -12.692 22.573  0.00 72.28  ?  37 GLU B HG2  1 
ATOM   1034 H HG3  . GLU B 2 38 ? -9.291  -11.807 21.439  0.00 72.28  ?  37 GLU B HG3  1 
ATOM   1035 N N    . LEU B 2 39 ? -5.228  -14.475 22.706  1.00 71.62  ?  38 LEU B N    1 
ATOM   1036 C CA   . LEU B 2 39 ? -4.311  -15.518 23.241  1.00 70.90  ?  38 LEU B CA   1 
ATOM   1037 C C    . LEU B 2 39 ? -3.948  -15.143 24.657  1.00 70.19  ?  38 LEU B C    1 
ATOM   1038 O O    . LEU B 2 39 ? -3.601  -13.995 24.897  1.00 69.83  ?  38 LEU B O    1 
ATOM   1039 C CB   . LEU B 2 39 ? -3.002  -15.674 22.424  1.00 70.38  ?  38 LEU B CB   1 
ATOM   1040 C CG   . LEU B 2 39 ? -2.726  -16.917 21.555  1.00 66.69  ?  38 LEU B CG   1 
ATOM   1041 C CD1  . LEU B 2 39 ? -1.306  -16.855 21.013  1.00 63.39  ?  38 LEU B CD1  1 
ATOM   1042 C CD2  . LEU B 2 39 ? -2.942  -18.249 22.277  1.00 60.56  ?  38 LEU B CD2  1 
ATOM   1043 H H    . LEU B 2 39 ? -4.972  -14.115 21.969  1.00 71.62  ?  38 LEU B H    1 
ATOM   1044 H HA   . LEU B 2 39 ? -4.776  -16.380 23.258  1.00 70.82  ?  38 LEU B HA   1 
ATOM   1045 H HB2  . LEU B 2 39 ? -2.940  -14.913 21.825  1.00 70.29  ?  38 LEU B HB2  1 
ATOM   1046 H HB3  . LEU B 2 39 ? -2.263  -15.624 23.050  1.00 70.29  ?  38 LEU B HB3  1 
ATOM   1047 H HG   . LEU B 2 39 ? -3.328  -16.898 20.796  1.00 65.62  ?  38 LEU B HG   1 
ATOM   1048 H HD11 . LEU B 2 39 ? -1.170  -17.618 20.474  0.00 64.91  ?  38 LEU B HD11 1 
ATOM   1049 H HD12 . LEU B 2 39 ? -0.709  -16.815 21.745  0.00 64.91  ?  38 LEU B HD12 1 
ATOM   1050 H HD13 . LEU B 2 39 ? -1.244  -16.050 20.479  0.00 64.91  ?  38 LEU B HD13 1 
ATOM   1051 H HD21 . LEU B 2 39 ? -2.340  -18.271 23.052  0.00 62.34  ?  38 LEU B HD21 1 
ATOM   1052 H HD22 . LEU B 2 39 ? -2.753  -18.956 21.700  0.00 62.34  ?  38 LEU B HD22 1 
ATOM   1053 H HD23 . LEU B 2 39 ? -3.849  -18.290 22.610  0.00 62.34  ?  38 LEU B HD23 1 
HETATM 1054 C C1   . GOL C 3 .  ? 4.371   9.641   15.352  1.00 84.03  ?  38 GOL A C1   1 
HETATM 1055 O O1   . GOL C 3 .  ? 4.069   10.807  14.612  1.00 83.35  ?  38 GOL A O1   1 
HETATM 1056 C C2   . GOL C 3 .  ? 4.885   8.537   14.429  1.00 83.59  ?  38 GOL A C2   1 
HETATM 1057 O O2   . GOL C 3 .  ? 6.241   8.767   14.069  1.00 77.18  ?  38 GOL A O2   1 
HETATM 1058 C C3   . GOL C 3 .  ? 4.748   7.168   15.095  1.00 83.10  ?  38 GOL A C3   1 
HETATM 1059 O O3   . GOL C 3 .  ? 5.369   6.178   14.304  1.00 78.64  ?  38 GOL A O3   1 
HETATM 1060 H H11  . GOL C 3 .  ? 5.126   9.870   16.103  1.00 83.80  ?  38 GOL A H11  1 
HETATM 1061 H H12  . GOL C 3 .  ? 3.476   9.296   15.869  1.00 83.80  ?  38 GOL A H12  1 
HETATM 1062 H HO1  . GOL C 3 .  ? 3.682   11.482  15.225  0.00 84.18  ?  38 GOL A HO1  1 
HETATM 1063 H H2   . GOL C 3 .  ? 4.250   8.529   13.546  1.00 82.38  ?  38 GOL A H2   1 
HETATM 1064 H HO2  . GOL C 3 .  ? 6.746   8.691   14.872  0.00 80.46  ?  38 GOL A HO2  1 
HETATM 1065 H H31  . GOL C 3 .  ? 5.209   7.193   16.082  1.00 82.19  ?  38 GOL A H31  1 
HETATM 1066 H H32  . GOL C 3 .  ? 3.693   6.926   15.220  1.00 82.19  ?  38 GOL A H32  1 
HETATM 1067 H HO3  . GOL C 3 .  ? 6.063   6.580   13.738  1.00 80.03  ?  38 GOL A HO3  1 
HETATM 1068 C C1   . GOL D 3 .  ? -6.843  -13.379 26.974  1.00 95.34  ?  40 GOL B C1   1 
HETATM 1069 O O1   . GOL D 3 .  ? -7.587  -12.217 27.260  1.00 94.40  ?  40 GOL B O1   1 
HETATM 1070 C C2   . GOL D 3 .  ? -6.124  -13.905 28.222  1.00 96.78  ?  40 GOL B C2   1 
HETATM 1071 O O2   . GOL D 3 .  ? -4.745  -13.611 28.181  1.00 95.55  ?  40 GOL B O2   1 
HETATM 1072 C C3   . GOL D 3 .  ? -6.288  -15.415 28.373  1.00 96.10  ?  40 GOL B C3   1 
HETATM 1073 O O3   . GOL D 3 .  ? -7.122  -15.674 29.483  1.00 96.58  ?  40 GOL B O3   1 
HETATM 1074 H H11  . GOL D 3 .  ? -7.525  -14.135 26.588  1.00 95.49  ?  40 GOL B H11  1 
HETATM 1075 H H12  . GOL D 3 .  ? -6.106  -13.153 26.204  1.00 95.49  ?  40 GOL B H12  1 
HETATM 1076 H HO1  . GOL D 3 .  ? -7.903  -11.831 26.402  0.00 93.68  ?  40 GOL B HO1  1 
HETATM 1077 H H2   . GOL D 3 .  ? -6.565  -13.422 29.094  1.00 96.17  ?  40 GOL B H2   1 
HETATM 1078 H HO2  . GOL D 3 .  ? -4.248  -13.790 29.015  0.00 94.98  ?  40 GOL B HO2  1 
HETATM 1079 H H31  . GOL D 3 .  ? -6.717  -15.856 27.474  1.00 96.40  ?  40 GOL B H31  1 
HETATM 1080 H H32  . GOL D 3 .  ? -5.311  -15.870 28.536  1.00 96.40  ?  40 GOL B H32  1 
HETATM 1081 H HO3  . GOL D 3 .  ? -8.015  -15.309 29.312  1.00 96.45  ?  40 GOL B HO3  1 
HETATM 1082 O O    . HOH E 4 .  ? 4.707   19.910  -20.401 1.00 76.12  ?  39 HOH A O    1 
HETATM 1083 H H1   . HOH E 4 .  ? 4.569   20.220  -19.497 0.00 77.80  ?  39 HOH A H1   1 
HETATM 1084 H H2   . HOH E 4 .  ? 3.869   19.390  -20.638 0.00 77.80  ?  39 HOH A H2   1 
HETATM 1085 O O    . HOH E 4 .  ? 0.347   5.708   6.135   1.00 55.39  ?  40 HOH A O    1 
HETATM 1086 H H1   . HOH E 4 .  ? 0.271   6.077   7.036   0.00 55.21  ?  40 HOH A H1   1 
HETATM 1087 H H2   . HOH E 4 .  ? -0.483  5.238   5.939   0.00 55.21  ?  40 HOH A H2   1 
HETATM 1088 O O    . HOH E 4 .  ? -2.363  0.364   8.848   1.00 53.75  ?  41 HOH A O    1 
HETATM 1089 H H1   . HOH E 4 .  ? -2.739  0.571   9.684   0.00 53.15  ?  41 HOH A H1   1 
HETATM 1090 H H2   . HOH E 4 .  ? -3.059  0.013   8.249   0.00 53.15  ?  41 HOH A H2   1 
HETATM 1091 O O    . HOH E 4 .  ? 4.413   6.824   -16.678 1.00 64.04  ?  48 HOH A O    1 
HETATM 1092 H H1   . HOH E 4 .  ? 4.412   6.968   -15.712 0.00 61.51  ?  48 HOH A H1   1 
HETATM 1093 H H2   . HOH E 4 .  ? 3.685   6.148   -16.841 0.00 61.51  ?  48 HOH A H2   1 
HETATM 1094 O O    . HOH F 4 .  ? -2.226  -6.805  19.977  1.00 61.87  ?  41 HOH B O    1 
HETATM 1095 H H1   . HOH F 4 .  ? -2.132  -6.508  20.912  0.00 62.56  ?  41 HOH B H1   1 
HETATM 1096 H H2   . HOH F 4 .  ? -2.925  -7.366  19.857  0.00 62.56  ?  41 HOH B H2   1 
HETATM 1097 O O    . HOH F 4 .  ? -0.544  -11.139 23.881  1.00 58.35  ?  42 HOH B O    1 
HETATM 1098 H H1   . HOH F 4 .  ? -1.165  -10.371 23.716  0.00 58.15  ?  42 HOH B H1   1 
HETATM 1099 H H2   . HOH F 4 .  ? 0.352   -10.776 23.818  0.00 58.15  ?  42 HOH B H2   1 
HETATM 1100 O O    . HOH F 4 .  ? -9.062  -0.906  7.545   1.00 57.92  ?  43 HOH B O    1 
HETATM 1101 H H1   . HOH F 4 .  ? -9.058  -0.655  8.550   0.00 59.01  ?  43 HOH B H1   1 
HETATM 1102 H H2   . HOH F 4 .  ? -9.852  -1.513  7.496   0.00 59.01  ?  43 HOH B H2   1 
HETATM 1103 O O    . HOH F 4 .  ? -0.112  6.609   -15.222 1.00 55.97  ?  44 HOH B O    1 
HETATM 1104 H H1   . HOH F 4 .  ? -0.171  6.883   -14.267 0.00 53.96  ?  44 HOH B H1   1 
HETATM 1105 H H2   . HOH F 4 .  ? -0.923  6.044   -15.367 0.00 53.96  ?  44 HOH B H2   1 
HETATM 1106 O O    . HOH F 4 .  ? -4.536  -1.149  9.545   1.00 54.55  ?  45 HOH B O    1 
HETATM 1107 H H1   . HOH F 4 .  ? -4.685  -0.734  10.456  0.00 55.34  ?  45 HOH B H1   1 
HETATM 1108 H H2   . HOH F 4 .  ? -5.406  -1.506  9.290   0.00 55.34  ?  45 HOH B H2   1 
HETATM 1109 O O    . HOH F 4 .  ? -3.472  2.584   0.340   1.00 69.45  ?  46 HOH B O    1 
HETATM 1110 H H1   . HOH F 4 .  ? -3.634  3.067   1.149   0.00 69.22  ?  46 HOH B H1   1 
HETATM 1111 H H2   . HOH F 4 .  ? -4.348  2.224   0.029   0.00 69.22  ?  46 HOH B H2   1 
HETATM 1112 O O    . HOH F 4 .  ? -3.882  5.115   -9.305  1.00 44.15  ?  47 HOH B O    1 
HETATM 1113 H H1   . HOH F 4 .  ? -3.967  5.551   -8.416  0.00 45.24  ?  47 HOH B H1   1 
HETATM 1114 H H2   . HOH F 4 .  ? -4.737  4.713   -9.502  0.00 45.24  ?  47 HOH B H2   1 
HETATM 1115 O O    . HOH F 4 .  ? -4.041  6.276   -25.517 1.00 68.27  ?  48 HOH B O    1 
HETATM 1116 H H1   . HOH F 4 .  ? -4.164  6.598   -24.656 0.00 69.64  ?  48 HOH B H1   1 
HETATM 1117 H H2   . HOH F 4 .  ? -4.868  5.768   -25.792 0.00 69.64  ?  48 HOH B H2   1 
HETATM 1118 O O    . HOH F 4 .  ? -11.266 -4.849  -1.325  1.00 66.36  ?  49 HOH B O    1 
HETATM 1119 H H1   . HOH F 4 .  ? -11.137 -4.898  -0.247  0.00 65.75  ?  49 HOH B H1   1 
HETATM 1120 H H2   . HOH F 4 .  ? -12.210 -5.179  -1.362  0.00 65.75  ?  49 HOH B H2   1 
HETATM 1121 O O    . HOH F 4 .  ? -10.797 -2.606  -0.435  1.00 63.46  ?  50 HOH B O    1 
HETATM 1122 H H1   . HOH F 4 .  ? -10.967 -2.428  0.512   0.00 60.50  ?  50 HOH B H1   1 
HETATM 1123 H H2   . HOH F 4 .  ? -11.891 -2.674  -0.738  0.00 60.50  ?  50 HOH B H2   1 
HETATM 1124 O O    . HOH F 4 .  ? -4.406  -15.136 31.090  1.00 57.47  ?  51 HOH B O    1 
HETATM 1125 H H1   . HOH F 4 .  ? -4.454  -14.820 32.032  0.00 59.66  ?  51 HOH B H1   1 
HETATM 1126 H H2   . HOH F 4 .  ? -5.214  -15.660 30.940  0.00 59.66  ?  51 HOH B H2   1 
HETATM 1127 O O    . HOH F 4 .  ? -4.008  8.189   -15.594 1.00 59.21  ?  52 HOH B O    1 
HETATM 1128 H H1   . HOH F 4 .  ? -4.047  8.408   -14.602 0.00 61.49  ?  52 HOH B H1   1 
HETATM 1129 H H2   . HOH F 4 .  ? -4.807  7.567   -15.692 0.00 61.49  ?  52 HOH B H2   1 
HETATM 1130 O O    . HOH F 4 .  ? -6.943  -10.384 4.486   1.00 52.82  ?  53 HOH B O    1 
HETATM 1131 H H1   . HOH F 4 .  ? -6.992  -10.215 5.438   0.00 55.75  ?  53 HOH B H1   1 
HETATM 1132 H H2   . HOH F 4 .  ? -7.713  -11.035 4.304   0.00 55.75  ?  53 HOH B H2   1 
# 
loop_
_pdbx_poly_seq_scheme.asym_id 
_pdbx_poly_seq_scheme.entity_id 
_pdbx_poly_seq_scheme.seq_id 
_pdbx_poly_seq_scheme.mon_id 
_pdbx_poly_seq_scheme.ndb_seq_num 
_pdbx_poly_seq_scheme.pdb_seq_num 
_pdbx_poly_seq_scheme.auth_seq_num 
_pdbx_poly_seq_scheme.pdb_mon_id 
_pdbx_poly_seq_scheme.auth_mon_id 
_pdbx_poly_seq_scheme.pdb_strand_id 
_pdbx_poly_seq_scheme.pdb_ins_code 
_pdbx_poly_seq_scheme.hetero 
A 1 1  ACE 1  0  0  ACE ACE A . n 
A 1 2  SER 2  1  1  SER SER A . n 
A 1 3  GLY 3  2  2  GLY GLY A . n 
A 1 4  ILE 4  3  3  ILE ILE A . n 
A 1 5  VAL 5  4  4  VAL VAL A . n 
A 1 6  GLN 6  5  5  GLN GLN A . n 
A 1 7  GLN 7  6  6  GLN GLN A . n 
A 1 8  GLN 8  7  7  GLN GLN A . n 
A 1 9  ASN 9  8  8  ASN ASN A . n 
A 1 10 ASN 10 9  9  ASN ASN A . n 
A 1 11 LEU 11 10 10 LEU LEU A . n 
A 1 12 LEU 12 11 11 LEU LEU A . n 
A 1 13 ARG 13 12 12 ARG ARG A . n 
A 1 14 ALA 14 13 13 ALA ALA A . n 
A 1 15 ILE 15 14 14 ILE ILE A . n 
A 1 16 GLU 16 15 15 GLU GLU A . n 
A 1 17 ALA 17 16 16 ALA ALA A . n 
A 1 18 GLN 18 17 17 GLN GLN A . n 
A 1 19 GLN 19 18 18 GLN GLN A . n 
A 1 20 HIS 20 19 19 HIS HIS A . n 
A 1 21 LEU 21 20 20 LEU LEU A . n 
A 1 22 LEU 22 21 21 LEU LEU A . n 
A 1 23 GLN 23 22 22 GLN GLN A . n 
A 1 24 LEU 24 23 23 LEU LEU A . n 
A 1 25 THR 25 24 24 THR THR A . n 
A 1 26 VAL 26 25 25 VAL VAL A . n 
A 1 27 TRP 27 26 26 TRP TRP A . n 
A 1 28 GLY 28 27 27 GLY GLY A . n 
A 1 29 ILE 29 28 28 ILE ILE A . n 
A 1 30 LYS 30 29 29 LYS LYS A . n 
A 1 31 GLN 31 30 30 GLN GLN A . n 
A 1 32 LEU 32 31 31 LEU LEU A . n 
A 1 33 GLN 33 32 32 GLN GLN A . n 
A 1 34 ALA 34 33 ?  ?   ?   A . n 
A 1 35 ARG 35 34 ?  ?   ?   A . n 
A 1 36 ILE 36 35 ?  ?   ?   A . n 
A 1 37 LEU 37 36 ?  ?   ?   A . n 
A 1 38 NH2 38 37 ?  ?   ?   A . n 
B 2 1  ACE 1  0  ?  ?   ?   B . n 
B 2 2  B3T 2  1  ?  ?   ?   B . n 
B 2 3  THR 3  2  ?  ?   ?   B . n 
B 2 4  TRP 4  3  3  TRP TRP B . n 
B 2 5  GLU 5  4  4  GLU GLU B . n 
B 2 6  XCP 6  5  5  XCP XCP B . n 
B 2 7  TRP 7  6  6  TRP TRP B . n 
B 2 8  ASP 8  7  7  ASP ASP B . n 
B 2 9  XPC 9  8  8  XPC XPC B . n 
B 2 10 ALA 10 9  9  ALA ALA B . n 
B 2 11 ILE 11 10 10 ILE ILE B . n 
B 2 12 ALA 12 11 11 ALA ALA B . n 
B 2 13 B3E 13 12 12 B3E B3E B . n 
B 2 14 TYR 14 13 13 TYR TYR B . n 
B 2 15 ALA 15 14 14 ALA ALA B . n 
B 2 16 XCP 16 15 15 XCP XCP B . n 
B 2 17 ARG 17 16 16 ARG ARG B . n 
B 2 18 ILE 18 17 17 ILE ILE B . n 
B 2 19 GLU 19 18 18 GLU GLU B . n 
B 2 20 XCP 20 19 19 XCP XCP B . n 
B 2 21 LEU 21 20 20 LEU LEU B . n 
B 2 22 ILE 22 21 21 ILE ILE B . n 
B 2 23 XPC 23 22 22 XPC XPC B . n 
B 2 24 ALA 24 23 23 ALA ALA B . n 
B 2 25 ALA 25 24 24 ALA ALA B . n 
B 2 26 GLN 26 25 25 GLN GLN B . n 
B 2 27 GLU 27 26 26 GLU GLU B . n 
B 2 28 GLN 28 27 27 GLN GLN B . n 
B 2 29 GLN 29 28 28 GLN GLN B . n 
B 2 30 GLU 30 29 29 GLU GLU B . n 
B 2 31 LYS 31 30 30 LYS LYS B . n 
B 2 32 ASN 32 31 31 ASN ASN B . n 
B 2 33 GLU 33 32 32 GLU GLU B . n 
B 2 34 ALA 34 33 33 ALA ALA B . n 
B 2 35 ALA 35 34 34 ALA ALA B . n 
B 2 36 LEU 36 35 35 LEU LEU B . n 
B 2 37 ARG 37 36 36 ARG ARG B . n 
B 2 38 GLU 38 37 37 GLU GLU B . n 
B 2 39 LEU 39 38 38 LEU LEU B . n 
B 2 40 NH2 40 39 ?  ?   ?   B . n 
# 
loop_
_pdbx_nonpoly_scheme.asym_id 
_pdbx_nonpoly_scheme.entity_id 
_pdbx_nonpoly_scheme.mon_id 
_pdbx_nonpoly_scheme.ndb_seq_num 
_pdbx_nonpoly_scheme.pdb_seq_num 
_pdbx_nonpoly_scheme.auth_seq_num 
_pdbx_nonpoly_scheme.pdb_mon_id 
_pdbx_nonpoly_scheme.auth_mon_id 
_pdbx_nonpoly_scheme.pdb_strand_id 
_pdbx_nonpoly_scheme.pdb_ins_code 
C 3 GOL 1  38 1  GOL GOL A . 
D 3 GOL 1  40 1  GOL GOL B . 
E 4 HOH 1  39 3  HOH HOH A . 
E 4 HOH 2  40 5  HOH HOH A . 
E 4 HOH 3  41 7  HOH HOH A . 
E 4 HOH 4  48 11 HOH HOH A . 
F 4 HOH 1  41 1  HOH HOH B . 
F 4 HOH 2  42 16 HOH HOH B . 
F 4 HOH 3  43 4  HOH HOH B . 
F 4 HOH 4  44 6  HOH HOH B . 
F 4 HOH 5  45 8  HOH HOH B . 
F 4 HOH 6  46 9  HOH HOH B . 
F 4 HOH 7  47 10 HOH HOH B . 
F 4 HOH 8  48 2  HOH HOH B . 
F 4 HOH 9  49 12 HOH HOH B . 
F 4 HOH 10 50 13 HOH HOH B . 
F 4 HOH 11 51 14 HOH HOH B . 
F 4 HOH 12 52 15 HOH HOH B . 
F 4 HOH 13 53 17 HOH HOH B . 
# 
_pdbx_struct_mod_residue.id               1 
_pdbx_struct_mod_residue.label_asym_id    B 
_pdbx_struct_mod_residue.label_comp_id    B3E 
_pdbx_struct_mod_residue.label_seq_id     13 
_pdbx_struct_mod_residue.auth_asym_id     B 
_pdbx_struct_mod_residue.auth_comp_id     B3E 
_pdbx_struct_mod_residue.auth_seq_id      12 
_pdbx_struct_mod_residue.PDB_ins_code     ? 
_pdbx_struct_mod_residue.parent_comp_id   GLU 
_pdbx_struct_mod_residue.details          '(3S)-3-AMINOHEXANEDIOIC ACID' 
# 
_pdbx_struct_assembly.id                   1 
_pdbx_struct_assembly.details              author_and_software_defined_assembly 
_pdbx_struct_assembly.method_details       PISA 
_pdbx_struct_assembly.oligomeric_details   hexameric 
_pdbx_struct_assembly.oligomeric_count     6 
# 
_pdbx_struct_assembly_gen.assembly_id       1 
_pdbx_struct_assembly_gen.oper_expression   1,2,3 
_pdbx_struct_assembly_gen.asym_id_list      A,B,C,D,E,F 
# 
loop_
_pdbx_struct_assembly_prop.biol_id 
_pdbx_struct_assembly_prop.type 
_pdbx_struct_assembly_prop.value 
_pdbx_struct_assembly_prop.details 
1 'ABSA (A^2)' 9770  ? 
1 MORE         -64   ? 
1 'SSA (A^2)'  11860 ? 
# 
loop_
_pdbx_struct_oper_list.id 
_pdbx_struct_oper_list.type 
_pdbx_struct_oper_list.name 
_pdbx_struct_oper_list.symmetry_operation 
_pdbx_struct_oper_list.matrix[1][1] 
_pdbx_struct_oper_list.matrix[1][2] 
_pdbx_struct_oper_list.matrix[1][3] 
_pdbx_struct_oper_list.vector[1] 
_pdbx_struct_oper_list.matrix[2][1] 
_pdbx_struct_oper_list.matrix[2][2] 
_pdbx_struct_oper_list.matrix[2][3] 
_pdbx_struct_oper_list.vector[2] 
_pdbx_struct_oper_list.matrix[3][1] 
_pdbx_struct_oper_list.matrix[3][2] 
_pdbx_struct_oper_list.matrix[3][3] 
_pdbx_struct_oper_list.vector[3] 
1 'identity operation'         1_555 x,y,z 1.0000000000  0.0000000000  0.0000000000  0.0000000000  0.0000000000  1.0000000000 0.0000000000  0.0000000000  0.0000000000  0.0000000000  1.0000000000 0.0000000000  
2 'crystal symmetry operation' 5_555 z,x,y -0.4768038779 -0.5303226376 -0.7010106719 11.6889871159 0.7718894931  0.1289256613 -0.6225470138 -6.8549408108 0.4205290388  -0.8379356025 0.3478782166 -3.9704851255 
3 'crystal symmetry operation' 9_555 y,z,x -0.4768038779 0.7718894931  0.4205290388  12.5343154668 -0.5303226376 0.1289256613 -0.8379356025 3.7557014095  -0.7010106719 -0.6225470138 0.3478782166 5.3078270647 
# 
loop_
_pdbx_audit_revision_history.ordinal 
_pdbx_audit_revision_history.data_content_type 
_pdbx_audit_revision_history.major_revision 
_pdbx_audit_revision_history.minor_revision 
_pdbx_audit_revision_history.revision_date 
1 'Structure model' 1 0 2011-07-27 
2 'Structure model' 1 1 2011-11-23 
3 'Structure model' 1 2 2023-09-06 
4 'Structure model' 2 0 2023-11-15 
# 
_pdbx_audit_revision_details.ordinal             1 
_pdbx_audit_revision_details.revision_ordinal    1 
_pdbx_audit_revision_details.data_content_type   'Structure model' 
_pdbx_audit_revision_details.provider            repository 
_pdbx_audit_revision_details.type                'Initial release' 
_pdbx_audit_revision_details.description         ? 
_pdbx_audit_revision_details.details             ? 
# 
loop_
_pdbx_audit_revision_group.ordinal 
_pdbx_audit_revision_group.revision_ordinal 
_pdbx_audit_revision_group.data_content_type 
_pdbx_audit_revision_group.group 
1 2 'Structure model' 'Structure summary'      
2 3 'Structure model' 'Data collection'        
3 3 'Structure model' 'Database references'    
4 3 'Structure model' 'Derived calculations'   
5 3 'Structure model' 'Refinement description' 
6 4 'Structure model' 'Atomic model'           
7 4 'Structure model' 'Data collection'        
# 
loop_
_pdbx_audit_revision_category.ordinal 
_pdbx_audit_revision_category.revision_ordinal 
_pdbx_audit_revision_category.data_content_type 
_pdbx_audit_revision_category.category 
1  3 'Structure model' chem_comp_atom                 
2  3 'Structure model' chem_comp_bond                 
3  3 'Structure model' database_2                     
4  3 'Structure model' pdbx_initial_refinement_model  
5  3 'Structure model' struct_conn                    
6  3 'Structure model' struct_ref_seq                 
7  3 'Structure model' struct_ref_seq_dif             
8  3 'Structure model' struct_site                    
9  4 'Structure model' atom_site                      
10 4 'Structure model' chem_comp_atom                 
11 4 'Structure model' chem_comp_bond                 
12 4 'Structure model' pdbx_validate_main_chain_plane 
13 4 'Structure model' pdbx_validate_peptide_omega    
14 4 'Structure model' pdbx_validate_torsion          
# 
loop_
_pdbx_audit_revision_item.ordinal 
_pdbx_audit_revision_item.revision_ordinal 
_pdbx_audit_revision_item.data_content_type 
_pdbx_audit_revision_item.item 
1  3 'Structure model' '_database_2.pdbx_DOI'                        
2  3 'Structure model' '_database_2.pdbx_database_accession'         
3  3 'Structure model' '_struct_conn.pdbx_dist_value'                
4  3 'Structure model' '_struct_conn.pdbx_leaving_atom_flag'         
5  3 'Structure model' '_struct_conn.ptnr1_auth_asym_id'             
6  3 'Structure model' '_struct_conn.ptnr1_auth_comp_id'             
7  3 'Structure model' '_struct_conn.ptnr1_auth_seq_id'              
8  3 'Structure model' '_struct_conn.ptnr1_label_asym_id'            
9  3 'Structure model' '_struct_conn.ptnr1_label_comp_id'            
10 3 'Structure model' '_struct_conn.ptnr1_label_seq_id'             
11 3 'Structure model' '_struct_conn.ptnr2_auth_asym_id'             
12 3 'Structure model' '_struct_conn.ptnr2_auth_comp_id'             
13 3 'Structure model' '_struct_conn.ptnr2_auth_seq_id'              
14 3 'Structure model' '_struct_conn.ptnr2_label_asym_id'            
15 3 'Structure model' '_struct_conn.ptnr2_label_comp_id'            
16 3 'Structure model' '_struct_conn.ptnr2_label_seq_id'             
17 3 'Structure model' '_struct_ref_seq.db_align_beg'                
18 3 'Structure model' '_struct_ref_seq.db_align_end'                
19 3 'Structure model' '_struct_ref_seq_dif.details'                 
20 3 'Structure model' '_struct_site.pdbx_auth_asym_id'              
21 3 'Structure model' '_struct_site.pdbx_auth_comp_id'              
22 3 'Structure model' '_struct_site.pdbx_auth_seq_id'               
23 4 'Structure model' '_atom_site.B_iso_or_equiv'                   
24 4 'Structure model' '_atom_site.Cartn_x'                          
25 4 'Structure model' '_atom_site.Cartn_y'                          
26 4 'Structure model' '_atom_site.Cartn_z'                          
27 4 'Structure model' '_atom_site.auth_atom_id'                     
28 4 'Structure model' '_atom_site.label_atom_id'                    
29 4 'Structure model' '_chem_comp_atom.atom_id'                     
30 4 'Structure model' '_chem_comp_bond.atom_id_1'                   
31 4 'Structure model' '_chem_comp_bond.atom_id_2'                   
32 4 'Structure model' '_pdbx_validate_peptide_omega.auth_comp_id_1' 
33 4 'Structure model' '_pdbx_validate_peptide_omega.auth_comp_id_2' 
34 4 'Structure model' '_pdbx_validate_peptide_omega.auth_seq_id_1'  
35 4 'Structure model' '_pdbx_validate_peptide_omega.auth_seq_id_2'  
36 4 'Structure model' '_pdbx_validate_peptide_omega.omega'          
# 
loop_
_software.name 
_software.classification 
_software.version 
_software.citation_id 
_software.pdbx_ordinal 
MD2      'data collection' 'diffractometer software' ? 1 
PHASER   phasing           .                         ? 2 
REFMAC   refinement        5.5.0070                  ? 3 
HKL-2000 'data reduction'  .                         ? 4 
HKL-2000 'data scaling'    .                         ? 5 
# 
_pdbx_validate_rmsd_angle.id                         1 
_pdbx_validate_rmsd_angle.PDB_model_num              1 
_pdbx_validate_rmsd_angle.auth_atom_id_1             C 
_pdbx_validate_rmsd_angle.auth_asym_id_1             B 
_pdbx_validate_rmsd_angle.auth_comp_id_1             GLU 
_pdbx_validate_rmsd_angle.auth_seq_id_1              4 
_pdbx_validate_rmsd_angle.PDB_ins_code_1             ? 
_pdbx_validate_rmsd_angle.label_alt_id_1             ? 
_pdbx_validate_rmsd_angle.auth_atom_id_2             N 
_pdbx_validate_rmsd_angle.auth_asym_id_2             B 
_pdbx_validate_rmsd_angle.auth_comp_id_2             XCP 
_pdbx_validate_rmsd_angle.auth_seq_id_2              5 
_pdbx_validate_rmsd_angle.PDB_ins_code_2             ? 
_pdbx_validate_rmsd_angle.label_alt_id_2             ? 
_pdbx_validate_rmsd_angle.auth_atom_id_3             CA 
_pdbx_validate_rmsd_angle.auth_asym_id_3             B 
_pdbx_validate_rmsd_angle.auth_comp_id_3             XCP 
_pdbx_validate_rmsd_angle.auth_seq_id_3              5 
_pdbx_validate_rmsd_angle.PDB_ins_code_3             ? 
_pdbx_validate_rmsd_angle.label_alt_id_3             ? 
_pdbx_validate_rmsd_angle.angle_value                158.27 
_pdbx_validate_rmsd_angle.angle_target_value         121.70 
_pdbx_validate_rmsd_angle.angle_deviation            36.57 
_pdbx_validate_rmsd_angle.angle_standard_deviation   2.50 
_pdbx_validate_rmsd_angle.linker_flag                Y 
# 
_pdbx_validate_torsion.id              1 
_pdbx_validate_torsion.PDB_model_num   1 
_pdbx_validate_torsion.auth_comp_id    LEU 
_pdbx_validate_torsion.auth_asym_id    A 
_pdbx_validate_torsion.auth_seq_id     31 
_pdbx_validate_torsion.PDB_ins_code    ? 
_pdbx_validate_torsion.label_alt_id    ? 
_pdbx_validate_torsion.phi             -112.51 
_pdbx_validate_torsion.psi             53.16 
# 
loop_
_pdbx_validate_peptide_omega.id 
_pdbx_validate_peptide_omega.PDB_model_num 
_pdbx_validate_peptide_omega.auth_comp_id_1 
_pdbx_validate_peptide_omega.auth_asym_id_1 
_pdbx_validate_peptide_omega.auth_seq_id_1 
_pdbx_validate_peptide_omega.PDB_ins_code_1 
_pdbx_validate_peptide_omega.label_alt_id_1 
_pdbx_validate_peptide_omega.auth_comp_id_2 
_pdbx_validate_peptide_omega.auth_asym_id_2 
_pdbx_validate_peptide_omega.auth_seq_id_2 
_pdbx_validate_peptide_omega.PDB_ins_code_2 
_pdbx_validate_peptide_omega.label_alt_id_2 
_pdbx_validate_peptide_omega.omega 
1 1 ASP B 7  ? ? XPC B 8  ? ? 136.07 
2 1 B3E B 12 ? ? TYR B 13 ? ? 141.16 
3 1 ALA B 14 ? ? XCP B 15 ? ? 139.28 
4 1 GLU B 18 ? ? XCP B 19 ? ? 142.05 
5 1 ILE B 21 ? ? XPC B 22 ? ? 137.91 
# 
_pdbx_validate_main_chain_plane.id                       1 
_pdbx_validate_main_chain_plane.PDB_model_num            1 
_pdbx_validate_main_chain_plane.auth_comp_id             B3E 
_pdbx_validate_main_chain_plane.auth_asym_id             B 
_pdbx_validate_main_chain_plane.auth_seq_id              12 
_pdbx_validate_main_chain_plane.PDB_ins_code             ? 
_pdbx_validate_main_chain_plane.label_alt_id             ? 
_pdbx_validate_main_chain_plane.improper_torsion_angle   -18.74 
# 
loop_
_pdbx_unobs_or_zero_occ_atoms.id 
_pdbx_unobs_or_zero_occ_atoms.PDB_model_num 
_pdbx_unobs_or_zero_occ_atoms.polymer_flag 
_pdbx_unobs_or_zero_occ_atoms.occupancy_flag 
_pdbx_unobs_or_zero_occ_atoms.auth_asym_id 
_pdbx_unobs_or_zero_occ_atoms.auth_comp_id 
_pdbx_unobs_or_zero_occ_atoms.auth_seq_id 
_pdbx_unobs_or_zero_occ_atoms.PDB_ins_code 
_pdbx_unobs_or_zero_occ_atoms.auth_atom_id 
_pdbx_unobs_or_zero_occ_atoms.label_alt_id 
_pdbx_unobs_or_zero_occ_atoms.label_asym_id 
_pdbx_unobs_or_zero_occ_atoms.label_comp_id 
_pdbx_unobs_or_zero_occ_atoms.label_seq_id 
_pdbx_unobs_or_zero_occ_atoms.label_atom_id 
1  1 Y 1 A ILE 3  ? CG1 ? A ILE 4  CG1 
2  1 Y 1 A ILE 3  ? CG2 ? A ILE 4  CG2 
3  1 Y 1 A ILE 3  ? CD1 ? A ILE 4  CD1 
4  1 Y 1 A LYS 29 ? CD  ? A LYS 30 CD  
5  1 Y 1 A LYS 29 ? CE  ? A LYS 30 CE  
6  1 Y 1 A LYS 29 ? NZ  ? A LYS 30 NZ  
7  1 Y 1 B TRP 3  ? CG  ? B TRP 4  CG  
8  1 Y 1 B TRP 3  ? CD1 ? B TRP 4  CD1 
9  1 Y 1 B TRP 3  ? CD2 ? B TRP 4  CD2 
10 1 Y 1 B TRP 3  ? NE1 ? B TRP 4  NE1 
11 1 Y 1 B TRP 3  ? CE2 ? B TRP 4  CE2 
12 1 Y 1 B TRP 3  ? CE3 ? B TRP 4  CE3 
13 1 Y 1 B TRP 3  ? CZ2 ? B TRP 4  CZ2 
14 1 Y 1 B TRP 3  ? CZ3 ? B TRP 4  CZ3 
15 1 Y 1 B TRP 3  ? CH2 ? B TRP 4  CH2 
16 1 Y 1 B GLU 4  ? CG  ? B GLU 5  CG  
17 1 Y 1 B GLU 4  ? CD  ? B GLU 5  CD  
18 1 Y 1 B GLU 4  ? OE1 ? B GLU 5  OE1 
19 1 Y 1 B GLU 4  ? OE2 ? B GLU 5  OE2 
20 1 Y 1 B TRP 6  ? CG  ? B TRP 7  CG  
21 1 Y 1 B TRP 6  ? CD1 ? B TRP 7  CD1 
22 1 Y 1 B TRP 6  ? CD2 ? B TRP 7  CD2 
23 1 Y 1 B TRP 6  ? NE1 ? B TRP 7  NE1 
24 1 Y 1 B TRP 6  ? CE2 ? B TRP 7  CE2 
25 1 Y 1 B TRP 6  ? CE3 ? B TRP 7  CE3 
26 1 Y 1 B TRP 6  ? CZ2 ? B TRP 7  CZ2 
27 1 Y 1 B TRP 6  ? CZ3 ? B TRP 7  CZ3 
28 1 Y 1 B TRP 6  ? CH2 ? B TRP 7  CH2 
29 1 Y 1 B LYS 30 ? CG  ? B LYS 31 CG  
30 1 Y 1 B LYS 30 ? CD  ? B LYS 31 CD  
31 1 Y 1 B LYS 30 ? CE  ? B LYS 31 CE  
32 1 Y 1 B LYS 30 ? NZ  ? B LYS 31 NZ  
33 1 Y 1 B GLU 37 ? CD  ? B GLU 38 CD  
34 1 Y 1 B GLU 37 ? OE1 ? B GLU 38 OE1 
35 1 Y 1 B GLU 37 ? OE2 ? B GLU 38 OE2 
# 
loop_
_pdbx_unobs_or_zero_occ_residues.id 
_pdbx_unobs_or_zero_occ_residues.PDB_model_num 
_pdbx_unobs_or_zero_occ_residues.polymer_flag 
_pdbx_unobs_or_zero_occ_residues.occupancy_flag 
_pdbx_unobs_or_zero_occ_residues.auth_asym_id 
_pdbx_unobs_or_zero_occ_residues.auth_comp_id 
_pdbx_unobs_or_zero_occ_residues.auth_seq_id 
_pdbx_unobs_or_zero_occ_residues.PDB_ins_code 
_pdbx_unobs_or_zero_occ_residues.label_asym_id 
_pdbx_unobs_or_zero_occ_residues.label_comp_id 
_pdbx_unobs_or_zero_occ_residues.label_seq_id 
1 1 Y 1 A ALA 33 ? A ALA 34 
2 1 Y 1 A ARG 34 ? A ARG 35 
3 1 Y 1 A ILE 35 ? A ILE 36 
4 1 Y 1 A LEU 36 ? A LEU 37 
5 1 Y 1 A NH2 37 ? A NH2 38 
6 1 Y 1 B ACE 0  ? B ACE 1  
7 1 Y 1 B B3T 1  ? B B3T 2  
8 1 Y 1 B THR 2  ? B THR 3  
9 1 Y 1 B NH2 39 ? B NH2 40 
# 
loop_
_chem_comp_atom.comp_id 
_chem_comp_atom.atom_id 
_chem_comp_atom.type_symbol 
_chem_comp_atom.pdbx_aromatic_flag 
_chem_comp_atom.pdbx_stereo_config 
_chem_comp_atom.pdbx_ordinal 
ACE C    C N N 1   
ACE O    O N N 2   
ACE CH3  C N N 3   
ACE H    H N N 4   
ACE H1   H N N 5   
ACE H2   H N N 6   
ACE H3   H N N 7   
ALA N    N N N 8   
ALA CA   C N S 9   
ALA C    C N N 10  
ALA O    O N N 11  
ALA CB   C N N 12  
ALA OXT  O N N 13  
ALA H    H N N 14  
ALA H2   H N N 15  
ALA HA   H N N 16  
ALA HB1  H N N 17  
ALA HB2  H N N 18  
ALA HB3  H N N 19  
ALA HXT  H N N 20  
ARG N    N N N 21  
ARG CA   C N S 22  
ARG C    C N N 23  
ARG O    O N N 24  
ARG CB   C N N 25  
ARG CG   C N N 26  
ARG CD   C N N 27  
ARG NE   N N N 28  
ARG CZ   C N N 29  
ARG NH1  N N N 30  
ARG NH2  N N N 31  
ARG OXT  O N N 32  
ARG H    H N N 33  
ARG H2   H N N 34  
ARG HA   H N N 35  
ARG HB2  H N N 36  
ARG HB3  H N N 37  
ARG HG2  H N N 38  
ARG HG3  H N N 39  
ARG HD2  H N N 40  
ARG HD3  H N N 41  
ARG HE   H N N 42  
ARG HH11 H N N 43  
ARG HH12 H N N 44  
ARG HH21 H N N 45  
ARG HH22 H N N 46  
ARG HXT  H N N 47  
ASN N    N N N 48  
ASN CA   C N S 49  
ASN C    C N N 50  
ASN O    O N N 51  
ASN CB   C N N 52  
ASN CG   C N N 53  
ASN OD1  O N N 54  
ASN ND2  N N N 55  
ASN OXT  O N N 56  
ASN H    H N N 57  
ASN H2   H N N 58  
ASN HA   H N N 59  
ASN HB2  H N N 60  
ASN HB3  H N N 61  
ASN HD21 H N N 62  
ASN HD22 H N N 63  
ASN HXT  H N N 64  
ASP N    N N N 65  
ASP CA   C N S 66  
ASP C    C N N 67  
ASP O    O N N 68  
ASP CB   C N N 69  
ASP CG   C N N 70  
ASP OD1  O N N 71  
ASP OD2  O N N 72  
ASP OXT  O N N 73  
ASP H    H N N 74  
ASP H2   H N N 75  
ASP HA   H N N 76  
ASP HB2  H N N 77  
ASP HB3  H N N 78  
ASP HD2  H N N 79  
ASP HXT  H N N 80  
B3E N    N N N 81  
B3E CA   C N S 82  
B3E CG   C N N 83  
B3E CD   C N N 84  
B3E CE   C N N 85  
B3E OF2  O N N 86  
B3E OF1  O N N 87  
B3E CB   C N N 88  
B3E C    C N N 89  
B3E O    O N N 90  
B3E OXT  O N N 91  
B3E H    H N N 92  
B3E H2   H N N 93  
B3E HA   H N N 94  
B3E HG2  H N N 95  
B3E HG3  H N N 96  
B3E HD2  H N N 97  
B3E HD3  H N N 98  
B3E HOF1 H N N 99  
B3E HB1  H N N 100 
B3E HB2  H N N 101 
B3E HXT  H N N 102 
B3T CG   C N R 103 
B3T OD1  O N N 104 
B3T CD2  C N N 105 
B3T CA   C N R 106 
B3T N    N N N 107 
B3T CB   C N N 108 
B3T C    C N N 109 
B3T O    O N N 110 
B3T HG   H N N 111 
B3T HOD1 H N N 112 
B3T H1D2 H N N 113 
B3T H2D2 H N N 114 
B3T H3D2 H N N 115 
B3T HA   H N N 116 
B3T H    H N N 117 
B3T HB1  H N N 118 
B3T HB2  H N N 119 
B3T H2   H N N 120 
B3T OXT  O N N 121 
B3T HXT  H N N 122 
GLN N    N N N 123 
GLN CA   C N S 124 
GLN C    C N N 125 
GLN O    O N N 126 
GLN CB   C N N 127 
GLN CG   C N N 128 
GLN CD   C N N 129 
GLN OE1  O N N 130 
GLN NE2  N N N 131 
GLN OXT  O N N 132 
GLN H    H N N 133 
GLN H2   H N N 134 
GLN HA   H N N 135 
GLN HB2  H N N 136 
GLN HB3  H N N 137 
GLN HG2  H N N 138 
GLN HG3  H N N 139 
GLN HE21 H N N 140 
GLN HE22 H N N 141 
GLN HXT  H N N 142 
GLU N    N N N 143 
GLU CA   C N S 144 
GLU C    C N N 145 
GLU O    O N N 146 
GLU CB   C N N 147 
GLU CG   C N N 148 
GLU CD   C N N 149 
GLU OE1  O N N 150 
GLU OE2  O N N 151 
GLU OXT  O N N 152 
GLU H    H N N 153 
GLU H2   H N N 154 
GLU HA   H N N 155 
GLU HB2  H N N 156 
GLU HB3  H N N 157 
GLU HG2  H N N 158 
GLU HG3  H N N 159 
GLU HE2  H N N 160 
GLU HXT  H N N 161 
GLY N    N N N 162 
GLY CA   C N N 163 
GLY C    C N N 164 
GLY O    O N N 165 
GLY OXT  O N N 166 
GLY H    H N N 167 
GLY H2   H N N 168 
GLY HA2  H N N 169 
GLY HA3  H N N 170 
GLY HXT  H N N 171 
GOL C1   C N N 172 
GOL O1   O N N 173 
GOL C2   C N N 174 
GOL O2   O N N 175 
GOL C3   C N N 176 
GOL O3   O N N 177 
GOL H11  H N N 178 
GOL H12  H N N 179 
GOL HO1  H N N 180 
GOL H2   H N N 181 
GOL HO2  H N N 182 
GOL H31  H N N 183 
GOL H32  H N N 184 
GOL HO3  H N N 185 
HIS N    N N N 186 
HIS CA   C N S 187 
HIS C    C N N 188 
HIS O    O N N 189 
HIS CB   C N N 190 
HIS CG   C Y N 191 
HIS ND1  N Y N 192 
HIS CD2  C Y N 193 
HIS CE1  C Y N 194 
HIS NE2  N Y N 195 
HIS OXT  O N N 196 
HIS H    H N N 197 
HIS H2   H N N 198 
HIS HA   H N N 199 
HIS HB2  H N N 200 
HIS HB3  H N N 201 
HIS HD1  H N N 202 
HIS HD2  H N N 203 
HIS HE1  H N N 204 
HIS HE2  H N N 205 
HIS HXT  H N N 206 
HOH O    O N N 207 
HOH H1   H N N 208 
HOH H2   H N N 209 
ILE N    N N N 210 
ILE CA   C N S 211 
ILE C    C N N 212 
ILE O    O N N 213 
ILE CB   C N S 214 
ILE CG1  C N N 215 
ILE CG2  C N N 216 
ILE CD1  C N N 217 
ILE OXT  O N N 218 
ILE H    H N N 219 
ILE H2   H N N 220 
ILE HA   H N N 221 
ILE HB   H N N 222 
ILE HG12 H N N 223 
ILE HG13 H N N 224 
ILE HG21 H N N 225 
ILE HG22 H N N 226 
ILE HG23 H N N 227 
ILE HD11 H N N 228 
ILE HD12 H N N 229 
ILE HD13 H N N 230 
ILE HXT  H N N 231 
LEU N    N N N 232 
LEU CA   C N S 233 
LEU C    C N N 234 
LEU O    O N N 235 
LEU CB   C N N 236 
LEU CG   C N N 237 
LEU CD1  C N N 238 
LEU CD2  C N N 239 
LEU OXT  O N N 240 
LEU H    H N N 241 
LEU H2   H N N 242 
LEU HA   H N N 243 
LEU HB2  H N N 244 
LEU HB3  H N N 245 
LEU HG   H N N 246 
LEU HD11 H N N 247 
LEU HD12 H N N 248 
LEU HD13 H N N 249 
LEU HD21 H N N 250 
LEU HD22 H N N 251 
LEU HD23 H N N 252 
LEU HXT  H N N 253 
LYS N    N N N 254 
LYS CA   C N S 255 
LYS C    C N N 256 
LYS O    O N N 257 
LYS CB   C N N 258 
LYS CG   C N N 259 
LYS CD   C N N 260 
LYS CE   C N N 261 
LYS NZ   N N N 262 
LYS OXT  O N N 263 
LYS H    H N N 264 
LYS H2   H N N 265 
LYS HA   H N N 266 
LYS HB2  H N N 267 
LYS HB3  H N N 268 
LYS HG2  H N N 269 
LYS HG3  H N N 270 
LYS HD2  H N N 271 
LYS HD3  H N N 272 
LYS HE2  H N N 273 
LYS HE3  H N N 274 
LYS HZ1  H N N 275 
LYS HZ2  H N N 276 
LYS HZ3  H N N 277 
LYS HXT  H N N 278 
NH2 N    N N N 279 
NH2 HN1  H N N 280 
NH2 HN2  H N N 281 
SER N    N N N 282 
SER CA   C N S 283 
SER C    C N N 284 
SER O    O N N 285 
SER CB   C N N 286 
SER OG   O N N 287 
SER OXT  O N N 288 
SER H    H N N 289 
SER H2   H N N 290 
SER HA   H N N 291 
SER HB2  H N N 292 
SER HB3  H N N 293 
SER HG   H N N 294 
SER HXT  H N N 295 
THR N    N N N 296 
THR CA   C N S 297 
THR C    C N N 298 
THR O    O N N 299 
THR CB   C N R 300 
THR OG1  O N N 301 
THR CG2  C N N 302 
THR OXT  O N N 303 
THR H    H N N 304 
THR H2   H N N 305 
THR HA   H N N 306 
THR HB   H N N 307 
THR HG1  H N N 308 
THR HG21 H N N 309 
THR HG22 H N N 310 
THR HG23 H N N 311 
THR HXT  H N N 312 
TRP N    N N N 313 
TRP CA   C N S 314 
TRP C    C N N 315 
TRP O    O N N 316 
TRP CB   C N N 317 
TRP CG   C Y N 318 
TRP CD1  C Y N 319 
TRP CD2  C Y N 320 
TRP NE1  N Y N 321 
TRP CE2  C Y N 322 
TRP CE3  C Y N 323 
TRP CZ2  C Y N 324 
TRP CZ3  C Y N 325 
TRP CH2  C Y N 326 
TRP OXT  O N N 327 
TRP H    H N N 328 
TRP H2   H N N 329 
TRP HA   H N N 330 
TRP HB2  H N N 331 
TRP HB3  H N N 332 
TRP HD1  H N N 333 
TRP HE1  H N N 334 
TRP HE3  H N N 335 
TRP HZ2  H N N 336 
TRP HZ3  H N N 337 
TRP HH2  H N N 338 
TRP HXT  H N N 339 
TYR N    N N N 340 
TYR CA   C N S 341 
TYR C    C N N 342 
TYR O    O N N 343 
TYR CB   C N N 344 
TYR CG   C Y N 345 
TYR CD1  C Y N 346 
TYR CD2  C Y N 347 
TYR CE1  C Y N 348 
TYR CE2  C Y N 349 
TYR CZ   C Y N 350 
TYR OH   O N N 351 
TYR OXT  O N N 352 
TYR H    H N N 353 
TYR H2   H N N 354 
TYR HA   H N N 355 
TYR HB2  H N N 356 
TYR HB3  H N N 357 
TYR HD1  H N N 358 
TYR HD2  H N N 359 
TYR HE1  H N N 360 
TYR HE2  H N N 361 
TYR HH   H N N 362 
TYR HXT  H N N 363 
VAL N    N N N 364 
VAL CA   C N S 365 
VAL C    C N N 366 
VAL O    O N N 367 
VAL CB   C N N 368 
VAL CG1  C N N 369 
VAL CG2  C N N 370 
VAL OXT  O N N 371 
VAL H    H N N 372 
VAL H2   H N N 373 
VAL HA   H N N 374 
VAL HB   H N N 375 
VAL HG11 H N N 376 
VAL HG12 H N N 377 
VAL HG13 H N N 378 
VAL HG21 H N N 379 
VAL HG22 H N N 380 
VAL HG23 H N N 381 
VAL HXT  H N N 382 
XCP N    N N N 383 
XCP CB   C N S 384 
XCP CG   C N N 385 
XCP CD   C N N 386 
XCP CE   C N N 387 
XCP CA   C N S 388 
XCP C    C N N 389 
XCP O    O N N 390 
XCP H    H N N 391 
XCP HB   H N N 392 
XCP HG   H N N 393 
XCP HGA  H N N 394 
XCP HD   H N N 395 
XCP HDA  H N N 396 
XCP HE   H N N 397 
XCP HEA  H N N 398 
XCP HA   H N N 399 
XCP H2   H N N 400 
XCP OXT  O N N 401 
XCP HXT  H N N 402 
XPC N    N N N 403 
XPC CB   C N R 404 
XPC CG   C N N 405 
XPC ND   N N N 406 
XPC CE   C N N 407 
XPC CA   C N S 408 
XPC C    C N N 409 
XPC O    O N N 410 
XPC H    H N N 411 
XPC HB   H N N 412 
XPC HG   H N N 413 
XPC HGA  H N N 414 
XPC HND  H N N 415 
XPC HE   H N N 416 
XPC HEA  H N N 417 
XPC HA   H N N 418 
XPC H2   H N N 419 
XPC OXT  O N N 420 
XPC HXT  H N N 421 
# 
loop_
_chem_comp_bond.comp_id 
_chem_comp_bond.atom_id_1 
_chem_comp_bond.atom_id_2 
_chem_comp_bond.value_order 
_chem_comp_bond.pdbx_aromatic_flag 
_chem_comp_bond.pdbx_stereo_config 
_chem_comp_bond.pdbx_ordinal 
ACE C    O    doub N N 1   
ACE C    CH3  sing N N 2   
ACE C    H    sing N N 3   
ACE CH3  H1   sing N N 4   
ACE CH3  H2   sing N N 5   
ACE CH3  H3   sing N N 6   
ALA N    CA   sing N N 7   
ALA N    H    sing N N 8   
ALA N    H2   sing N N 9   
ALA CA   C    sing N N 10  
ALA CA   CB   sing N N 11  
ALA CA   HA   sing N N 12  
ALA C    O    doub N N 13  
ALA C    OXT  sing N N 14  
ALA CB   HB1  sing N N 15  
ALA CB   HB2  sing N N 16  
ALA CB   HB3  sing N N 17  
ALA OXT  HXT  sing N N 18  
ARG N    CA   sing N N 19  
ARG N    H    sing N N 20  
ARG N    H2   sing N N 21  
ARG CA   C    sing N N 22  
ARG CA   CB   sing N N 23  
ARG CA   HA   sing N N 24  
ARG C    O    doub N N 25  
ARG C    OXT  sing N N 26  
ARG CB   CG   sing N N 27  
ARG CB   HB2  sing N N 28  
ARG CB   HB3  sing N N 29  
ARG CG   CD   sing N N 30  
ARG CG   HG2  sing N N 31  
ARG CG   HG3  sing N N 32  
ARG CD   NE   sing N N 33  
ARG CD   HD2  sing N N 34  
ARG CD   HD3  sing N N 35  
ARG NE   CZ   sing N N 36  
ARG NE   HE   sing N N 37  
ARG CZ   NH1  sing N N 38  
ARG CZ   NH2  doub N N 39  
ARG NH1  HH11 sing N N 40  
ARG NH1  HH12 sing N N 41  
ARG NH2  HH21 sing N N 42  
ARG NH2  HH22 sing N N 43  
ARG OXT  HXT  sing N N 44  
ASN N    CA   sing N N 45  
ASN N    H    sing N N 46  
ASN N    H2   sing N N 47  
ASN CA   C    sing N N 48  
ASN CA   CB   sing N N 49  
ASN CA   HA   sing N N 50  
ASN C    O    doub N N 51  
ASN C    OXT  sing N N 52  
ASN CB   CG   sing N N 53  
ASN CB   HB2  sing N N 54  
ASN CB   HB3  sing N N 55  
ASN CG   OD1  doub N N 56  
ASN CG   ND2  sing N N 57  
ASN ND2  HD21 sing N N 58  
ASN ND2  HD22 sing N N 59  
ASN OXT  HXT  sing N N 60  
ASP N    CA   sing N N 61  
ASP N    H    sing N N 62  
ASP N    H2   sing N N 63  
ASP CA   C    sing N N 64  
ASP CA   CB   sing N N 65  
ASP CA   HA   sing N N 66  
ASP C    O    doub N N 67  
ASP C    OXT  sing N N 68  
ASP CB   CG   sing N N 69  
ASP CB   HB2  sing N N 70  
ASP CB   HB3  sing N N 71  
ASP CG   OD1  doub N N 72  
ASP CG   OD2  sing N N 73  
ASP OD2  HD2  sing N N 74  
ASP OXT  HXT  sing N N 75  
B3E N    CA   sing N N 76  
B3E N    H    sing N N 77  
B3E N    H2   sing N N 78  
B3E CA   CG   sing N N 79  
B3E CA   CB   sing N N 80  
B3E CA   HA   sing N N 81  
B3E CG   CD   sing N N 82  
B3E CG   HG2  sing N N 83  
B3E CG   HG3  sing N N 84  
B3E CD   CE   sing N N 85  
B3E CD   HD2  sing N N 86  
B3E CD   HD3  sing N N 87  
B3E CE   OF2  doub N N 88  
B3E CE   OF1  sing N N 89  
B3E OF1  HOF1 sing N N 90  
B3E CB   C    sing N N 91  
B3E CB   HB1  sing N N 92  
B3E CB   HB2  sing N N 93  
B3E C    OXT  sing N N 94  
B3E C    O    doub N N 95  
B3E OXT  HXT  sing N N 96  
B3T CG   CD2  sing N N 97  
B3T OD1  CG   sing N N 98  
B3T CD2  H1D2 sing N N 99  
B3T CD2  H2D2 sing N N 100 
B3T CD2  H3D2 sing N N 101 
B3T CA   CG   sing N N 102 
B3T CA   N    sing N N 103 
B3T N    H2   sing N N 104 
B3T CB   CA   sing N N 105 
B3T CB   HB1  sing N N 106 
B3T CB   HB2  sing N N 107 
B3T C    CB   sing N N 108 
B3T C    OXT  sing N N 109 
B3T O    C    doub N N 110 
B3T HG   CG   sing N N 111 
B3T HOD1 OD1  sing N N 112 
B3T HA   CA   sing N N 113 
B3T H    N    sing N N 114 
B3T OXT  HXT  sing N N 115 
GLN N    CA   sing N N 116 
GLN N    H    sing N N 117 
GLN N    H2   sing N N 118 
GLN CA   C    sing N N 119 
GLN CA   CB   sing N N 120 
GLN CA   HA   sing N N 121 
GLN C    O    doub N N 122 
GLN C    OXT  sing N N 123 
GLN CB   CG   sing N N 124 
GLN CB   HB2  sing N N 125 
GLN CB   HB3  sing N N 126 
GLN CG   CD   sing N N 127 
GLN CG   HG2  sing N N 128 
GLN CG   HG3  sing N N 129 
GLN CD   OE1  doub N N 130 
GLN CD   NE2  sing N N 131 
GLN NE2  HE21 sing N N 132 
GLN NE2  HE22 sing N N 133 
GLN OXT  HXT  sing N N 134 
GLU N    CA   sing N N 135 
GLU N    H    sing N N 136 
GLU N    H2   sing N N 137 
GLU CA   C    sing N N 138 
GLU CA   CB   sing N N 139 
GLU CA   HA   sing N N 140 
GLU C    O    doub N N 141 
GLU C    OXT  sing N N 142 
GLU CB   CG   sing N N 143 
GLU CB   HB2  sing N N 144 
GLU CB   HB3  sing N N 145 
GLU CG   CD   sing N N 146 
GLU CG   HG2  sing N N 147 
GLU CG   HG3  sing N N 148 
GLU CD   OE1  doub N N 149 
GLU CD   OE2  sing N N 150 
GLU OE2  HE2  sing N N 151 
GLU OXT  HXT  sing N N 152 
GLY N    CA   sing N N 153 
GLY N    H    sing N N 154 
GLY N    H2   sing N N 155 
GLY CA   C    sing N N 156 
GLY CA   HA2  sing N N 157 
GLY CA   HA3  sing N N 158 
GLY C    O    doub N N 159 
GLY C    OXT  sing N N 160 
GLY OXT  HXT  sing N N 161 
GOL C1   O1   sing N N 162 
GOL C1   C2   sing N N 163 
GOL C1   H11  sing N N 164 
GOL C1   H12  sing N N 165 
GOL O1   HO1  sing N N 166 
GOL C2   O2   sing N N 167 
GOL C2   C3   sing N N 168 
GOL C2   H2   sing N N 169 
GOL O2   HO2  sing N N 170 
GOL C3   O3   sing N N 171 
GOL C3   H31  sing N N 172 
GOL C3   H32  sing N N 173 
GOL O3   HO3  sing N N 174 
HIS N    CA   sing N N 175 
HIS N    H    sing N N 176 
HIS N    H2   sing N N 177 
HIS CA   C    sing N N 178 
HIS CA   CB   sing N N 179 
HIS CA   HA   sing N N 180 
HIS C    O    doub N N 181 
HIS C    OXT  sing N N 182 
HIS CB   CG   sing N N 183 
HIS CB   HB2  sing N N 184 
HIS CB   HB3  sing N N 185 
HIS CG   ND1  sing Y N 186 
HIS CG   CD2  doub Y N 187 
HIS ND1  CE1  doub Y N 188 
HIS ND1  HD1  sing N N 189 
HIS CD2  NE2  sing Y N 190 
HIS CD2  HD2  sing N N 191 
HIS CE1  NE2  sing Y N 192 
HIS CE1  HE1  sing N N 193 
HIS NE2  HE2  sing N N 194 
HIS OXT  HXT  sing N N 195 
HOH O    H1   sing N N 196 
HOH O    H2   sing N N 197 
ILE N    CA   sing N N 198 
ILE N    H    sing N N 199 
ILE N    H2   sing N N 200 
ILE CA   C    sing N N 201 
ILE CA   CB   sing N N 202 
ILE CA   HA   sing N N 203 
ILE C    O    doub N N 204 
ILE C    OXT  sing N N 205 
ILE CB   CG1  sing N N 206 
ILE CB   CG2  sing N N 207 
ILE CB   HB   sing N N 208 
ILE CG1  CD1  sing N N 209 
ILE CG1  HG12 sing N N 210 
ILE CG1  HG13 sing N N 211 
ILE CG2  HG21 sing N N 212 
ILE CG2  HG22 sing N N 213 
ILE CG2  HG23 sing N N 214 
ILE CD1  HD11 sing N N 215 
ILE CD1  HD12 sing N N 216 
ILE CD1  HD13 sing N N 217 
ILE OXT  HXT  sing N N 218 
LEU N    CA   sing N N 219 
LEU N    H    sing N N 220 
LEU N    H2   sing N N 221 
LEU CA   C    sing N N 222 
LEU CA   CB   sing N N 223 
LEU CA   HA   sing N N 224 
LEU C    O    doub N N 225 
LEU C    OXT  sing N N 226 
LEU CB   CG   sing N N 227 
LEU CB   HB2  sing N N 228 
LEU CB   HB3  sing N N 229 
LEU CG   CD1  sing N N 230 
LEU CG   CD2  sing N N 231 
LEU CG   HG   sing N N 232 
LEU CD1  HD11 sing N N 233 
LEU CD1  HD12 sing N N 234 
LEU CD1  HD13 sing N N 235 
LEU CD2  HD21 sing N N 236 
LEU CD2  HD22 sing N N 237 
LEU CD2  HD23 sing N N 238 
LEU OXT  HXT  sing N N 239 
LYS N    CA   sing N N 240 
LYS N    H    sing N N 241 
LYS N    H2   sing N N 242 
LYS CA   C    sing N N 243 
LYS CA   CB   sing N N 244 
LYS CA   HA   sing N N 245 
LYS C    O    doub N N 246 
LYS C    OXT  sing N N 247 
LYS CB   CG   sing N N 248 
LYS CB   HB2  sing N N 249 
LYS CB   HB3  sing N N 250 
LYS CG   CD   sing N N 251 
LYS CG   HG2  sing N N 252 
LYS CG   HG3  sing N N 253 
LYS CD   CE   sing N N 254 
LYS CD   HD2  sing N N 255 
LYS CD   HD3  sing N N 256 
LYS CE   NZ   sing N N 257 
LYS CE   HE2  sing N N 258 
LYS CE   HE3  sing N N 259 
LYS NZ   HZ1  sing N N 260 
LYS NZ   HZ2  sing N N 261 
LYS NZ   HZ3  sing N N 262 
LYS OXT  HXT  sing N N 263 
NH2 N    HN1  sing N N 264 
NH2 N    HN2  sing N N 265 
SER N    CA   sing N N 266 
SER N    H    sing N N 267 
SER N    H2   sing N N 268 
SER CA   C    sing N N 269 
SER CA   CB   sing N N 270 
SER CA   HA   sing N N 271 
SER C    O    doub N N 272 
SER C    OXT  sing N N 273 
SER CB   OG   sing N N 274 
SER CB   HB2  sing N N 275 
SER CB   HB3  sing N N 276 
SER OG   HG   sing N N 277 
SER OXT  HXT  sing N N 278 
THR N    CA   sing N N 279 
THR N    H    sing N N 280 
THR N    H2   sing N N 281 
THR CA   C    sing N N 282 
THR CA   CB   sing N N 283 
THR CA   HA   sing N N 284 
THR C    O    doub N N 285 
THR C    OXT  sing N N 286 
THR CB   OG1  sing N N 287 
THR CB   CG2  sing N N 288 
THR CB   HB   sing N N 289 
THR OG1  HG1  sing N N 290 
THR CG2  HG21 sing N N 291 
THR CG2  HG22 sing N N 292 
THR CG2  HG23 sing N N 293 
THR OXT  HXT  sing N N 294 
TRP N    CA   sing N N 295 
TRP N    H    sing N N 296 
TRP N    H2   sing N N 297 
TRP CA   C    sing N N 298 
TRP CA   CB   sing N N 299 
TRP CA   HA   sing N N 300 
TRP C    O    doub N N 301 
TRP C    OXT  sing N N 302 
TRP CB   CG   sing N N 303 
TRP CB   HB2  sing N N 304 
TRP CB   HB3  sing N N 305 
TRP CG   CD1  doub Y N 306 
TRP CG   CD2  sing Y N 307 
TRP CD1  NE1  sing Y N 308 
TRP CD1  HD1  sing N N 309 
TRP CD2  CE2  doub Y N 310 
TRP CD2  CE3  sing Y N 311 
TRP NE1  CE2  sing Y N 312 
TRP NE1  HE1  sing N N 313 
TRP CE2  CZ2  sing Y N 314 
TRP CE3  CZ3  doub Y N 315 
TRP CE3  HE3  sing N N 316 
TRP CZ2  CH2  doub Y N 317 
TRP CZ2  HZ2  sing N N 318 
TRP CZ3  CH2  sing Y N 319 
TRP CZ3  HZ3  sing N N 320 
TRP CH2  HH2  sing N N 321 
TRP OXT  HXT  sing N N 322 
TYR N    CA   sing N N 323 
TYR N    H    sing N N 324 
TYR N    H2   sing N N 325 
TYR CA   C    sing N N 326 
TYR CA   CB   sing N N 327 
TYR CA   HA   sing N N 328 
TYR C    O    doub N N 329 
TYR C    OXT  sing N N 330 
TYR CB   CG   sing N N 331 
TYR CB   HB2  sing N N 332 
TYR CB   HB3  sing N N 333 
TYR CG   CD1  doub Y N 334 
TYR CG   CD2  sing Y N 335 
TYR CD1  CE1  sing Y N 336 
TYR CD1  HD1  sing N N 337 
TYR CD2  CE2  doub Y N 338 
TYR CD2  HD2  sing N N 339 
TYR CE1  CZ   doub Y N 340 
TYR CE1  HE1  sing N N 341 
TYR CE2  CZ   sing Y N 342 
TYR CE2  HE2  sing N N 343 
TYR CZ   OH   sing N N 344 
TYR OH   HH   sing N N 345 
TYR OXT  HXT  sing N N 346 
VAL N    CA   sing N N 347 
VAL N    H    sing N N 348 
VAL N    H2   sing N N 349 
VAL CA   C    sing N N 350 
VAL CA   CB   sing N N 351 
VAL CA   HA   sing N N 352 
VAL C    O    doub N N 353 
VAL C    OXT  sing N N 354 
VAL CB   CG1  sing N N 355 
VAL CB   CG2  sing N N 356 
VAL CB   HB   sing N N 357 
VAL CG1  HG11 sing N N 358 
VAL CG1  HG12 sing N N 359 
VAL CG1  HG13 sing N N 360 
VAL CG2  HG21 sing N N 361 
VAL CG2  HG22 sing N N 362 
VAL CG2  HG23 sing N N 363 
VAL OXT  HXT  sing N N 364 
XCP N    H    sing N N 365 
XCP N    H2   sing N N 366 
XCP CB   N    sing N N 367 
XCP CB   CG   sing N N 368 
XCP CG   HGA  sing N N 369 
XCP CD   CG   sing N N 370 
XCP CD   HD   sing N N 371 
XCP CE   CD   sing N N 372 
XCP CE   CA   sing N N 373 
XCP CE   HE   sing N N 374 
XCP CA   CB   sing N N 375 
XCP CA   HA   sing N N 376 
XCP C    CA   sing N N 377 
XCP C    OXT  sing N N 378 
XCP O    C    doub N N 379 
XCP HB   CB   sing N N 380 
XCP HG   CG   sing N N 381 
XCP HDA  CD   sing N N 382 
XCP HEA  CE   sing N N 383 
XCP OXT  HXT  sing N N 384 
XPC N    H    sing N N 385 
XPC N    H2   sing N N 386 
XPC CB   N    sing N N 387 
XPC CB   CG   sing N N 388 
XPC CG   HGA  sing N N 389 
XPC ND   CG   sing N N 390 
XPC ND   HND  sing N N 391 
XPC CE   ND   sing N N 392 
XPC CE   HE   sing N N 393 
XPC CE   CA   sing N N 394 
XPC CA   CB   sing N N 395 
XPC CA   HA   sing N N 396 
XPC C    CA   sing N N 397 
XPC C    OXT  sing N N 398 
XPC O    C    doub N N 399 
XPC HB   CB   sing N N 400 
XPC HG   CG   sing N N 401 
XPC HEA  CE   sing N N 402 
XPC OXT  HXT  sing N N 403 
# 
loop_
_pdbx_entity_nonpoly.entity_id 
_pdbx_entity_nonpoly.name 
_pdbx_entity_nonpoly.comp_id 
3 GLYCEROL GOL 
4 water    HOH 
# 
_pdbx_initial_refinement_model.id               1 
_pdbx_initial_refinement_model.entity_id_list   ? 
_pdbx_initial_refinement_model.type             'experimental model' 
_pdbx_initial_refinement_model.source_name      PDB 
_pdbx_initial_refinement_model.accession_code   3F50 
_pdbx_initial_refinement_model.details          'PDB entry 3F50' 
# 
